data_3ZMI
# 
_entry.id   3ZMI 
# 
_audit_conform.dict_name       mmcif_pdbx.dic 
_audit_conform.dict_version    5.398 
_audit_conform.dict_location   http://mmcif.pdb.org/dictionaries/ascii/mmcif_pdbx.dic 
# 
loop_
_database_2.database_id 
_database_2.database_code 
_database_2.pdbx_database_accession 
_database_2.pdbx_DOI 
PDB   3ZMI         pdb_00003zmi 10.2210/pdb3zmi/pdb 
PDBE  EBI-55775    ?            ?                   
WWPDB D_1290055775 ?            ?                   
# 
loop_
_pdbx_audit_revision_history.ordinal 
_pdbx_audit_revision_history.data_content_type 
_pdbx_audit_revision_history.major_revision 
_pdbx_audit_revision_history.minor_revision 
_pdbx_audit_revision_history.revision_date 
1 'Structure model' 1 0 2013-05-22 
2 'Structure model' 1 1 2013-05-29 
3 'Structure model' 1 2 2013-08-28 
4 'Structure model' 1 3 2019-02-27 
5 'Structure model' 1 4 2020-07-29 
6 'Structure model' 1 5 2023-12-20 
7 'Structure model' 1 6 2024-11-06 
# 
loop_
_pdbx_audit_revision_details.ordinal 
_pdbx_audit_revision_details.revision_ordinal 
_pdbx_audit_revision_details.data_content_type 
_pdbx_audit_revision_details.provider 
_pdbx_audit_revision_details.type 
_pdbx_audit_revision_details.description 
_pdbx_audit_revision_details.details 
1 1 'Structure model' repository 'Initial release' ?                          ? 
2 5 'Structure model' repository Remediation       'Carbohydrate remediation' ? 
# 
loop_
_pdbx_audit_revision_group.ordinal 
_pdbx_audit_revision_group.revision_ordinal 
_pdbx_audit_revision_group.data_content_type 
_pdbx_audit_revision_group.group 
1  2 'Structure model' 'Database references'      
2  3 'Structure model' 'Database references'      
3  4 'Structure model' 'Data collection'          
4  4 'Structure model' 'Database references'      
5  4 'Structure model' 'Derived calculations'     
6  4 'Structure model' 'Experimental preparation' 
7  4 'Structure model' Other                      
8  5 'Structure model' 'Data collection'          
9  5 'Structure model' 'Derived calculations'     
10 5 'Structure model' Other                      
11 5 'Structure model' 'Structure summary'        
12 6 'Structure model' 'Data collection'          
13 6 'Structure model' 'Database references'      
14 6 'Structure model' 'Refinement description'   
15 6 'Structure model' 'Structure summary'        
16 7 'Structure model' 'Structure summary'        
# 
loop_
_pdbx_audit_revision_category.ordinal 
_pdbx_audit_revision_category.revision_ordinal 
_pdbx_audit_revision_category.data_content_type 
_pdbx_audit_revision_category.category 
1  4 'Structure model' citation                      
2  4 'Structure model' exptl_crystal_grow            
3  4 'Structure model' pdbx_database_proc            
4  4 'Structure model' pdbx_database_status          
5  4 'Structure model' struct_biol                   
6  4 'Structure model' struct_conn                   
7  5 'Structure model' chem_comp                     
8  5 'Structure model' entity                        
9  5 'Structure model' pdbx_chem_comp_identifier     
10 5 'Structure model' pdbx_database_status          
11 5 'Structure model' pdbx_entity_nonpoly           
12 5 'Structure model' struct_conn                   
13 5 'Structure model' struct_site                   
14 5 'Structure model' struct_site_gen               
15 6 'Structure model' chem_comp                     
16 6 'Structure model' chem_comp_atom                
17 6 'Structure model' chem_comp_bond                
18 6 'Structure model' database_2                    
19 6 'Structure model' pdbx_initial_refinement_model 
20 7 'Structure model' pdbx_entry_details            
21 7 'Structure model' pdbx_modification_feature     
# 
loop_
_pdbx_audit_revision_item.ordinal 
_pdbx_audit_revision_item.revision_ordinal 
_pdbx_audit_revision_item.data_content_type 
_pdbx_audit_revision_item.item 
1  4 'Structure model' '_citation.page_last'                          
2  4 'Structure model' '_exptl_crystal_grow.method'                   
3  4 'Structure model' '_exptl_crystal_grow.temp'                     
4  4 'Structure model' '_pdbx_database_status.recvd_author_approval'  
5  4 'Structure model' '_struct_conn.pdbx_leaving_atom_flag'          
6  5 'Structure model' '_chem_comp.mon_nstd_flag'                     
7  5 'Structure model' '_chem_comp.name'                              
8  5 'Structure model' '_chem_comp.type'                              
9  5 'Structure model' '_entity.pdbx_description'                     
10 5 'Structure model' '_pdbx_database_status.status_code_sf'         
11 5 'Structure model' '_pdbx_entity_nonpoly.name'                    
12 5 'Structure model' '_struct_conn.ptnr1_auth_comp_id'              
13 5 'Structure model' '_struct_conn.ptnr1_auth_seq_id'               
14 5 'Structure model' '_struct_conn.ptnr1_label_asym_id'             
15 5 'Structure model' '_struct_conn.ptnr1_label_atom_id'             
16 5 'Structure model' '_struct_conn.ptnr1_label_comp_id'             
17 5 'Structure model' '_struct_conn.ptnr1_label_seq_id'              
18 5 'Structure model' '_struct_conn.ptnr2_auth_comp_id'              
19 5 'Structure model' '_struct_conn.ptnr2_auth_seq_id'               
20 5 'Structure model' '_struct_conn.ptnr2_label_asym_id'             
21 5 'Structure model' '_struct_conn.ptnr2_label_atom_id'             
22 5 'Structure model' '_struct_conn.ptnr2_label_comp_id'             
23 5 'Structure model' '_struct_conn.ptnr2_label_seq_id'              
24 6 'Structure model' '_chem_comp.pdbx_synonyms'                     
25 6 'Structure model' '_database_2.pdbx_DOI'                         
26 6 'Structure model' '_database_2.pdbx_database_accession'          
27 7 'Structure model' '_pdbx_entry_details.has_protein_modification' 
# 
_pdbx_database_status.status_code                     REL 
_pdbx_database_status.entry_id                        3ZMI 
_pdbx_database_status.deposit_site                    PDBE 
_pdbx_database_status.process_site                    PDBE 
_pdbx_database_status.SG_entry                        . 
_pdbx_database_status.recvd_initial_deposition_date   2013-02-11 
_pdbx_database_status.pdb_format_compatible           Y 
_pdbx_database_status.status_code_sf                  REL 
_pdbx_database_status.status_code_mr                  ? 
_pdbx_database_status.status_code_cs                  ? 
_pdbx_database_status.methods_development_category    ? 
_pdbx_database_status.status_code_nmr_data            ? 
# 
loop_
_pdbx_database_related.db_name 
_pdbx_database_related.db_id 
_pdbx_database_related.content_type 
_pdbx_database_related.details 
PDB 3ZMH unspecified 'STRUCTURE OF E.COLI RHOMBOID PROTEASE GLPG IN COMPLEX WITH MONOBACTAM L62'              
PDB 3ZMJ unspecified 'STRUCTURE OF E.COLI RHOMBOID PROTEASE GLPG IN COMPLEX WITH MONOBACTAM L61'              
PDB 3ZOT unspecified 'STRUCTURE OF E.COLI RHOMBOID PROTEASE GLPG IN COMPLEX WITH MONOBACTAM L29 (DATA SET 2)' 
# 
loop_
_audit_author.name 
_audit_author.pdbx_ordinal 
_audit_author.identifier_ORCID 
'Vinothkumar, K.R.' 1 ? 
'Pierrat, O.A.'     2 ? 
'Large, J.M.'       3 ? 
'Freeman, M.'       4 ? 
# 
_citation.id                        primary 
_citation.title                     
;Structure of Rhomboid Protease in Complex with Beta-Lactam Inhibitors Defines the S2' Cavity.
;
_citation.journal_abbrev            Structure 
_citation.journal_volume            21 
_citation.page_first                1051 
_citation.page_last                 1058 
_citation.year                      2013 
_citation.journal_id_ASTM           STRUE6 
_citation.country                   UK 
_citation.journal_id_ISSN           0969-2126 
_citation.journal_id_CSD            2005 
_citation.book_publisher            ? 
_citation.pdbx_database_id_PubMed   23665170 
_citation.pdbx_database_id_DOI      10.1016/J.STR.2013.03.013 
# 
loop_
_citation_author.citation_id 
_citation_author.name 
_citation_author.ordinal 
_citation_author.identifier_ORCID 
primary 'Vinothkumar, K.R.' 1 ? 
primary 'Pierrat, O.A.'     2 ? 
primary 'Large, J.M.'       3 ? 
primary 'Freeman, M.'       4 ? 
# 
loop_
_entity.id 
_entity.type 
_entity.src_method 
_entity.pdbx_description 
_entity.formula_weight 
_entity.pdbx_number_of_molecules 
_entity.pdbx_ec 
_entity.pdbx_mutation 
_entity.pdbx_fragment 
_entity.details 
1 polymer     man 'RHOMBOID PROTEASE GLPG'                                   20214.020 1  3.4.21.105 ? 
'CORE TM DOMAIN, RESIDUES 92-270' 
'THE BETA LACTAM RING IS OPENED BY THE NUCLEOPHILIC ATTACK OF S201 ON C2-O1 TO FORM A COVALENT BOND' 
2 non-polymer syn 'phenyl N-[(1R)-3-oxidanylidene-1-phenyl-propyl]carbamate' 269.295   1  ?          ? ? ? 
3 non-polymer man 'nonyl beta-D-glucopyranoside'                             306.395   6  ?          ? ? ? 
4 water       nat water                                                      18.015    30 ?          ? ? ? 
# 
_entity_name_com.entity_id   1 
_entity_name_com.name        'INTRAMEMBRANE SERINE PROTEASE' 
# 
_entity_poly.entity_id                      1 
_entity_poly.type                           'polypeptide(L)' 
_entity_poly.nstd_linkage                   no 
_entity_poly.nstd_monomer                   no 
_entity_poly.pdbx_seq_one_letter_code       
;RAGPVTWVMMIACVVVFIAMQILGDQEVMLWLAWPFDPTLKFEFWRYFTHALMHFSLMHILFNLLWWWYLGGAVEKRLGS
GKLIVITLISALLSGYVQQKFSGPWFGGLSGVVYALMGYVWLRGERDPQSGIYLQRGLIIFALIWIVAGWFDLFGMSMAN
GAHIAGLAVGLAMAFVDSL
;
_entity_poly.pdbx_seq_one_letter_code_can   
;RAGPVTWVMMIACVVVFIAMQILGDQEVMLWLAWPFDPTLKFEFWRYFTHALMHFSLMHILFNLLWWWYLGGAVEKRLGS
GKLIVITLISALLSGYVQQKFSGPWFGGLSGVVYALMGYVWLRGERDPQSGIYLQRGLIIFALIWIVAGWFDLFGMSMAN
GAHIAGLAVGLAMAFVDSL
;
_entity_poly.pdbx_strand_id                 A 
_entity_poly.pdbx_target_identifier         ? 
# 
loop_
_pdbx_entity_nonpoly.entity_id 
_pdbx_entity_nonpoly.name 
_pdbx_entity_nonpoly.comp_id 
2 'phenyl N-[(1R)-3-oxidanylidene-1-phenyl-propyl]carbamate' L6C 
3 'nonyl beta-D-glucopyranoside'                             BNG 
4 water                                                      HOH 
# 
loop_
_entity_poly_seq.entity_id 
_entity_poly_seq.num 
_entity_poly_seq.mon_id 
_entity_poly_seq.hetero 
1 1   ARG n 
1 2   ALA n 
1 3   GLY n 
1 4   PRO n 
1 5   VAL n 
1 6   THR n 
1 7   TRP n 
1 8   VAL n 
1 9   MET n 
1 10  MET n 
1 11  ILE n 
1 12  ALA n 
1 13  CYS n 
1 14  VAL n 
1 15  VAL n 
1 16  VAL n 
1 17  PHE n 
1 18  ILE n 
1 19  ALA n 
1 20  MET n 
1 21  GLN n 
1 22  ILE n 
1 23  LEU n 
1 24  GLY n 
1 25  ASP n 
1 26  GLN n 
1 27  GLU n 
1 28  VAL n 
1 29  MET n 
1 30  LEU n 
1 31  TRP n 
1 32  LEU n 
1 33  ALA n 
1 34  TRP n 
1 35  PRO n 
1 36  PHE n 
1 37  ASP n 
1 38  PRO n 
1 39  THR n 
1 40  LEU n 
1 41  LYS n 
1 42  PHE n 
1 43  GLU n 
1 44  PHE n 
1 45  TRP n 
1 46  ARG n 
1 47  TYR n 
1 48  PHE n 
1 49  THR n 
1 50  HIS n 
1 51  ALA n 
1 52  LEU n 
1 53  MET n 
1 54  HIS n 
1 55  PHE n 
1 56  SER n 
1 57  LEU n 
1 58  MET n 
1 59  HIS n 
1 60  ILE n 
1 61  LEU n 
1 62  PHE n 
1 63  ASN n 
1 64  LEU n 
1 65  LEU n 
1 66  TRP n 
1 67  TRP n 
1 68  TRP n 
1 69  TYR n 
1 70  LEU n 
1 71  GLY n 
1 72  GLY n 
1 73  ALA n 
1 74  VAL n 
1 75  GLU n 
1 76  LYS n 
1 77  ARG n 
1 78  LEU n 
1 79  GLY n 
1 80  SER n 
1 81  GLY n 
1 82  LYS n 
1 83  LEU n 
1 84  ILE n 
1 85  VAL n 
1 86  ILE n 
1 87  THR n 
1 88  LEU n 
1 89  ILE n 
1 90  SER n 
1 91  ALA n 
1 92  LEU n 
1 93  LEU n 
1 94  SER n 
1 95  GLY n 
1 96  TYR n 
1 97  VAL n 
1 98  GLN n 
1 99  GLN n 
1 100 LYS n 
1 101 PHE n 
1 102 SER n 
1 103 GLY n 
1 104 PRO n 
1 105 TRP n 
1 106 PHE n 
1 107 GLY n 
1 108 GLY n 
1 109 LEU n 
1 110 SER n 
1 111 GLY n 
1 112 VAL n 
1 113 VAL n 
1 114 TYR n 
1 115 ALA n 
1 116 LEU n 
1 117 MET n 
1 118 GLY n 
1 119 TYR n 
1 120 VAL n 
1 121 TRP n 
1 122 LEU n 
1 123 ARG n 
1 124 GLY n 
1 125 GLU n 
1 126 ARG n 
1 127 ASP n 
1 128 PRO n 
1 129 GLN n 
1 130 SER n 
1 131 GLY n 
1 132 ILE n 
1 133 TYR n 
1 134 LEU n 
1 135 GLN n 
1 136 ARG n 
1 137 GLY n 
1 138 LEU n 
1 139 ILE n 
1 140 ILE n 
1 141 PHE n 
1 142 ALA n 
1 143 LEU n 
1 144 ILE n 
1 145 TRP n 
1 146 ILE n 
1 147 VAL n 
1 148 ALA n 
1 149 GLY n 
1 150 TRP n 
1 151 PHE n 
1 152 ASP n 
1 153 LEU n 
1 154 PHE n 
1 155 GLY n 
1 156 MET n 
1 157 SER n 
1 158 MET n 
1 159 ALA n 
1 160 ASN n 
1 161 GLY n 
1 162 ALA n 
1 163 HIS n 
1 164 ILE n 
1 165 ALA n 
1 166 GLY n 
1 167 LEU n 
1 168 ALA n 
1 169 VAL n 
1 170 GLY n 
1 171 LEU n 
1 172 ALA n 
1 173 MET n 
1 174 ALA n 
1 175 PHE n 
1 176 VAL n 
1 177 ASP n 
1 178 SER n 
1 179 LEU n 
# 
_entity_src_gen.entity_id                          1 
_entity_src_gen.pdbx_src_id                        1 
_entity_src_gen.pdbx_alt_source_flag               sample 
_entity_src_gen.pdbx_seq_type                      ? 
_entity_src_gen.pdbx_beg_seq_num                   ? 
_entity_src_gen.pdbx_end_seq_num                   ? 
_entity_src_gen.gene_src_common_name               ? 
_entity_src_gen.gene_src_genus                     ? 
_entity_src_gen.pdbx_gene_src_gene                 ? 
_entity_src_gen.gene_src_species                   ? 
_entity_src_gen.gene_src_strain                    ? 
_entity_src_gen.gene_src_tissue                    ? 
_entity_src_gen.gene_src_tissue_fraction           ? 
_entity_src_gen.gene_src_details                   ? 
_entity_src_gen.pdbx_gene_src_fragment             ? 
_entity_src_gen.pdbx_gene_src_scientific_name      'ESCHERICHIA COLI' 
_entity_src_gen.pdbx_gene_src_ncbi_taxonomy_id     562 
_entity_src_gen.pdbx_gene_src_variant              ? 
_entity_src_gen.pdbx_gene_src_cell_line            ? 
_entity_src_gen.pdbx_gene_src_atcc                 ? 
_entity_src_gen.pdbx_gene_src_organ                ? 
_entity_src_gen.pdbx_gene_src_organelle            ? 
_entity_src_gen.pdbx_gene_src_cell                 ? 
_entity_src_gen.pdbx_gene_src_cellular_location    ? 
_entity_src_gen.host_org_common_name               ? 
_entity_src_gen.pdbx_host_org_scientific_name      'ESCHERICHIA COLI' 
_entity_src_gen.pdbx_host_org_ncbi_taxonomy_id     469008 
_entity_src_gen.host_org_genus                     ? 
_entity_src_gen.pdbx_host_org_gene                 ? 
_entity_src_gen.pdbx_host_org_organ                ? 
_entity_src_gen.host_org_species                   ? 
_entity_src_gen.pdbx_host_org_tissue               ? 
_entity_src_gen.pdbx_host_org_tissue_fraction      ? 
_entity_src_gen.pdbx_host_org_strain               'BL21(DE3)' 
_entity_src_gen.pdbx_host_org_variant              C41 
_entity_src_gen.pdbx_host_org_cell_line            ? 
_entity_src_gen.pdbx_host_org_atcc                 ? 
_entity_src_gen.pdbx_host_org_culture_collection   ? 
_entity_src_gen.pdbx_host_org_cell                 ? 
_entity_src_gen.pdbx_host_org_organelle            ? 
_entity_src_gen.pdbx_host_org_cellular_location    ? 
_entity_src_gen.pdbx_host_org_vector_type          PLASMID 
_entity_src_gen.pdbx_host_org_vector               PET 
_entity_src_gen.host_org_details                   ? 
_entity_src_gen.expression_system_id               ? 
_entity_src_gen.plasmid_name                       ? 
_entity_src_gen.plasmid_details                    ? 
_entity_src_gen.pdbx_description                   ? 
# 
loop_
_chem_comp.id 
_chem_comp.type 
_chem_comp.mon_nstd_flag 
_chem_comp.name 
_chem_comp.pdbx_synonyms 
_chem_comp.formula 
_chem_comp.formula_weight 
ALA 'L-peptide linking' y ALANINE                                                    ? 'C3 H7 N O2'     89.093  
ARG 'L-peptide linking' y ARGININE                                                   ? 'C6 H15 N4 O2 1' 175.209 
ASN 'L-peptide linking' y ASPARAGINE                                                 ? 'C4 H8 N2 O3'    132.118 
ASP 'L-peptide linking' y 'ASPARTIC ACID'                                            ? 'C4 H7 N O4'     133.103 
BNG D-saccharide        n 'nonyl beta-D-glucopyranoside'                             
'Beta-NONYLGLUCOSIDE; nonyl beta-D-glucoside; nonyl D-glucoside; nonyl glucoside' 'C15 H30 O6'     306.395 
CYS 'L-peptide linking' y CYSTEINE                                                   ? 'C3 H7 N O2 S'   121.158 
GLN 'L-peptide linking' y GLUTAMINE                                                  ? 'C5 H10 N2 O3'   146.144 
GLU 'L-peptide linking' y 'GLUTAMIC ACID'                                            ? 'C5 H9 N O4'     147.129 
GLY 'peptide linking'   y GLYCINE                                                    ? 'C2 H5 N O2'     75.067  
HIS 'L-peptide linking' y HISTIDINE                                                  ? 'C6 H10 N3 O2 1' 156.162 
HOH non-polymer         . WATER                                                      ? 'H2 O'           18.015  
ILE 'L-peptide linking' y ISOLEUCINE                                                 ? 'C6 H13 N O2'    131.173 
L6C non-polymer         . 'phenyl N-[(1R)-3-oxidanylidene-1-phenyl-propyl]carbamate' ? 'C16 H15 N O3'   269.295 
LEU 'L-peptide linking' y LEUCINE                                                    ? 'C6 H13 N O2'    131.173 
LYS 'L-peptide linking' y LYSINE                                                     ? 'C6 H15 N2 O2 1' 147.195 
MET 'L-peptide linking' y METHIONINE                                                 ? 'C5 H11 N O2 S'  149.211 
PHE 'L-peptide linking' y PHENYLALANINE                                              ? 'C9 H11 N O2'    165.189 
PRO 'L-peptide linking' y PROLINE                                                    ? 'C5 H9 N O2'     115.130 
SER 'L-peptide linking' y SERINE                                                     ? 'C3 H7 N O3'     105.093 
THR 'L-peptide linking' y THREONINE                                                  ? 'C4 H9 N O3'     119.119 
TRP 'L-peptide linking' y TRYPTOPHAN                                                 ? 'C11 H12 N2 O2'  204.225 
TYR 'L-peptide linking' y TYROSINE                                                   ? 'C9 H11 N O3'    181.189 
VAL 'L-peptide linking' y VALINE                                                     ? 'C5 H11 N O2'    117.146 
# 
_pdbx_chem_comp_identifier.comp_id           BNG 
_pdbx_chem_comp_identifier.type              'IUPAC CARBOHYDRATE SYMBOL' 
_pdbx_chem_comp_identifier.program           PDB-CARE 
_pdbx_chem_comp_identifier.program_version   1.0 
_pdbx_chem_comp_identifier.identifier        b-nonylglucoside 
# 
loop_
_pdbx_poly_seq_scheme.asym_id 
_pdbx_poly_seq_scheme.entity_id 
_pdbx_poly_seq_scheme.seq_id 
_pdbx_poly_seq_scheme.mon_id 
_pdbx_poly_seq_scheme.ndb_seq_num 
_pdbx_poly_seq_scheme.pdb_seq_num 
_pdbx_poly_seq_scheme.auth_seq_num 
_pdbx_poly_seq_scheme.pdb_mon_id 
_pdbx_poly_seq_scheme.auth_mon_id 
_pdbx_poly_seq_scheme.pdb_strand_id 
_pdbx_poly_seq_scheme.pdb_ins_code 
_pdbx_poly_seq_scheme.hetero 
A 1 1   ARG 1   92  92  ARG ARG A . n 
A 1 2   ALA 2   93  93  ALA ALA A . n 
A 1 3   GLY 3   94  94  GLY GLY A . n 
A 1 4   PRO 4   95  95  PRO PRO A . n 
A 1 5   VAL 5   96  96  VAL VAL A . n 
A 1 6   THR 6   97  97  THR THR A . n 
A 1 7   TRP 7   98  98  TRP TRP A . n 
A 1 8   VAL 8   99  99  VAL VAL A . n 
A 1 9   MET 9   100 100 MET MET A . n 
A 1 10  MET 10  101 101 MET MET A . n 
A 1 11  ILE 11  102 102 ILE ILE A . n 
A 1 12  ALA 12  103 103 ALA ALA A . n 
A 1 13  CYS 13  104 104 CYS CYS A . n 
A 1 14  VAL 14  105 105 VAL VAL A . n 
A 1 15  VAL 15  106 106 VAL VAL A . n 
A 1 16  VAL 16  107 107 VAL VAL A . n 
A 1 17  PHE 17  108 108 PHE PHE A . n 
A 1 18  ILE 18  109 109 ILE ILE A . n 
A 1 19  ALA 19  110 110 ALA ALA A . n 
A 1 20  MET 20  111 111 MET MET A . n 
A 1 21  GLN 21  112 112 GLN GLN A . n 
A 1 22  ILE 22  113 113 ILE ILE A . n 
A 1 23  LEU 23  114 114 LEU LEU A . n 
A 1 24  GLY 24  115 115 GLY GLY A . n 
A 1 25  ASP 25  116 116 ASP ASP A . n 
A 1 26  GLN 26  117 117 GLN GLN A . n 
A 1 27  GLU 27  118 118 GLU GLU A . n 
A 1 28  VAL 28  119 119 VAL VAL A . n 
A 1 29  MET 29  120 120 MET MET A . n 
A 1 30  LEU 30  121 121 LEU LEU A . n 
A 1 31  TRP 31  122 122 TRP TRP A . n 
A 1 32  LEU 32  123 123 LEU LEU A . n 
A 1 33  ALA 33  124 124 ALA ALA A . n 
A 1 34  TRP 34  125 125 TRP TRP A . n 
A 1 35  PRO 35  126 126 PRO PRO A . n 
A 1 36  PHE 36  127 127 PHE PHE A . n 
A 1 37  ASP 37  128 128 ASP ASP A . n 
A 1 38  PRO 38  129 129 PRO PRO A . n 
A 1 39  THR 39  130 130 THR THR A . n 
A 1 40  LEU 40  131 131 LEU LEU A . n 
A 1 41  LYS 41  132 132 LYS LYS A . n 
A 1 42  PHE 42  133 133 PHE PHE A . n 
A 1 43  GLU 43  134 134 GLU GLU A . n 
A 1 44  PHE 44  135 135 PHE PHE A . n 
A 1 45  TRP 45  136 136 TRP TRP A . n 
A 1 46  ARG 46  137 137 ARG ARG A . n 
A 1 47  TYR 47  138 138 TYR TYR A . n 
A 1 48  PHE 48  139 139 PHE PHE A . n 
A 1 49  THR 49  140 140 THR THR A . n 
A 1 50  HIS 50  141 141 HIS HIS A . n 
A 1 51  ALA 51  142 142 ALA ALA A . n 
A 1 52  LEU 52  143 143 LEU LEU A . n 
A 1 53  MET 53  144 144 MET MET A . n 
A 1 54  HIS 54  145 145 HIS HIS A . n 
A 1 55  PHE 55  146 146 PHE PHE A . n 
A 1 56  SER 56  147 147 SER SER A . n 
A 1 57  LEU 57  148 148 LEU LEU A . n 
A 1 58  MET 58  149 149 MET MET A . n 
A 1 59  HIS 59  150 150 HIS HIS A . n 
A 1 60  ILE 60  151 151 ILE ILE A . n 
A 1 61  LEU 61  152 152 LEU LEU A . n 
A 1 62  PHE 62  153 153 PHE PHE A . n 
A 1 63  ASN 63  154 154 ASN ASN A . n 
A 1 64  LEU 64  155 155 LEU LEU A . n 
A 1 65  LEU 65  156 156 LEU LEU A . n 
A 1 66  TRP 66  157 157 TRP TRP A . n 
A 1 67  TRP 67  158 158 TRP TRP A . n 
A 1 68  TRP 68  159 159 TRP TRP A . n 
A 1 69  TYR 69  160 160 TYR TYR A . n 
A 1 70  LEU 70  161 161 LEU LEU A . n 
A 1 71  GLY 71  162 162 GLY GLY A . n 
A 1 72  GLY 72  163 163 GLY GLY A . n 
A 1 73  ALA 73  164 164 ALA ALA A . n 
A 1 74  VAL 74  165 165 VAL VAL A . n 
A 1 75  GLU 75  166 166 GLU GLU A . n 
A 1 76  LYS 76  167 167 LYS LYS A . n 
A 1 77  ARG 77  168 168 ARG ARG A . n 
A 1 78  LEU 78  169 169 LEU LEU A . n 
A 1 79  GLY 79  170 170 GLY GLY A . n 
A 1 80  SER 80  171 171 SER SER A . n 
A 1 81  GLY 81  172 172 GLY GLY A . n 
A 1 82  LYS 82  173 173 LYS LYS A . n 
A 1 83  LEU 83  174 174 LEU LEU A . n 
A 1 84  ILE 84  175 175 ILE ILE A . n 
A 1 85  VAL 85  176 176 VAL VAL A . n 
A 1 86  ILE 86  177 177 ILE ILE A . n 
A 1 87  THR 87  178 178 THR THR A . n 
A 1 88  LEU 88  179 179 LEU LEU A . n 
A 1 89  ILE 89  180 180 ILE ILE A . n 
A 1 90  SER 90  181 181 SER SER A . n 
A 1 91  ALA 91  182 182 ALA ALA A . n 
A 1 92  LEU 92  183 183 LEU LEU A . n 
A 1 93  LEU 93  184 184 LEU LEU A . n 
A 1 94  SER 94  185 185 SER SER A . n 
A 1 95  GLY 95  186 186 GLY GLY A . n 
A 1 96  TYR 96  187 187 TYR TYR A . n 
A 1 97  VAL 97  188 188 VAL VAL A . n 
A 1 98  GLN 98  189 189 GLN GLN A . n 
A 1 99  GLN 99  190 190 GLN GLN A . n 
A 1 100 LYS 100 191 191 LYS LYS A . n 
A 1 101 PHE 101 192 192 PHE PHE A . n 
A 1 102 SER 102 193 193 SER SER A . n 
A 1 103 GLY 103 194 194 GLY GLY A . n 
A 1 104 PRO 104 195 195 PRO PRO A . n 
A 1 105 TRP 105 196 196 TRP TRP A . n 
A 1 106 PHE 106 197 197 PHE PHE A . n 
A 1 107 GLY 107 198 198 GLY GLY A . n 
A 1 108 GLY 108 199 199 GLY GLY A . n 
A 1 109 LEU 109 200 200 LEU LEU A . n 
A 1 110 SER 110 201 201 SER SER A . n 
A 1 111 GLY 111 202 202 GLY GLY A . n 
A 1 112 VAL 112 203 203 VAL VAL A . n 
A 1 113 VAL 113 204 204 VAL VAL A . n 
A 1 114 TYR 114 205 205 TYR TYR A . n 
A 1 115 ALA 115 206 206 ALA ALA A . n 
A 1 116 LEU 116 207 207 LEU LEU A . n 
A 1 117 MET 117 208 208 MET MET A . n 
A 1 118 GLY 118 209 209 GLY GLY A . n 
A 1 119 TYR 119 210 210 TYR TYR A . n 
A 1 120 VAL 120 211 211 VAL VAL A . n 
A 1 121 TRP 121 212 212 TRP TRP A . n 
A 1 122 LEU 122 213 213 LEU LEU A . n 
A 1 123 ARG 123 214 214 ARG ARG A . n 
A 1 124 GLY 124 215 215 GLY GLY A . n 
A 1 125 GLU 125 216 216 GLU GLU A . n 
A 1 126 ARG 126 217 217 ARG ARG A . n 
A 1 127 ASP 127 218 218 ASP ASP A . n 
A 1 128 PRO 128 219 219 PRO PRO A . n 
A 1 129 GLN 129 220 220 GLN GLN A . n 
A 1 130 SER 130 221 221 SER SER A . n 
A 1 131 GLY 131 222 222 GLY GLY A . n 
A 1 132 ILE 132 223 223 ILE ILE A . n 
A 1 133 TYR 133 224 224 TYR TYR A . n 
A 1 134 LEU 134 225 225 LEU LEU A . n 
A 1 135 GLN 135 226 226 GLN GLN A . n 
A 1 136 ARG 136 227 227 ARG ARG A . n 
A 1 137 GLY 137 228 228 GLY GLY A . n 
A 1 138 LEU 138 229 229 LEU LEU A . n 
A 1 139 ILE 139 230 230 ILE ILE A . n 
A 1 140 ILE 140 231 231 ILE ILE A . n 
A 1 141 PHE 141 232 232 PHE PHE A . n 
A 1 142 ALA 142 233 233 ALA ALA A . n 
A 1 143 LEU 143 234 234 LEU LEU A . n 
A 1 144 ILE 144 235 235 ILE ILE A . n 
A 1 145 TRP 145 236 236 TRP TRP A . n 
A 1 146 ILE 146 237 237 ILE ILE A . n 
A 1 147 VAL 147 238 238 VAL VAL A . n 
A 1 148 ALA 148 239 239 ALA ALA A . n 
A 1 149 GLY 149 240 240 GLY GLY A . n 
A 1 150 TRP 150 241 241 TRP TRP A . n 
A 1 151 PHE 151 242 242 PHE PHE A . n 
A 1 152 ASP 152 243 243 ASP ASP A . n 
A 1 153 LEU 153 244 244 LEU LEU A . n 
A 1 154 PHE 154 245 ?   ?   ?   A . n 
A 1 155 GLY 155 246 ?   ?   ?   A . n 
A 1 156 MET 156 247 ?   ?   ?   A . n 
A 1 157 SER 157 248 ?   ?   ?   A . n 
A 1 158 MET 158 249 ?   ?   ?   A . n 
A 1 159 ALA 159 250 250 ALA ALA A . n 
A 1 160 ASN 160 251 251 ASN ASN A . n 
A 1 161 GLY 161 252 252 GLY GLY A . n 
A 1 162 ALA 162 253 253 ALA ALA A . n 
A 1 163 HIS 163 254 254 HIS HIS A . n 
A 1 164 ILE 164 255 255 ILE ILE A . n 
A 1 165 ALA 165 256 256 ALA ALA A . n 
A 1 166 GLY 166 257 257 GLY GLY A . n 
A 1 167 LEU 167 258 258 LEU LEU A . n 
A 1 168 ALA 168 259 259 ALA ALA A . n 
A 1 169 VAL 169 260 260 VAL VAL A . n 
A 1 170 GLY 170 261 261 GLY GLY A . n 
A 1 171 LEU 171 262 262 LEU LEU A . n 
A 1 172 ALA 172 263 263 ALA ALA A . n 
A 1 173 MET 173 264 264 MET MET A . n 
A 1 174 ALA 174 265 265 ALA ALA A . n 
A 1 175 PHE 175 266 266 PHE PHE A . n 
A 1 176 VAL 176 267 267 VAL VAL A . n 
A 1 177 ASP 177 268 268 ASP ASP A . n 
A 1 178 SER 178 269 269 SER SER A . n 
A 1 179 LEU 179 270 270 LEU LEU A . n 
# 
loop_
_pdbx_nonpoly_scheme.asym_id 
_pdbx_nonpoly_scheme.entity_id 
_pdbx_nonpoly_scheme.mon_id 
_pdbx_nonpoly_scheme.ndb_seq_num 
_pdbx_nonpoly_scheme.pdb_seq_num 
_pdbx_nonpoly_scheme.auth_seq_num 
_pdbx_nonpoly_scheme.pdb_mon_id 
_pdbx_nonpoly_scheme.auth_mon_id 
_pdbx_nonpoly_scheme.pdb_strand_id 
_pdbx_nonpoly_scheme.pdb_ins_code 
B 2 L6C 1  401  401  L6C L6C A . 
C 3 BNG 1  402  402  BNG BNG A . 
D 3 BNG 1  403  403  BNG BNG A . 
E 3 BNG 1  404  404  BNG BNG A . 
F 3 BNG 1  405  405  BNG BNG A . 
G 3 BNG 1  406  406  BNG BNG A . 
H 3 BNG 1  407  407  BNG BNG A . 
I 4 HOH 1  2001 2001 HOH HOH A . 
I 4 HOH 2  2002 2002 HOH HOH A . 
I 4 HOH 3  2003 2003 HOH HOH A . 
I 4 HOH 4  2004 2004 HOH HOH A . 
I 4 HOH 5  2005 2005 HOH HOH A . 
I 4 HOH 6  2006 2006 HOH HOH A . 
I 4 HOH 7  2007 2007 HOH HOH A . 
I 4 HOH 8  2008 2008 HOH HOH A . 
I 4 HOH 9  2009 2009 HOH HOH A . 
I 4 HOH 10 2010 2010 HOH HOH A . 
I 4 HOH 11 2011 2011 HOH HOH A . 
I 4 HOH 12 2012 2012 HOH HOH A . 
I 4 HOH 13 2013 2013 HOH HOH A . 
I 4 HOH 14 2014 2014 HOH HOH A . 
I 4 HOH 15 2015 2015 HOH HOH A . 
I 4 HOH 16 2016 2016 HOH HOH A . 
I 4 HOH 17 2017 2017 HOH HOH A . 
I 4 HOH 18 2018 2018 HOH HOH A . 
I 4 HOH 19 2019 2019 HOH HOH A . 
I 4 HOH 20 2020 2020 HOH HOH A . 
I 4 HOH 21 2021 2021 HOH HOH A . 
I 4 HOH 22 2022 2022 HOH HOH A . 
I 4 HOH 23 2023 2023 HOH HOH A . 
I 4 HOH 24 2024 2024 HOH HOH A . 
I 4 HOH 25 2025 2025 HOH HOH A . 
I 4 HOH 26 2026 2026 HOH HOH A . 
I 4 HOH 27 2027 2027 HOH HOH A . 
I 4 HOH 28 2028 2028 HOH HOH A . 
I 4 HOH 29 2029 2029 HOH HOH A . 
I 4 HOH 30 2030 2030 HOH HOH A . 
# 
loop_
_pdbx_unobs_or_zero_occ_atoms.id 
_pdbx_unobs_or_zero_occ_atoms.PDB_model_num 
_pdbx_unobs_or_zero_occ_atoms.polymer_flag 
_pdbx_unobs_or_zero_occ_atoms.occupancy_flag 
_pdbx_unobs_or_zero_occ_atoms.auth_asym_id 
_pdbx_unobs_or_zero_occ_atoms.auth_comp_id 
_pdbx_unobs_or_zero_occ_atoms.auth_seq_id 
_pdbx_unobs_or_zero_occ_atoms.PDB_ins_code 
_pdbx_unobs_or_zero_occ_atoms.auth_atom_id 
_pdbx_unobs_or_zero_occ_atoms.label_alt_id 
_pdbx_unobs_or_zero_occ_atoms.label_asym_id 
_pdbx_unobs_or_zero_occ_atoms.label_comp_id 
_pdbx_unobs_or_zero_occ_atoms.label_seq_id 
_pdbx_unobs_or_zero_occ_atoms.label_atom_id 
1  1 Y 1 A ARG 92  ? CG    ? A ARG 1   CG    
2  1 Y 1 A ARG 92  ? CD    ? A ARG 1   CD    
3  1 Y 1 A ARG 92  ? NE    ? A ARG 1   NE    
4  1 Y 1 A ARG 92  ? CZ    ? A ARG 1   CZ    
5  1 Y 1 A ARG 92  ? NH1   ? A ARG 1   NH1   
6  1 Y 1 A ARG 92  ? NH2   ? A ARG 1   NH2   
7  1 Y 1 A GLN 220 ? CG    ? A GLN 129 CG    
8  1 Y 1 A GLN 220 ? CD    ? A GLN 129 CD    
9  1 Y 1 A GLN 220 ? OE1   ? A GLN 129 OE1   
10 1 Y 1 A GLN 220 ? NE2   ? A GLN 129 NE2   
11 1 N 1 A BNG 402 ? C1    ? C BNG 1   C1    
12 1 N 1 A BNG 402 ? C2    ? C BNG 1   C2    
13 1 N 1 A BNG 402 ? C3    ? C BNG 1   C3    
14 1 N 1 A BNG 402 ? C4    ? C BNG 1   C4    
15 1 N 1 A BNG 402 ? C5    ? C BNG 1   C5    
16 1 N 1 A BNG 402 ? C6    ? C BNG 1   C6    
17 1 N 1 A BNG 402 ? "C7'" ? C BNG 1   "C7'" 
18 1 N 1 A BNG 402 ? "C8'" ? C BNG 1   "C8'" 
19 1 N 1 A BNG 402 ? "C9'" ? C BNG 1   "C9'" 
20 1 N 1 A BNG 402 ? O1    ? C BNG 1   O1    
21 1 N 1 A BNG 402 ? O2    ? C BNG 1   O2    
22 1 N 1 A BNG 402 ? O3    ? C BNG 1   O3    
23 1 N 1 A BNG 402 ? O4    ? C BNG 1   O4    
24 1 N 1 A BNG 402 ? O5    ? C BNG 1   O5    
25 1 N 1 A BNG 402 ? O6    ? C BNG 1   O6    
26 1 N 1 A BNG 403 ? C1    ? D BNG 1   C1    
27 1 N 1 A BNG 403 ? C2    ? D BNG 1   C2    
28 1 N 1 A BNG 403 ? C3    ? D BNG 1   C3    
29 1 N 1 A BNG 403 ? C4    ? D BNG 1   C4    
30 1 N 1 A BNG 403 ? C5    ? D BNG 1   C5    
31 1 N 1 A BNG 403 ? C6    ? D BNG 1   C6    
32 1 N 1 A BNG 403 ? "C7'" ? D BNG 1   "C7'" 
33 1 N 1 A BNG 403 ? "C8'" ? D BNG 1   "C8'" 
34 1 N 1 A BNG 403 ? "C9'" ? D BNG 1   "C9'" 
35 1 N 1 A BNG 403 ? O1    ? D BNG 1   O1    
36 1 N 1 A BNG 403 ? O2    ? D BNG 1   O2    
37 1 N 1 A BNG 403 ? O3    ? D BNG 1   O3    
38 1 N 1 A BNG 403 ? O4    ? D BNG 1   O4    
39 1 N 1 A BNG 403 ? O5    ? D BNG 1   O5    
40 1 N 1 A BNG 403 ? O6    ? D BNG 1   O6    
41 1 N 1 A BNG 404 ? C1    ? E BNG 1   C1    
42 1 N 1 A BNG 404 ? C2    ? E BNG 1   C2    
43 1 N 1 A BNG 404 ? C3    ? E BNG 1   C3    
44 1 N 1 A BNG 404 ? C4    ? E BNG 1   C4    
45 1 N 1 A BNG 404 ? C5    ? E BNG 1   C5    
46 1 N 1 A BNG 404 ? C6    ? E BNG 1   C6    
47 1 N 1 A BNG 404 ? "C7'" ? E BNG 1   "C7'" 
48 1 N 1 A BNG 404 ? "C8'" ? E BNG 1   "C8'" 
49 1 N 1 A BNG 404 ? "C9'" ? E BNG 1   "C9'" 
50 1 N 1 A BNG 404 ? O1    ? E BNG 1   O1    
51 1 N 1 A BNG 404 ? O2    ? E BNG 1   O2    
52 1 N 1 A BNG 404 ? O3    ? E BNG 1   O3    
53 1 N 1 A BNG 404 ? O4    ? E BNG 1   O4    
54 1 N 1 A BNG 404 ? O5    ? E BNG 1   O5    
55 1 N 1 A BNG 404 ? O6    ? E BNG 1   O6    
56 1 N 1 A BNG 405 ? C1    ? F BNG 1   C1    
57 1 N 1 A BNG 405 ? C2    ? F BNG 1   C2    
58 1 N 1 A BNG 405 ? C3    ? F BNG 1   C3    
59 1 N 1 A BNG 405 ? C4    ? F BNG 1   C4    
60 1 N 1 A BNG 405 ? C5    ? F BNG 1   C5    
61 1 N 1 A BNG 405 ? C6    ? F BNG 1   C6    
62 1 N 1 A BNG 405 ? "C6'" ? F BNG 1   "C6'" 
63 1 N 1 A BNG 405 ? "C7'" ? F BNG 1   "C7'" 
64 1 N 1 A BNG 405 ? "C8'" ? F BNG 1   "C8'" 
65 1 N 1 A BNG 405 ? "C9'" ? F BNG 1   "C9'" 
66 1 N 1 A BNG 405 ? O1    ? F BNG 1   O1    
67 1 N 1 A BNG 405 ? O2    ? F BNG 1   O2    
68 1 N 1 A BNG 405 ? O3    ? F BNG 1   O3    
69 1 N 1 A BNG 405 ? O4    ? F BNG 1   O4    
70 1 N 1 A BNG 405 ? O5    ? F BNG 1   O5    
71 1 N 1 A BNG 405 ? O6    ? F BNG 1   O6    
72 1 N 1 A BNG 406 ? C1    ? G BNG 1   C1    
73 1 N 1 A BNG 406 ? C2    ? G BNG 1   C2    
74 1 N 1 A BNG 406 ? C3    ? G BNG 1   C3    
75 1 N 1 A BNG 406 ? C4    ? G BNG 1   C4    
76 1 N 1 A BNG 406 ? C5    ? G BNG 1   C5    
77 1 N 1 A BNG 406 ? C6    ? G BNG 1   C6    
78 1 N 1 A BNG 406 ? "C7'" ? G BNG 1   "C7'" 
79 1 N 1 A BNG 406 ? "C8'" ? G BNG 1   "C8'" 
80 1 N 1 A BNG 406 ? "C9'" ? G BNG 1   "C9'" 
81 1 N 1 A BNG 406 ? O1    ? G BNG 1   O1    
82 1 N 1 A BNG 406 ? O2    ? G BNG 1   O2    
83 1 N 1 A BNG 406 ? O3    ? G BNG 1   O3    
84 1 N 1 A BNG 406 ? O4    ? G BNG 1   O4    
85 1 N 1 A BNG 406 ? O5    ? G BNG 1   O5    
86 1 N 1 A BNG 406 ? O6    ? G BNG 1   O6    
87 1 N 1 A BNG 407 ? C1    ? H BNG 1   C1    
88 1 N 1 A BNG 407 ? C2    ? H BNG 1   C2    
89 1 N 1 A BNG 407 ? C3    ? H BNG 1   C3    
90 1 N 1 A BNG 407 ? C4    ? H BNG 1   C4    
91 1 N 1 A BNG 407 ? C5    ? H BNG 1   C5    
92 1 N 1 A BNG 407 ? C6    ? H BNG 1   C6    
93 1 N 1 A BNG 407 ? O2    ? H BNG 1   O2    
94 1 N 1 A BNG 407 ? O3    ? H BNG 1   O3    
95 1 N 1 A BNG 407 ? O4    ? H BNG 1   O4    
96 1 N 1 A BNG 407 ? O5    ? H BNG 1   O5    
97 1 N 1 A BNG 407 ? O6    ? H BNG 1   O6    
# 
loop_
_software.name 
_software.classification 
_software.version 
_software.citation_id 
_software.pdbx_ordinal 
_software.date 
_software.type 
_software.location 
_software.language 
PHENIX refinement       '(PHENIX.REFINE)' ? 1 ? ? ? ? 
MOSFLM 'data reduction' .                 ? 2 ? ? ? ? 
SCALA  'data scaling'   .                 ? 3 ? ? ? ? 
PHASER phasing          .                 ? 4 ? ? ? ? 
# 
_cell.entry_id           3ZMI 
_cell.length_a           110.580 
_cell.length_b           110.580 
_cell.length_c           128.530 
_cell.angle_alpha        90.00 
_cell.angle_beta         90.00 
_cell.angle_gamma        120.00 
_cell.Z_PDB              18 
_cell.pdbx_unique_axis   ? 
# 
_symmetry.entry_id                         3ZMI 
_symmetry.space_group_name_H-M             'H 3 2' 
_symmetry.pdbx_full_space_group_name_H-M   ? 
_symmetry.cell_setting                     ? 
_symmetry.Int_Tables_number                155 
# 
_exptl.entry_id          3ZMI 
_exptl.method            'X-RAY DIFFRACTION' 
_exptl.crystals_number   1 
# 
_exptl_crystal.id                    1 
_exptl_crystal.density_meas          ? 
_exptl_crystal.density_Matthews      3.5 
_exptl_crystal.density_percent_sol   64.8 
_exptl_crystal.description           NONE 
_exptl_crystal.preparation           ? 
# 
_exptl_crystal_grow.crystal_id      1 
_exptl_crystal_grow.method          'VAPOR DIFFUSION, HANGING DROP' 
_exptl_crystal_grow.temp            298 
_exptl_crystal_grow.temp_details    ? 
_exptl_crystal_grow.pH              7.0 
_exptl_crystal_grow.pdbx_pH_range   ? 
_exptl_crystal_grow.pdbx_details    '2M NACL, 0.1M BIS-TRIS, PH7.0, 298K' 
# 
_diffrn.id                               1 
_diffrn.ambient_temp                     100 
_diffrn.ambient_temp_details             ? 
_diffrn.crystal_id                       1 
_diffrn.pdbx_serial_crystal_experiment   ? 
# 
_diffrn_detector.diffrn_id              1 
_diffrn_detector.detector               CCD 
_diffrn_detector.type                   'ADSC CCD' 
_diffrn_detector.pdbx_collection_date   2010-10-11 
_diffrn_detector.details                ? 
# 
_diffrn_radiation.diffrn_id                        1 
_diffrn_radiation.wavelength_id                    1 
_diffrn_radiation.pdbx_monochromatic_or_laue_m_l   M 
_diffrn_radiation.monochromator                    ? 
_diffrn_radiation.pdbx_diffrn_protocol             'SINGLE WAVELENGTH' 
_diffrn_radiation.pdbx_scattering_type             x-ray 
# 
_diffrn_radiation_wavelength.id           1 
_diffrn_radiation_wavelength.wavelength   0.9786 
_diffrn_radiation_wavelength.wt           1.0 
# 
_diffrn_source.diffrn_id                   1 
_diffrn_source.source                      SYNCHROTRON 
_diffrn_source.type                        'DIAMOND BEAMLINE I02' 
_diffrn_source.pdbx_synchrotron_site       Diamond 
_diffrn_source.pdbx_synchrotron_beamline   I02 
_diffrn_source.pdbx_wavelength             0.9786 
_diffrn_source.pdbx_wavelength_list        ? 
# 
_reflns.pdbx_diffrn_id               1 
_reflns.pdbx_ordinal                 1 
_reflns.entry_id                     3ZMI 
_reflns.observed_criterion_sigma_I   ? 
_reflns.observed_criterion_sigma_F   ? 
_reflns.d_resolution_low             55.29 
_reflns.d_resolution_high            2.20 
_reflns.number_obs                   15423 
_reflns.number_all                   ? 
_reflns.percent_possible_obs         99.3 
_reflns.pdbx_Rmerge_I_obs            0.06 
_reflns.pdbx_Rsym_value              ? 
_reflns.pdbx_netI_over_sigmaI        16.20 
_reflns.B_iso_Wilson_estimate        43.23 
_reflns.pdbx_redundancy              5.2 
# 
_reflns_shell.pdbx_diffrn_id         1 
_reflns_shell.pdbx_ordinal           1 
_reflns_shell.d_res_high             2.20 
_reflns_shell.d_res_low              2.32 
_reflns_shell.percent_possible_all   100.0 
_reflns_shell.Rmerge_I_obs           0.45 
_reflns_shell.pdbx_Rsym_value        ? 
_reflns_shell.meanI_over_sigI_obs    3.80 
_reflns_shell.pdbx_redundancy        5.3 
# 
_refine.pdbx_refine_id                           'X-RAY DIFFRACTION' 
_refine.entry_id                                 3ZMI 
_refine.pdbx_diffrn_id                           1 
_refine.pdbx_TLS_residual_ADP_flag               ? 
_refine.ls_number_reflns_obs                     15423 
_refine.ls_number_reflns_all                     ? 
_refine.pdbx_ls_sigma_I                          ? 
_refine.pdbx_ls_sigma_F                          0.00 
_refine.pdbx_data_cutoff_high_absF               ? 
_refine.pdbx_data_cutoff_low_absF                ? 
_refine.pdbx_data_cutoff_high_rms_absF           ? 
_refine.ls_d_res_low                             44.870 
_refine.ls_d_res_high                            2.200 
_refine.ls_percent_reflns_obs                    99.16 
_refine.ls_R_factor_obs                          0.2186 
_refine.ls_R_factor_all                          ? 
_refine.ls_R_factor_R_work                       0.2165 
_refine.ls_R_factor_R_free                       0.2609 
_refine.ls_R_factor_R_free_error                 ? 
_refine.ls_R_factor_R_free_error_details         ? 
_refine.ls_percent_reflns_R_free                 5.0 
_refine.ls_number_reflns_R_free                  778 
_refine.ls_number_parameters                     ? 
_refine.ls_number_restraints                     ? 
_refine.occupancy_min                            ? 
_refine.occupancy_max                            ? 
_refine.correlation_coeff_Fo_to_Fc               ? 
_refine.correlation_coeff_Fo_to_Fc_free          ? 
_refine.B_iso_mean                               46.6 
_refine.aniso_B[1][1]                            ? 
_refine.aniso_B[2][2]                            ? 
_refine.aniso_B[3][3]                            ? 
_refine.aniso_B[1][2]                            ? 
_refine.aniso_B[1][3]                            ? 
_refine.aniso_B[2][3]                            ? 
_refine.solvent_model_details                    'FLAT BULK SOLVENT MODEL' 
_refine.solvent_model_param_ksol                 ? 
_refine.solvent_model_param_bsol                 ? 
_refine.pdbx_solvent_vdw_probe_radii             1.11 
_refine.pdbx_solvent_ion_probe_radii             ? 
_refine.pdbx_solvent_shrinkage_radii             0.90 
_refine.pdbx_ls_cross_valid_method               ? 
_refine.details                                  
'RESIDUES 245-249 ARE DISORDERED. BNG 407 IS IN A SPECIAL POSITION AND REFINED WITH 0.5 OCCUPANCY.' 
_refine.pdbx_starting_model                      'PDB ENTRY 2XOV' 
_refine.pdbx_method_to_determine_struct          'MOLECULAR REPLACEMENT' 
_refine.pdbx_isotropic_thermal_model             ? 
_refine.pdbx_stereochemistry_target_values       ML 
_refine.pdbx_stereochem_target_val_spec_case     ? 
_refine.pdbx_R_Free_selection_details            ? 
_refine.pdbx_overall_ESU_R                       ? 
_refine.pdbx_overall_ESU_R_Free                  ? 
_refine.overall_SU_ML                            0.23 
_refine.pdbx_overall_phase_error                 23.97 
_refine.overall_SU_B                             ? 
_refine.overall_SU_R_Cruickshank_DPI             ? 
_refine.pdbx_overall_SU_R_free_Cruickshank_DPI   ? 
_refine.pdbx_overall_SU_R_Blow_DPI               ? 
_refine.pdbx_overall_SU_R_free_Blow_DPI          ? 
# 
_refine_hist.pdbx_refine_id                   'X-RAY DIFFRACTION' 
_refine_hist.cycle_id                         LAST 
_refine_hist.pdbx_number_atoms_protein        1383 
_refine_hist.pdbx_number_atoms_nucleic_acid   0 
_refine_hist.pdbx_number_atoms_ligand         59 
_refine_hist.number_atoms_solvent             30 
_refine_hist.number_atoms_total               1472 
_refine_hist.d_res_high                       2.200 
_refine_hist.d_res_low                        44.870 
# 
loop_
_refine_ls_restr.type 
_refine_ls_restr.dev_ideal 
_refine_ls_restr.dev_ideal_target 
_refine_ls_restr.weight 
_refine_ls_restr.number 
_refine_ls_restr.pdbx_refine_id 
_refine_ls_restr.pdbx_restraint_function 
f_bond_d           0.008  ? ? 1498 'X-RAY DIFFRACTION' ? 
f_angle_d          1.053  ? ? 2024 'X-RAY DIFFRACTION' ? 
f_dihedral_angle_d 12.727 ? ? 507  'X-RAY DIFFRACTION' ? 
f_chiral_restr     0.072  ? ? 216  'X-RAY DIFFRACTION' ? 
f_plane_restr      0.005  ? ? 237  'X-RAY DIFFRACTION' ? 
# 
loop_
_refine_ls_shell.pdbx_refine_id 
_refine_ls_shell.pdbx_total_number_of_bins_used 
_refine_ls_shell.d_res_high 
_refine_ls_shell.d_res_low 
_refine_ls_shell.number_reflns_R_work 
_refine_ls_shell.R_factor_R_work 
_refine_ls_shell.percent_reflns_obs 
_refine_ls_shell.R_factor_R_free 
_refine_ls_shell.R_factor_R_free_error 
_refine_ls_shell.percent_reflns_R_free 
_refine_ls_shell.number_reflns_R_free 
_refine_ls_shell.number_reflns_all 
_refine_ls_shell.R_factor_all 
'X-RAY DIFFRACTION' . 2.2000 2.3378  2421 0.2413 100.00 0.2977 . . 139 . . 
'X-RAY DIFFRACTION' . 2.3378 2.5183  2416 0.2240 100.00 0.2544 . . 138 . . 
'X-RAY DIFFRACTION' . 2.5183 2.7717  2439 0.2106 100.00 0.2705 . . 127 . . 
'X-RAY DIFFRACTION' . 2.7717 3.1727  2444 0.2060 100.00 0.2619 . . 135 . . 
'X-RAY DIFFRACTION' . 3.1727 3.9969  2483 0.2056 100.00 0.2580 . . 116 . . 
'X-RAY DIFFRACTION' . 3.9969 44.8793 2442 0.2238 95.00  0.2549 . . 123 . . 
# 
_struct.entry_id                  3ZMI 
_struct.title                     'Structure of E.coli rhomboid protease GlpG in complex with monobactam L29' 
_struct.pdbx_model_details        ? 
_struct.pdbx_CASP_flag            ? 
_struct.pdbx_model_type_details   ? 
# 
_struct_keywords.entry_id        3ZMI 
_struct_keywords.pdbx_keywords   HYDROLASE 
_struct_keywords.text            'HYDROLASE, INTRA-MEMBRANE PROTEASE, ACYL ENZYME, BETA LACTAMS, ANTIBIOTIC' 
# 
loop_
_struct_asym.id 
_struct_asym.pdbx_blank_PDB_chainid_flag 
_struct_asym.pdbx_modified 
_struct_asym.entity_id 
_struct_asym.details 
A N N 1 ? 
B N N 2 ? 
C N N 3 ? 
D N N 3 ? 
E N N 3 ? 
F N N 3 ? 
G N N 3 ? 
H N N 3 ? 
I N N 4 ? 
# 
_struct_ref.id                         1 
_struct_ref.db_name                    UNP 
_struct_ref.db_code                    GLPG_ECOLI 
_struct_ref.entity_id                  1 
_struct_ref.pdbx_seq_one_letter_code   ? 
_struct_ref.pdbx_align_begin           ? 
_struct_ref.pdbx_db_accession          P09391 
_struct_ref.pdbx_db_isoform            ? 
# 
_struct_ref_seq.align_id                      1 
_struct_ref_seq.ref_id                        1 
_struct_ref_seq.pdbx_PDB_id_code              3ZMI 
_struct_ref_seq.pdbx_strand_id                A 
_struct_ref_seq.seq_align_beg                 1 
_struct_ref_seq.pdbx_seq_align_beg_ins_code   ? 
_struct_ref_seq.seq_align_end                 179 
_struct_ref_seq.pdbx_seq_align_end_ins_code   ? 
_struct_ref_seq.pdbx_db_accession             P09391 
_struct_ref_seq.db_align_beg                  92 
_struct_ref_seq.pdbx_db_align_beg_ins_code    ? 
_struct_ref_seq.db_align_end                  270 
_struct_ref_seq.pdbx_db_align_end_ins_code    ? 
_struct_ref_seq.pdbx_auth_seq_align_beg       92 
_struct_ref_seq.pdbx_auth_seq_align_end       270 
# 
_pdbx_struct_assembly.id                   1 
_pdbx_struct_assembly.details              author_and_software_defined_assembly 
_pdbx_struct_assembly.method_details       PQS 
_pdbx_struct_assembly.oligomeric_details   monomeric 
_pdbx_struct_assembly.oligomeric_count     1 
# 
_pdbx_struct_assembly_gen.assembly_id       1 
_pdbx_struct_assembly_gen.oper_expression   1 
_pdbx_struct_assembly_gen.asym_id_list      A,B,C,D,E,F,G,H,I 
# 
_pdbx_struct_oper_list.id                   1 
_pdbx_struct_oper_list.type                 'identity operation' 
_pdbx_struct_oper_list.name                 1_555 
_pdbx_struct_oper_list.symmetry_operation   x,y,z 
_pdbx_struct_oper_list.matrix[1][1]         1.0000000000 
_pdbx_struct_oper_list.matrix[1][2]         0.0000000000 
_pdbx_struct_oper_list.matrix[1][3]         0.0000000000 
_pdbx_struct_oper_list.vector[1]            0.0000000000 
_pdbx_struct_oper_list.matrix[2][1]         0.0000000000 
_pdbx_struct_oper_list.matrix[2][2]         1.0000000000 
_pdbx_struct_oper_list.matrix[2][3]         0.0000000000 
_pdbx_struct_oper_list.vector[2]            0.0000000000 
_pdbx_struct_oper_list.matrix[3][1]         0.0000000000 
_pdbx_struct_oper_list.matrix[3][2]         0.0000000000 
_pdbx_struct_oper_list.matrix[3][3]         1.0000000000 
_pdbx_struct_oper_list.vector[3]            0.0000000000 
# 
loop_
_struct_conf.conf_type_id 
_struct_conf.id 
_struct_conf.pdbx_PDB_helix_id 
_struct_conf.beg_label_comp_id 
_struct_conf.beg_label_asym_id 
_struct_conf.beg_label_seq_id 
_struct_conf.pdbx_beg_PDB_ins_code 
_struct_conf.end_label_comp_id 
_struct_conf.end_label_asym_id 
_struct_conf.end_label_seq_id 
_struct_conf.pdbx_end_PDB_ins_code 
_struct_conf.beg_auth_comp_id 
_struct_conf.beg_auth_asym_id 
_struct_conf.beg_auth_seq_id 
_struct_conf.end_auth_comp_id 
_struct_conf.end_auth_asym_id 
_struct_conf.end_auth_seq_id 
_struct_conf.pdbx_PDB_helix_class 
_struct_conf.details 
_struct_conf.pdbx_PDB_helix_length 
HELX_P HELX_P1  1  GLY A 3   ? GLY A 24  ? GLY A 94  GLY A 115 1 ? 22 
HELX_P HELX_P2  2  GLY A 24  ? ALA A 33  ? GLY A 115 ALA A 124 1 ? 10 
HELX_P HELX_P3  3  ASP A 37  ? LYS A 41  ? ASP A 128 LYS A 132 5 ? 5  
HELX_P HELX_P4  4  TRP A 45  ? HIS A 50  ? TRP A 136 HIS A 141 1 ? 6  
HELX_P HELX_P5  5  ALA A 51  ? MET A 53  ? ALA A 142 MET A 144 5 ? 3  
HELX_P HELX_P6  6  SER A 56  ? GLY A 79  ? SER A 147 GLY A 170 1 ? 24 
HELX_P HELX_P7  7  GLY A 79  ? GLY A 103 ? GLY A 170 GLY A 194 1 ? 25 
HELX_P HELX_P8  8  LEU A 109 ? ASP A 127 ? LEU A 200 ASP A 218 1 ? 19 
HELX_P HELX_P9  9  PRO A 128 ? GLY A 131 ? PRO A 219 GLY A 222 5 ? 4  
HELX_P HELX_P10 10 GLN A 135 ? PHE A 151 ? GLN A 226 PHE A 242 1 ? 17 
HELX_P HELX_P11 11 ALA A 159 ? SER A 178 ? ALA A 250 SER A 269 1 ? 20 
# 
_struct_conf_type.id          HELX_P 
_struct_conf_type.criteria    ? 
_struct_conf_type.reference   ? 
# 
_struct_conn.id                            covale1 
_struct_conn.conn_type_id                  covale 
_struct_conn.pdbx_leaving_atom_flag        none 
_struct_conn.pdbx_PDB_id                   ? 
_struct_conn.ptnr1_label_asym_id           A 
_struct_conn.ptnr1_label_comp_id           SER 
_struct_conn.ptnr1_label_seq_id            110 
_struct_conn.ptnr1_label_atom_id           OG 
_struct_conn.pdbx_ptnr1_label_alt_id       ? 
_struct_conn.pdbx_ptnr1_PDB_ins_code       ? 
_struct_conn.pdbx_ptnr1_standard_comp_id   ? 
_struct_conn.ptnr1_symmetry                1_555 
_struct_conn.ptnr2_label_asym_id           B 
_struct_conn.ptnr2_label_comp_id           L6C 
_struct_conn.ptnr2_label_seq_id            . 
_struct_conn.ptnr2_label_atom_id           C2 
_struct_conn.pdbx_ptnr2_label_alt_id       ? 
_struct_conn.pdbx_ptnr2_PDB_ins_code       ? 
_struct_conn.ptnr1_auth_asym_id            A 
_struct_conn.ptnr1_auth_comp_id            SER 
_struct_conn.ptnr1_auth_seq_id             201 
_struct_conn.ptnr2_auth_asym_id            A 
_struct_conn.ptnr2_auth_comp_id            L6C 
_struct_conn.ptnr2_auth_seq_id             401 
_struct_conn.ptnr2_symmetry                1_555 
_struct_conn.pdbx_ptnr3_label_atom_id      ? 
_struct_conn.pdbx_ptnr3_label_seq_id       ? 
_struct_conn.pdbx_ptnr3_label_comp_id      ? 
_struct_conn.pdbx_ptnr3_label_asym_id      ? 
_struct_conn.pdbx_ptnr3_label_alt_id       ? 
_struct_conn.pdbx_ptnr3_PDB_ins_code       ? 
_struct_conn.details                       ? 
_struct_conn.pdbx_dist_value               1.395 
_struct_conn.pdbx_value_order              ? 
_struct_conn.pdbx_role                     ? 
# 
_struct_conn_type.id          covale 
_struct_conn_type.criteria    ? 
_struct_conn_type.reference   ? 
# 
_pdbx_modification_feature.ordinal                            1 
_pdbx_modification_feature.label_comp_id                      L6C 
_pdbx_modification_feature.label_asym_id                      B 
_pdbx_modification_feature.label_seq_id                       . 
_pdbx_modification_feature.label_alt_id                       ? 
_pdbx_modification_feature.modified_residue_label_comp_id     SER 
_pdbx_modification_feature.modified_residue_label_asym_id     A 
_pdbx_modification_feature.modified_residue_label_seq_id      110 
_pdbx_modification_feature.modified_residue_label_alt_id      ? 
_pdbx_modification_feature.auth_comp_id                       L6C 
_pdbx_modification_feature.auth_asym_id                       A 
_pdbx_modification_feature.auth_seq_id                        401 
_pdbx_modification_feature.PDB_ins_code                       ? 
_pdbx_modification_feature.symmetry                           1_555 
_pdbx_modification_feature.modified_residue_auth_comp_id      SER 
_pdbx_modification_feature.modified_residue_auth_asym_id      A 
_pdbx_modification_feature.modified_residue_auth_seq_id       201 
_pdbx_modification_feature.modified_residue_PDB_ins_code      ? 
_pdbx_modification_feature.modified_residue_symmetry          1_555 
_pdbx_modification_feature.comp_id_linking_atom               C2 
_pdbx_modification_feature.modified_residue_id_linking_atom   OG 
_pdbx_modification_feature.modified_residue_id                SER 
_pdbx_modification_feature.ref_pcm_id                         1 
_pdbx_modification_feature.ref_comp_id                        L6C 
_pdbx_modification_feature.type                               None 
_pdbx_modification_feature.category                           'Covalent chemical modification' 
# 
_pdbx_entry_details.entry_id                   3ZMI 
_pdbx_entry_details.compound_details           ? 
_pdbx_entry_details.source_details             ? 
_pdbx_entry_details.nonpolymer_details         
;(3R)-3-(PHENOXYCARBONYLAMINO)-3-PHENYL- PROPANOIC ACID(L29):
THE C2 CARBON IS COVALENTLY LINKED TO SER 201
;
_pdbx_entry_details.sequence_details           ? 
_pdbx_entry_details.has_ligand_of_interest     ? 
_pdbx_entry_details.has_protein_modification   Y 
# 
_pdbx_validate_close_contact.id               1 
_pdbx_validate_close_contact.PDB_model_num    1 
_pdbx_validate_close_contact.auth_atom_id_1   OG 
_pdbx_validate_close_contact.auth_asym_id_1   A 
_pdbx_validate_close_contact.auth_comp_id_1   SER 
_pdbx_validate_close_contact.auth_seq_id_1    185 
_pdbx_validate_close_contact.PDB_ins_code_1   ? 
_pdbx_validate_close_contact.label_alt_id_1   ? 
_pdbx_validate_close_contact.auth_atom_id_2   O 
_pdbx_validate_close_contact.auth_asym_id_2   A 
_pdbx_validate_close_contact.auth_comp_id_2   HOH 
_pdbx_validate_close_contact.auth_seq_id_2    2021 
_pdbx_validate_close_contact.PDB_ins_code_2   ? 
_pdbx_validate_close_contact.label_alt_id_2   ? 
_pdbx_validate_close_contact.dist             2.18 
# 
loop_
_pdbx_validate_torsion.id 
_pdbx_validate_torsion.PDB_model_num 
_pdbx_validate_torsion.auth_comp_id 
_pdbx_validate_torsion.auth_asym_id 
_pdbx_validate_torsion.auth_seq_id 
_pdbx_validate_torsion.PDB_ins_code 
_pdbx_validate_torsion.label_alt_id 
_pdbx_validate_torsion.phi 
_pdbx_validate_torsion.psi 
1 1 ALA A 93  ? ? -37.98  126.62 
2 1 ASP A 218 ? ? -162.47 64.62  
# 
loop_
_pdbx_unobs_or_zero_occ_residues.id 
_pdbx_unobs_or_zero_occ_residues.PDB_model_num 
_pdbx_unobs_or_zero_occ_residues.polymer_flag 
_pdbx_unobs_or_zero_occ_residues.occupancy_flag 
_pdbx_unobs_or_zero_occ_residues.auth_asym_id 
_pdbx_unobs_or_zero_occ_residues.auth_comp_id 
_pdbx_unobs_or_zero_occ_residues.auth_seq_id 
_pdbx_unobs_or_zero_occ_residues.PDB_ins_code 
_pdbx_unobs_or_zero_occ_residues.label_asym_id 
_pdbx_unobs_or_zero_occ_residues.label_comp_id 
_pdbx_unobs_or_zero_occ_residues.label_seq_id 
1 1 Y 1 A PHE 245 ? A PHE 154 
2 1 Y 1 A GLY 246 ? A GLY 155 
3 1 Y 1 A MET 247 ? A MET 156 
4 1 Y 1 A SER 248 ? A SER 157 
5 1 Y 1 A MET 249 ? A MET 158 
# 
loop_
_chem_comp_atom.comp_id 
_chem_comp_atom.atom_id 
_chem_comp_atom.type_symbol 
_chem_comp_atom.pdbx_aromatic_flag 
_chem_comp_atom.pdbx_stereo_config 
_chem_comp_atom.pdbx_ordinal 
ALA N      N N N 1   
ALA CA     C N S 2   
ALA C      C N N 3   
ALA O      O N N 4   
ALA CB     C N N 5   
ALA OXT    O N N 6   
ALA H      H N N 7   
ALA H2     H N N 8   
ALA HA     H N N 9   
ALA HB1    H N N 10  
ALA HB2    H N N 11  
ALA HB3    H N N 12  
ALA HXT    H N N 13  
ARG N      N N N 14  
ARG CA     C N S 15  
ARG C      C N N 16  
ARG O      O N N 17  
ARG CB     C N N 18  
ARG CG     C N N 19  
ARG CD     C N N 20  
ARG NE     N N N 21  
ARG CZ     C N N 22  
ARG NH1    N N N 23  
ARG NH2    N N N 24  
ARG OXT    O N N 25  
ARG H      H N N 26  
ARG H2     H N N 27  
ARG HA     H N N 28  
ARG HB2    H N N 29  
ARG HB3    H N N 30  
ARG HG2    H N N 31  
ARG HG3    H N N 32  
ARG HD2    H N N 33  
ARG HD3    H N N 34  
ARG HE     H N N 35  
ARG HH11   H N N 36  
ARG HH12   H N N 37  
ARG HH21   H N N 38  
ARG HH22   H N N 39  
ARG HXT    H N N 40  
ASN N      N N N 41  
ASN CA     C N S 42  
ASN C      C N N 43  
ASN O      O N N 44  
ASN CB     C N N 45  
ASN CG     C N N 46  
ASN OD1    O N N 47  
ASN ND2    N N N 48  
ASN OXT    O N N 49  
ASN H      H N N 50  
ASN H2     H N N 51  
ASN HA     H N N 52  
ASN HB2    H N N 53  
ASN HB3    H N N 54  
ASN HD21   H N N 55  
ASN HD22   H N N 56  
ASN HXT    H N N 57  
ASP N      N N N 58  
ASP CA     C N S 59  
ASP C      C N N 60  
ASP O      O N N 61  
ASP CB     C N N 62  
ASP CG     C N N 63  
ASP OD1    O N N 64  
ASP OD2    O N N 65  
ASP OXT    O N N 66  
ASP H      H N N 67  
ASP H2     H N N 68  
ASP HA     H N N 69  
ASP HB2    H N N 70  
ASP HB3    H N N 71  
ASP HD2    H N N 72  
ASP HXT    H N N 73  
BNG C1     C N R 74  
BNG C2     C N R 75  
BNG C3     C N S 76  
BNG C4     C N S 77  
BNG C5     C N R 78  
BNG C6     C N N 79  
BNG "C1'"  C N N 80  
BNG "C2'"  C N N 81  
BNG "C3'"  C N N 82  
BNG "C4'"  C N N 83  
BNG "C5'"  C N N 84  
BNG "C6'"  C N N 85  
BNG "C7'"  C N N 86  
BNG "C8'"  C N N 87  
BNG "C9'"  C N N 88  
BNG O1     O N N 89  
BNG O2     O N N 90  
BNG O3     O N N 91  
BNG O4     O N N 92  
BNG O5     O N N 93  
BNG O6     O N N 94  
BNG H1     H N N 95  
BNG H2     H N N 96  
BNG H3     H N N 97  
BNG H4     H N N 98  
BNG H5     H N N 99  
BNG H61    H N N 100 
BNG H62    H N N 101 
BNG "H1'1" H N N 102 
BNG "H1'2" H N N 103 
BNG "H2'1" H N N 104 
BNG "H2'2" H N N 105 
BNG "H3'1" H N N 106 
BNG "H3'2" H N N 107 
BNG "H4'1" H N N 108 
BNG "H4'2" H N N 109 
BNG "H5'1" H N N 110 
BNG "H5'2" H N N 111 
BNG "H6'1" H N N 112 
BNG "H6'2" H N N 113 
BNG "H7'1" H N N 114 
BNG "H7'2" H N N 115 
BNG "H8'1" H N N 116 
BNG "H8'2" H N N 117 
BNG "H9'1" H N N 118 
BNG "H9'2" H N N 119 
BNG "H9'3" H N N 120 
BNG HO2    H N N 121 
BNG HO3    H N N 122 
BNG HO4    H N N 123 
BNG HO6    H N N 124 
CYS N      N N N 125 
CYS CA     C N R 126 
CYS C      C N N 127 
CYS O      O N N 128 
CYS CB     C N N 129 
CYS SG     S N N 130 
CYS OXT    O N N 131 
CYS H      H N N 132 
CYS H2     H N N 133 
CYS HA     H N N 134 
CYS HB2    H N N 135 
CYS HB3    H N N 136 
CYS HG     H N N 137 
CYS HXT    H N N 138 
GLN N      N N N 139 
GLN CA     C N S 140 
GLN C      C N N 141 
GLN O      O N N 142 
GLN CB     C N N 143 
GLN CG     C N N 144 
GLN CD     C N N 145 
GLN OE1    O N N 146 
GLN NE2    N N N 147 
GLN OXT    O N N 148 
GLN H      H N N 149 
GLN H2     H N N 150 
GLN HA     H N N 151 
GLN HB2    H N N 152 
GLN HB3    H N N 153 
GLN HG2    H N N 154 
GLN HG3    H N N 155 
GLN HE21   H N N 156 
GLN HE22   H N N 157 
GLN HXT    H N N 158 
GLU N      N N N 159 
GLU CA     C N S 160 
GLU C      C N N 161 
GLU O      O N N 162 
GLU CB     C N N 163 
GLU CG     C N N 164 
GLU CD     C N N 165 
GLU OE1    O N N 166 
GLU OE2    O N N 167 
GLU OXT    O N N 168 
GLU H      H N N 169 
GLU H2     H N N 170 
GLU HA     H N N 171 
GLU HB2    H N N 172 
GLU HB3    H N N 173 
GLU HG2    H N N 174 
GLU HG3    H N N 175 
GLU HE2    H N N 176 
GLU HXT    H N N 177 
GLY N      N N N 178 
GLY CA     C N N 179 
GLY C      C N N 180 
GLY O      O N N 181 
GLY OXT    O N N 182 
GLY H      H N N 183 
GLY H2     H N N 184 
GLY HA2    H N N 185 
GLY HA3    H N N 186 
GLY HXT    H N N 187 
HIS N      N N N 188 
HIS CA     C N S 189 
HIS C      C N N 190 
HIS O      O N N 191 
HIS CB     C N N 192 
HIS CG     C Y N 193 
HIS ND1    N Y N 194 
HIS CD2    C Y N 195 
HIS CE1    C Y N 196 
HIS NE2    N Y N 197 
HIS OXT    O N N 198 
HIS H      H N N 199 
HIS H2     H N N 200 
HIS HA     H N N 201 
HIS HB2    H N N 202 
HIS HB3    H N N 203 
HIS HD1    H N N 204 
HIS HD2    H N N 205 
HIS HE1    H N N 206 
HIS HE2    H N N 207 
HIS HXT    H N N 208 
HOH O      O N N 209 
HOH H1     H N N 210 
HOH H2     H N N 211 
ILE N      N N N 212 
ILE CA     C N S 213 
ILE C      C N N 214 
ILE O      O N N 215 
ILE CB     C N S 216 
ILE CG1    C N N 217 
ILE CG2    C N N 218 
ILE CD1    C N N 219 
ILE OXT    O N N 220 
ILE H      H N N 221 
ILE H2     H N N 222 
ILE HA     H N N 223 
ILE HB     H N N 224 
ILE HG12   H N N 225 
ILE HG13   H N N 226 
ILE HG21   H N N 227 
ILE HG22   H N N 228 
ILE HG23   H N N 229 
ILE HD11   H N N 230 
ILE HD12   H N N 231 
ILE HD13   H N N 232 
ILE HXT    H N N 233 
L6C O1     O N N 234 
L6C C2     C N N 235 
L6C C3     C N N 236 
L6C C4     C N R 237 
L6C C12    C Y N 238 
L6C C17    C Y N 239 
L6C C16    C Y N 240 
L6C C15    C Y N 241 
L6C C14    C Y N 242 
L6C C13    C Y N 243 
L6C N1     N N N 244 
L6C C5     C N N 245 
L6C O2     O N N 246 
L6C O3     O N N 247 
L6C C6     C Y N 248 
L6C C7     C Y N 249 
L6C C8     C Y N 250 
L6C C9     C Y N 251 
L6C C10    C Y N 252 
L6C C11    C Y N 253 
L6C H31C   H N N 254 
L6C H32C   H N N 255 
L6C HXT    H N N 256 
L6C H4     H N N 257 
L6C H1     H N N 258 
L6C H17    H N N 259 
L6C H13    H N N 260 
L6C H16    H N N 261 
L6C H15    H N N 262 
L6C H14    H N N 263 
L6C H7     H N N 264 
L6C H11    H N N 265 
L6C H8     H N N 266 
L6C H9     H N N 267 
L6C H10    H N N 268 
LEU N      N N N 269 
LEU CA     C N S 270 
LEU C      C N N 271 
LEU O      O N N 272 
LEU CB     C N N 273 
LEU CG     C N N 274 
LEU CD1    C N N 275 
LEU CD2    C N N 276 
LEU OXT    O N N 277 
LEU H      H N N 278 
LEU H2     H N N 279 
LEU HA     H N N 280 
LEU HB2    H N N 281 
LEU HB3    H N N 282 
LEU HG     H N N 283 
LEU HD11   H N N 284 
LEU HD12   H N N 285 
LEU HD13   H N N 286 
LEU HD21   H N N 287 
LEU HD22   H N N 288 
LEU HD23   H N N 289 
LEU HXT    H N N 290 
LYS N      N N N 291 
LYS CA     C N S 292 
LYS C      C N N 293 
LYS O      O N N 294 
LYS CB     C N N 295 
LYS CG     C N N 296 
LYS CD     C N N 297 
LYS CE     C N N 298 
LYS NZ     N N N 299 
LYS OXT    O N N 300 
LYS H      H N N 301 
LYS H2     H N N 302 
LYS HA     H N N 303 
LYS HB2    H N N 304 
LYS HB3    H N N 305 
LYS HG2    H N N 306 
LYS HG3    H N N 307 
LYS HD2    H N N 308 
LYS HD3    H N N 309 
LYS HE2    H N N 310 
LYS HE3    H N N 311 
LYS HZ1    H N N 312 
LYS HZ2    H N N 313 
LYS HZ3    H N N 314 
LYS HXT    H N N 315 
MET N      N N N 316 
MET CA     C N S 317 
MET C      C N N 318 
MET O      O N N 319 
MET CB     C N N 320 
MET CG     C N N 321 
MET SD     S N N 322 
MET CE     C N N 323 
MET OXT    O N N 324 
MET H      H N N 325 
MET H2     H N N 326 
MET HA     H N N 327 
MET HB2    H N N 328 
MET HB3    H N N 329 
MET HG2    H N N 330 
MET HG3    H N N 331 
MET HE1    H N N 332 
MET HE2    H N N 333 
MET HE3    H N N 334 
MET HXT    H N N 335 
PHE N      N N N 336 
PHE CA     C N S 337 
PHE C      C N N 338 
PHE O      O N N 339 
PHE CB     C N N 340 
PHE CG     C Y N 341 
PHE CD1    C Y N 342 
PHE CD2    C Y N 343 
PHE CE1    C Y N 344 
PHE CE2    C Y N 345 
PHE CZ     C Y N 346 
PHE OXT    O N N 347 
PHE H      H N N 348 
PHE H2     H N N 349 
PHE HA     H N N 350 
PHE HB2    H N N 351 
PHE HB3    H N N 352 
PHE HD1    H N N 353 
PHE HD2    H N N 354 
PHE HE1    H N N 355 
PHE HE2    H N N 356 
PHE HZ     H N N 357 
PHE HXT    H N N 358 
PRO N      N N N 359 
PRO CA     C N S 360 
PRO C      C N N 361 
PRO O      O N N 362 
PRO CB     C N N 363 
PRO CG     C N N 364 
PRO CD     C N N 365 
PRO OXT    O N N 366 
PRO H      H N N 367 
PRO HA     H N N 368 
PRO HB2    H N N 369 
PRO HB3    H N N 370 
PRO HG2    H N N 371 
PRO HG3    H N N 372 
PRO HD2    H N N 373 
PRO HD3    H N N 374 
PRO HXT    H N N 375 
SER N      N N N 376 
SER CA     C N S 377 
SER C      C N N 378 
SER O      O N N 379 
SER CB     C N N 380 
SER OG     O N N 381 
SER OXT    O N N 382 
SER H      H N N 383 
SER H2     H N N 384 
SER HA     H N N 385 
SER HB2    H N N 386 
SER HB3    H N N 387 
SER HG     H N N 388 
SER HXT    H N N 389 
THR N      N N N 390 
THR CA     C N S 391 
THR C      C N N 392 
THR O      O N N 393 
THR CB     C N R 394 
THR OG1    O N N 395 
THR CG2    C N N 396 
THR OXT    O N N 397 
THR H      H N N 398 
THR H2     H N N 399 
THR HA     H N N 400 
THR HB     H N N 401 
THR HG1    H N N 402 
THR HG21   H N N 403 
THR HG22   H N N 404 
THR HG23   H N N 405 
THR HXT    H N N 406 
TRP N      N N N 407 
TRP CA     C N S 408 
TRP C      C N N 409 
TRP O      O N N 410 
TRP CB     C N N 411 
TRP CG     C Y N 412 
TRP CD1    C Y N 413 
TRP CD2    C Y N 414 
TRP NE1    N Y N 415 
TRP CE2    C Y N 416 
TRP CE3    C Y N 417 
TRP CZ2    C Y N 418 
TRP CZ3    C Y N 419 
TRP CH2    C Y N 420 
TRP OXT    O N N 421 
TRP H      H N N 422 
TRP H2     H N N 423 
TRP HA     H N N 424 
TRP HB2    H N N 425 
TRP HB3    H N N 426 
TRP HD1    H N N 427 
TRP HE1    H N N 428 
TRP HE3    H N N 429 
TRP HZ2    H N N 430 
TRP HZ3    H N N 431 
TRP HH2    H N N 432 
TRP HXT    H N N 433 
TYR N      N N N 434 
TYR CA     C N S 435 
TYR C      C N N 436 
TYR O      O N N 437 
TYR CB     C N N 438 
TYR CG     C Y N 439 
TYR CD1    C Y N 440 
TYR CD2    C Y N 441 
TYR CE1    C Y N 442 
TYR CE2    C Y N 443 
TYR CZ     C Y N 444 
TYR OH     O N N 445 
TYR OXT    O N N 446 
TYR H      H N N 447 
TYR H2     H N N 448 
TYR HA     H N N 449 
TYR HB2    H N N 450 
TYR HB3    H N N 451 
TYR HD1    H N N 452 
TYR HD2    H N N 453 
TYR HE1    H N N 454 
TYR HE2    H N N 455 
TYR HH     H N N 456 
TYR HXT    H N N 457 
VAL N      N N N 458 
VAL CA     C N S 459 
VAL C      C N N 460 
VAL O      O N N 461 
VAL CB     C N N 462 
VAL CG1    C N N 463 
VAL CG2    C N N 464 
VAL OXT    O N N 465 
VAL H      H N N 466 
VAL H2     H N N 467 
VAL HA     H N N 468 
VAL HB     H N N 469 
VAL HG11   H N N 470 
VAL HG12   H N N 471 
VAL HG13   H N N 472 
VAL HG21   H N N 473 
VAL HG22   H N N 474 
VAL HG23   H N N 475 
VAL HXT    H N N 476 
# 
loop_
_chem_comp_bond.comp_id 
_chem_comp_bond.atom_id_1 
_chem_comp_bond.atom_id_2 
_chem_comp_bond.value_order 
_chem_comp_bond.pdbx_aromatic_flag 
_chem_comp_bond.pdbx_stereo_config 
_chem_comp_bond.pdbx_ordinal 
ALA N     CA     sing N N 1   
ALA N     H      sing N N 2   
ALA N     H2     sing N N 3   
ALA CA    C      sing N N 4   
ALA CA    CB     sing N N 5   
ALA CA    HA     sing N N 6   
ALA C     O      doub N N 7   
ALA C     OXT    sing N N 8   
ALA CB    HB1    sing N N 9   
ALA CB    HB2    sing N N 10  
ALA CB    HB3    sing N N 11  
ALA OXT   HXT    sing N N 12  
ARG N     CA     sing N N 13  
ARG N     H      sing N N 14  
ARG N     H2     sing N N 15  
ARG CA    C      sing N N 16  
ARG CA    CB     sing N N 17  
ARG CA    HA     sing N N 18  
ARG C     O      doub N N 19  
ARG C     OXT    sing N N 20  
ARG CB    CG     sing N N 21  
ARG CB    HB2    sing N N 22  
ARG CB    HB3    sing N N 23  
ARG CG    CD     sing N N 24  
ARG CG    HG2    sing N N 25  
ARG CG    HG3    sing N N 26  
ARG CD    NE     sing N N 27  
ARG CD    HD2    sing N N 28  
ARG CD    HD3    sing N N 29  
ARG NE    CZ     sing N N 30  
ARG NE    HE     sing N N 31  
ARG CZ    NH1    sing N N 32  
ARG CZ    NH2    doub N N 33  
ARG NH1   HH11   sing N N 34  
ARG NH1   HH12   sing N N 35  
ARG NH2   HH21   sing N N 36  
ARG NH2   HH22   sing N N 37  
ARG OXT   HXT    sing N N 38  
ASN N     CA     sing N N 39  
ASN N     H      sing N N 40  
ASN N     H2     sing N N 41  
ASN CA    C      sing N N 42  
ASN CA    CB     sing N N 43  
ASN CA    HA     sing N N 44  
ASN C     O      doub N N 45  
ASN C     OXT    sing N N 46  
ASN CB    CG     sing N N 47  
ASN CB    HB2    sing N N 48  
ASN CB    HB3    sing N N 49  
ASN CG    OD1    doub N N 50  
ASN CG    ND2    sing N N 51  
ASN ND2   HD21   sing N N 52  
ASN ND2   HD22   sing N N 53  
ASN OXT   HXT    sing N N 54  
ASP N     CA     sing N N 55  
ASP N     H      sing N N 56  
ASP N     H2     sing N N 57  
ASP CA    C      sing N N 58  
ASP CA    CB     sing N N 59  
ASP CA    HA     sing N N 60  
ASP C     O      doub N N 61  
ASP C     OXT    sing N N 62  
ASP CB    CG     sing N N 63  
ASP CB    HB2    sing N N 64  
ASP CB    HB3    sing N N 65  
ASP CG    OD1    doub N N 66  
ASP CG    OD2    sing N N 67  
ASP OD2   HD2    sing N N 68  
ASP OXT   HXT    sing N N 69  
BNG C1    C2     sing N N 70  
BNG C1    O1     sing N N 71  
BNG C1    O5     sing N N 72  
BNG C1    H1     sing N N 73  
BNG C2    C3     sing N N 74  
BNG C2    O2     sing N N 75  
BNG C2    H2     sing N N 76  
BNG C3    C4     sing N N 77  
BNG C3    O3     sing N N 78  
BNG C3    H3     sing N N 79  
BNG C4    C5     sing N N 80  
BNG C4    O4     sing N N 81  
BNG C4    H4     sing N N 82  
BNG C5    C6     sing N N 83  
BNG C5    O5     sing N N 84  
BNG C5    H5     sing N N 85  
BNG C6    O6     sing N N 86  
BNG C6    H61    sing N N 87  
BNG C6    H62    sing N N 88  
BNG "C1'" "C2'"  sing N N 89  
BNG "C1'" O1     sing N N 90  
BNG "C1'" "H1'1" sing N N 91  
BNG "C1'" "H1'2" sing N N 92  
BNG "C2'" "C3'"  sing N N 93  
BNG "C2'" "H2'1" sing N N 94  
BNG "C2'" "H2'2" sing N N 95  
BNG "C3'" "C4'"  sing N N 96  
BNG "C3'" "H3'1" sing N N 97  
BNG "C3'" "H3'2" sing N N 98  
BNG "C4'" "C5'"  sing N N 99  
BNG "C4'" "H4'1" sing N N 100 
BNG "C4'" "H4'2" sing N N 101 
BNG "C5'" "C6'"  sing N N 102 
BNG "C5'" "H5'1" sing N N 103 
BNG "C5'" "H5'2" sing N N 104 
BNG "C6'" "C7'"  sing N N 105 
BNG "C6'" "H6'1" sing N N 106 
BNG "C6'" "H6'2" sing N N 107 
BNG "C7'" "C8'"  sing N N 108 
BNG "C7'" "H7'1" sing N N 109 
BNG "C7'" "H7'2" sing N N 110 
BNG "C8'" "C9'"  sing N N 111 
BNG "C8'" "H8'1" sing N N 112 
BNG "C8'" "H8'2" sing N N 113 
BNG "C9'" "H9'1" sing N N 114 
BNG "C9'" "H9'2" sing N N 115 
BNG "C9'" "H9'3" sing N N 116 
BNG O2    HO2    sing N N 117 
BNG O3    HO3    sing N N 118 
BNG O4    HO4    sing N N 119 
BNG O6    HO6    sing N N 120 
CYS N     CA     sing N N 121 
CYS N     H      sing N N 122 
CYS N     H2     sing N N 123 
CYS CA    C      sing N N 124 
CYS CA    CB     sing N N 125 
CYS CA    HA     sing N N 126 
CYS C     O      doub N N 127 
CYS C     OXT    sing N N 128 
CYS CB    SG     sing N N 129 
CYS CB    HB2    sing N N 130 
CYS CB    HB3    sing N N 131 
CYS SG    HG     sing N N 132 
CYS OXT   HXT    sing N N 133 
GLN N     CA     sing N N 134 
GLN N     H      sing N N 135 
GLN N     H2     sing N N 136 
GLN CA    C      sing N N 137 
GLN CA    CB     sing N N 138 
GLN CA    HA     sing N N 139 
GLN C     O      doub N N 140 
GLN C     OXT    sing N N 141 
GLN CB    CG     sing N N 142 
GLN CB    HB2    sing N N 143 
GLN CB    HB3    sing N N 144 
GLN CG    CD     sing N N 145 
GLN CG    HG2    sing N N 146 
GLN CG    HG3    sing N N 147 
GLN CD    OE1    doub N N 148 
GLN CD    NE2    sing N N 149 
GLN NE2   HE21   sing N N 150 
GLN NE2   HE22   sing N N 151 
GLN OXT   HXT    sing N N 152 
GLU N     CA     sing N N 153 
GLU N     H      sing N N 154 
GLU N     H2     sing N N 155 
GLU CA    C      sing N N 156 
GLU CA    CB     sing N N 157 
GLU CA    HA     sing N N 158 
GLU C     O      doub N N 159 
GLU C     OXT    sing N N 160 
GLU CB    CG     sing N N 161 
GLU CB    HB2    sing N N 162 
GLU CB    HB3    sing N N 163 
GLU CG    CD     sing N N 164 
GLU CG    HG2    sing N N 165 
GLU CG    HG3    sing N N 166 
GLU CD    OE1    doub N N 167 
GLU CD    OE2    sing N N 168 
GLU OE2   HE2    sing N N 169 
GLU OXT   HXT    sing N N 170 
GLY N     CA     sing N N 171 
GLY N     H      sing N N 172 
GLY N     H2     sing N N 173 
GLY CA    C      sing N N 174 
GLY CA    HA2    sing N N 175 
GLY CA    HA3    sing N N 176 
GLY C     O      doub N N 177 
GLY C     OXT    sing N N 178 
GLY OXT   HXT    sing N N 179 
HIS N     CA     sing N N 180 
HIS N     H      sing N N 181 
HIS N     H2     sing N N 182 
HIS CA    C      sing N N 183 
HIS CA    CB     sing N N 184 
HIS CA    HA     sing N N 185 
HIS C     O      doub N N 186 
HIS C     OXT    sing N N 187 
HIS CB    CG     sing N N 188 
HIS CB    HB2    sing N N 189 
HIS CB    HB3    sing N N 190 
HIS CG    ND1    sing Y N 191 
HIS CG    CD2    doub Y N 192 
HIS ND1   CE1    doub Y N 193 
HIS ND1   HD1    sing N N 194 
HIS CD2   NE2    sing Y N 195 
HIS CD2   HD2    sing N N 196 
HIS CE1   NE2    sing Y N 197 
HIS CE1   HE1    sing N N 198 
HIS NE2   HE2    sing N N 199 
HIS OXT   HXT    sing N N 200 
HOH O     H1     sing N N 201 
HOH O     H2     sing N N 202 
ILE N     CA     sing N N 203 
ILE N     H      sing N N 204 
ILE N     H2     sing N N 205 
ILE CA    C      sing N N 206 
ILE CA    CB     sing N N 207 
ILE CA    HA     sing N N 208 
ILE C     O      doub N N 209 
ILE C     OXT    sing N N 210 
ILE CB    CG1    sing N N 211 
ILE CB    CG2    sing N N 212 
ILE CB    HB     sing N N 213 
ILE CG1   CD1    sing N N 214 
ILE CG1   HG12   sing N N 215 
ILE CG1   HG13   sing N N 216 
ILE CG2   HG21   sing N N 217 
ILE CG2   HG22   sing N N 218 
ILE CG2   HG23   sing N N 219 
ILE CD1   HD11   sing N N 220 
ILE CD1   HD12   sing N N 221 
ILE CD1   HD13   sing N N 222 
ILE OXT   HXT    sing N N 223 
L6C O1    C2     doub N N 224 
L6C C2    C3     sing N N 225 
L6C C2    HXT    sing N N 226 
L6C C3    C4     sing N N 227 
L6C C4    C12    sing N N 228 
L6C C4    N1     sing N N 229 
L6C C12   C17    sing Y N 230 
L6C C12   C13    doub Y N 231 
L6C C17   C16    doub Y N 232 
L6C C16   C15    sing Y N 233 
L6C C15   C14    doub Y N 234 
L6C C14   C13    sing Y N 235 
L6C N1    C5     sing N N 236 
L6C C5    O2     doub N N 237 
L6C C5    O3     sing N N 238 
L6C O3    C6     sing N N 239 
L6C C6    C7     sing Y N 240 
L6C C6    C11    doub Y N 241 
L6C C7    C8     doub Y N 242 
L6C C8    C9     sing Y N 243 
L6C C9    C10    doub Y N 244 
L6C C10   C11    sing Y N 245 
L6C C3    H31C   sing N N 246 
L6C C3    H32C   sing N N 247 
L6C C4    H4     sing N N 248 
L6C N1    H1     sing N N 249 
L6C C17   H17    sing N N 250 
L6C C13   H13    sing N N 251 
L6C C16   H16    sing N N 252 
L6C C15   H15    sing N N 253 
L6C C14   H14    sing N N 254 
L6C C7    H7     sing N N 255 
L6C C11   H11    sing N N 256 
L6C C8    H8     sing N N 257 
L6C C9    H9     sing N N 258 
L6C C10   H10    sing N N 259 
LEU N     CA     sing N N 260 
LEU N     H      sing N N 261 
LEU N     H2     sing N N 262 
LEU CA    C      sing N N 263 
LEU CA    CB     sing N N 264 
LEU CA    HA     sing N N 265 
LEU C     O      doub N N 266 
LEU C     OXT    sing N N 267 
LEU CB    CG     sing N N 268 
LEU CB    HB2    sing N N 269 
LEU CB    HB3    sing N N 270 
LEU CG    CD1    sing N N 271 
LEU CG    CD2    sing N N 272 
LEU CG    HG     sing N N 273 
LEU CD1   HD11   sing N N 274 
LEU CD1   HD12   sing N N 275 
LEU CD1   HD13   sing N N 276 
LEU CD2   HD21   sing N N 277 
LEU CD2   HD22   sing N N 278 
LEU CD2   HD23   sing N N 279 
LEU OXT   HXT    sing N N 280 
LYS N     CA     sing N N 281 
LYS N     H      sing N N 282 
LYS N     H2     sing N N 283 
LYS CA    C      sing N N 284 
LYS CA    CB     sing N N 285 
LYS CA    HA     sing N N 286 
LYS C     O      doub N N 287 
LYS C     OXT    sing N N 288 
LYS CB    CG     sing N N 289 
LYS CB    HB2    sing N N 290 
LYS CB    HB3    sing N N 291 
LYS CG    CD     sing N N 292 
LYS CG    HG2    sing N N 293 
LYS CG    HG3    sing N N 294 
LYS CD    CE     sing N N 295 
LYS CD    HD2    sing N N 296 
LYS CD    HD3    sing N N 297 
LYS CE    NZ     sing N N 298 
LYS CE    HE2    sing N N 299 
LYS CE    HE3    sing N N 300 
LYS NZ    HZ1    sing N N 301 
LYS NZ    HZ2    sing N N 302 
LYS NZ    HZ3    sing N N 303 
LYS OXT   HXT    sing N N 304 
MET N     CA     sing N N 305 
MET N     H      sing N N 306 
MET N     H2     sing N N 307 
MET CA    C      sing N N 308 
MET CA    CB     sing N N 309 
MET CA    HA     sing N N 310 
MET C     O      doub N N 311 
MET C     OXT    sing N N 312 
MET CB    CG     sing N N 313 
MET CB    HB2    sing N N 314 
MET CB    HB3    sing N N 315 
MET CG    SD     sing N N 316 
MET CG    HG2    sing N N 317 
MET CG    HG3    sing N N 318 
MET SD    CE     sing N N 319 
MET CE    HE1    sing N N 320 
MET CE    HE2    sing N N 321 
MET CE    HE3    sing N N 322 
MET OXT   HXT    sing N N 323 
PHE N     CA     sing N N 324 
PHE N     H      sing N N 325 
PHE N     H2     sing N N 326 
PHE CA    C      sing N N 327 
PHE CA    CB     sing N N 328 
PHE CA    HA     sing N N 329 
PHE C     O      doub N N 330 
PHE C     OXT    sing N N 331 
PHE CB    CG     sing N N 332 
PHE CB    HB2    sing N N 333 
PHE CB    HB3    sing N N 334 
PHE CG    CD1    doub Y N 335 
PHE CG    CD2    sing Y N 336 
PHE CD1   CE1    sing Y N 337 
PHE CD1   HD1    sing N N 338 
PHE CD2   CE2    doub Y N 339 
PHE CD2   HD2    sing N N 340 
PHE CE1   CZ     doub Y N 341 
PHE CE1   HE1    sing N N 342 
PHE CE2   CZ     sing Y N 343 
PHE CE2   HE2    sing N N 344 
PHE CZ    HZ     sing N N 345 
PHE OXT   HXT    sing N N 346 
PRO N     CA     sing N N 347 
PRO N     CD     sing N N 348 
PRO N     H      sing N N 349 
PRO CA    C      sing N N 350 
PRO CA    CB     sing N N 351 
PRO CA    HA     sing N N 352 
PRO C     O      doub N N 353 
PRO C     OXT    sing N N 354 
PRO CB    CG     sing N N 355 
PRO CB    HB2    sing N N 356 
PRO CB    HB3    sing N N 357 
PRO CG    CD     sing N N 358 
PRO CG    HG2    sing N N 359 
PRO CG    HG3    sing N N 360 
PRO CD    HD2    sing N N 361 
PRO CD    HD3    sing N N 362 
PRO OXT   HXT    sing N N 363 
SER N     CA     sing N N 364 
SER N     H      sing N N 365 
SER N     H2     sing N N 366 
SER CA    C      sing N N 367 
SER CA    CB     sing N N 368 
SER CA    HA     sing N N 369 
SER C     O      doub N N 370 
SER C     OXT    sing N N 371 
SER CB    OG     sing N N 372 
SER CB    HB2    sing N N 373 
SER CB    HB3    sing N N 374 
SER OG    HG     sing N N 375 
SER OXT   HXT    sing N N 376 
THR N     CA     sing N N 377 
THR N     H      sing N N 378 
THR N     H2     sing N N 379 
THR CA    C      sing N N 380 
THR CA    CB     sing N N 381 
THR CA    HA     sing N N 382 
THR C     O      doub N N 383 
THR C     OXT    sing N N 384 
THR CB    OG1    sing N N 385 
THR CB    CG2    sing N N 386 
THR CB    HB     sing N N 387 
THR OG1   HG1    sing N N 388 
THR CG2   HG21   sing N N 389 
THR CG2   HG22   sing N N 390 
THR CG2   HG23   sing N N 391 
THR OXT   HXT    sing N N 392 
TRP N     CA     sing N N 393 
TRP N     H      sing N N 394 
TRP N     H2     sing N N 395 
TRP CA    C      sing N N 396 
TRP CA    CB     sing N N 397 
TRP CA    HA     sing N N 398 
TRP C     O      doub N N 399 
TRP C     OXT    sing N N 400 
TRP CB    CG     sing N N 401 
TRP CB    HB2    sing N N 402 
TRP CB    HB3    sing N N 403 
TRP CG    CD1    doub Y N 404 
TRP CG    CD2    sing Y N 405 
TRP CD1   NE1    sing Y N 406 
TRP CD1   HD1    sing N N 407 
TRP CD2   CE2    doub Y N 408 
TRP CD2   CE3    sing Y N 409 
TRP NE1   CE2    sing Y N 410 
TRP NE1   HE1    sing N N 411 
TRP CE2   CZ2    sing Y N 412 
TRP CE3   CZ3    doub Y N 413 
TRP CE3   HE3    sing N N 414 
TRP CZ2   CH2    doub Y N 415 
TRP CZ2   HZ2    sing N N 416 
TRP CZ3   CH2    sing Y N 417 
TRP CZ3   HZ3    sing N N 418 
TRP CH2   HH2    sing N N 419 
TRP OXT   HXT    sing N N 420 
TYR N     CA     sing N N 421 
TYR N     H      sing N N 422 
TYR N     H2     sing N N 423 
TYR CA    C      sing N N 424 
TYR CA    CB     sing N N 425 
TYR CA    HA     sing N N 426 
TYR C     O      doub N N 427 
TYR C     OXT    sing N N 428 
TYR CB    CG     sing N N 429 
TYR CB    HB2    sing N N 430 
TYR CB    HB3    sing N N 431 
TYR CG    CD1    doub Y N 432 
TYR CG    CD2    sing Y N 433 
TYR CD1   CE1    sing Y N 434 
TYR CD1   HD1    sing N N 435 
TYR CD2   CE2    doub Y N 436 
TYR CD2   HD2    sing N N 437 
TYR CE1   CZ     doub Y N 438 
TYR CE1   HE1    sing N N 439 
TYR CE2   CZ     sing Y N 440 
TYR CE2   HE2    sing N N 441 
TYR CZ    OH     sing N N 442 
TYR OH    HH     sing N N 443 
TYR OXT   HXT    sing N N 444 
VAL N     CA     sing N N 445 
VAL N     H      sing N N 446 
VAL N     H2     sing N N 447 
VAL CA    C      sing N N 448 
VAL CA    CB     sing N N 449 
VAL CA    HA     sing N N 450 
VAL C     O      doub N N 451 
VAL C     OXT    sing N N 452 
VAL CB    CG1    sing N N 453 
VAL CB    CG2    sing N N 454 
VAL CB    HB     sing N N 455 
VAL CG1   HG11   sing N N 456 
VAL CG1   HG12   sing N N 457 
VAL CG1   HG13   sing N N 458 
VAL CG2   HG21   sing N N 459 
VAL CG2   HG22   sing N N 460 
VAL CG2   HG23   sing N N 461 
VAL OXT   HXT    sing N N 462 
# 
_pdbx_initial_refinement_model.id               1 
_pdbx_initial_refinement_model.entity_id_list   ? 
_pdbx_initial_refinement_model.type             'experimental model' 
_pdbx_initial_refinement_model.source_name      PDB 
_pdbx_initial_refinement_model.accession_code   2XOV 
_pdbx_initial_refinement_model.details          'PDB ENTRY 2XOV' 
# 
_atom_sites.entry_id                    3ZMI 
_atom_sites.fract_transf_matrix[1][1]   -0.00936633 
_atom_sites.fract_transf_matrix[1][2]   -0.00452283 
_atom_sites.fract_transf_matrix[1][3]   -0.00092226 
_atom_sites.fract_transf_matrix[2][1]   -0.00320900 
_atom_sites.fract_transf_matrix[2][2]   -0.00351300 
_atom_sites.fract_transf_matrix[2][3]   -0.00929497 
_atom_sites.fract_transf_matrix[3][1]   0.00319677 
_atom_sites.fract_transf_matrix[3][2]   -0.00692916 
_atom_sites.fract_transf_matrix[3][3]   0.00151520 
_atom_sites.fract_transf_vector[1]      0.080850 
_atom_sites.fract_transf_vector[2]      -0.123402 
_atom_sites.fract_transf_vector[3]      0.348712 
# 
loop_
_atom_type.symbol 
C 
N 
O 
S 
# 
loop_
_atom_site.group_PDB 
_atom_site.id 
_atom_site.type_symbol 
_atom_site.label_atom_id 
_atom_site.label_alt_id 
_atom_site.label_comp_id 
_atom_site.label_asym_id 
_atom_site.label_entity_id 
_atom_site.label_seq_id 
_atom_site.pdbx_PDB_ins_code 
_atom_site.Cartn_x 
_atom_site.Cartn_y 
_atom_site.Cartn_z 
_atom_site.occupancy 
_atom_site.B_iso_or_equiv 
_atom_site.pdbx_formal_charge 
_atom_site.auth_seq_id 
_atom_site.auth_comp_id 
_atom_site.auth_asym_id 
_atom_site.auth_atom_id 
_atom_site.pdbx_PDB_model_num 
ATOM   1    N N     . ARG A 1 1   ? 3.946   18.534  -8.309  1.00 55.30 ? 92   ARG A N     1 
ATOM   2    C CA    . ARG A 1 1   ? 5.047   17.816  -7.680  1.00 56.03 ? 92   ARG A CA    1 
ATOM   3    C C     . ARG A 1 1   ? 4.556   17.142  -6.401  1.00 64.35 ? 92   ARG A C     1 
ATOM   4    O O     . ARG A 1 1   ? 3.850   17.773  -5.611  1.00 64.50 ? 92   ARG A O     1 
ATOM   5    C CB    . ARG A 1 1   ? 6.182   18.783  -7.352  1.00 60.03 ? 92   ARG A CB    1 
ATOM   6    N N     . ALA A 1 2   ? 4.939   15.873  -6.213  1.00 57.96 ? 93   ALA A N     1 
ATOM   7    C CA    . ALA A 1 2   ? 4.476   15.013  -5.112  1.00 47.35 ? 93   ALA A CA    1 
ATOM   8    C C     . ALA A 1 2   ? 4.304   15.724  -3.761  1.00 46.12 ? 93   ALA A C     1 
ATOM   9    O O     . ALA A 1 2   ? 5.229   16.367  -3.271  1.00 47.49 ? 93   ALA A O     1 
ATOM   10   C CB    . ALA A 1 2   ? 5.416   13.815  -4.953  1.00 42.99 ? 93   ALA A CB    1 
ATOM   11   N N     . GLY A 1 3   ? 3.122   15.595  -3.161  1.00 45.65 ? 94   GLY A N     1 
ATOM   12   C CA    . GLY A 1 3   ? 2.804   16.305  -1.931  1.00 39.04 ? 94   GLY A CA    1 
ATOM   13   C C     . GLY A 1 3   ? 3.570   15.754  -0.747  1.00 37.99 ? 94   GLY A C     1 
ATOM   14   O O     . GLY A 1 3   ? 4.347   14.816  -0.888  1.00 42.69 ? 94   GLY A O     1 
ATOM   15   N N     . PRO A 1 4   ? 3.344   16.321  0.439   1.00 38.16 ? 95   PRO A N     1 
ATOM   16   C CA    . PRO A 1 4   ? 4.149   15.943  1.598   1.00 36.08 ? 95   PRO A CA    1 
ATOM   17   C C     . PRO A 1 4   ? 3.941   14.507  2.090   1.00 41.53 ? 95   PRO A C     1 
ATOM   18   O O     . PRO A 1 4   ? 4.932   13.883  2.499   1.00 42.48 ? 95   PRO A O     1 
ATOM   19   C CB    . PRO A 1 4   ? 3.726   16.961  2.661   1.00 41.02 ? 95   PRO A CB    1 
ATOM   20   C CG    . PRO A 1 4   ? 2.358   17.384  2.255   1.00 41.70 ? 95   PRO A CG    1 
ATOM   21   C CD    . PRO A 1 4   ? 2.331   17.342  0.763   1.00 39.35 ? 95   PRO A CD    1 
ATOM   22   N N     . VAL A 1 5   ? 2.711   13.987  2.071   1.00 38.88 ? 96   VAL A N     1 
ATOM   23   C CA    . VAL A 1 5   ? 2.500   12.608  2.522   1.00 34.25 ? 96   VAL A CA    1 
ATOM   24   C C     . VAL A 1 5   ? 3.131   11.651  1.511   1.00 37.07 ? 96   VAL A C     1 
ATOM   25   O O     . VAL A 1 5   ? 3.821   10.710  1.886   1.00 36.90 ? 96   VAL A O     1 
ATOM   26   C CB    . VAL A 1 5   ? 0.996   12.244  2.689   1.00 37.53 ? 96   VAL A CB    1 
ATOM   27   C CG1   . VAL A 1 5   ? 0.845   10.758  2.976   1.00 31.28 ? 96   VAL A CG1   1 
ATOM   28   C CG2   . VAL A 1 5   ? 0.348   13.065  3.798   1.00 34.60 ? 96   VAL A CG2   1 
ATOM   29   N N     . THR A 1 6   ? 2.874   11.897  0.230   1.00 33.72 ? 97   THR A N     1 
ATOM   30   C CA    . THR A 1 6   ? 3.451   11.098  -0.843  1.00 38.80 ? 97   THR A CA    1 
ATOM   31   C C     . THR A 1 6   ? 4.981   11.074  -0.740  1.00 39.07 ? 97   THR A C     1 
ATOM   32   O O     . THR A 1 6   ? 5.623   10.028  -0.869  1.00 40.42 ? 97   THR A O     1 
ATOM   33   C CB    . THR A 1 6   ? 3.062   11.691  -2.204  1.00 39.71 ? 97   THR A CB    1 
ATOM   34   O OG1   . THR A 1 6   ? 1.641   11.817  -2.273  1.00 34.29 ? 97   THR A OG1   1 
ATOM   35   C CG2   . THR A 1 6   ? 3.556   10.825  -3.340  1.00 35.30 ? 97   THR A CG2   1 
ATOM   36   N N     . TRP A 1 7   ? 5.548   12.248  -0.488  1.00 39.27 ? 98   TRP A N     1 
ATOM   37   C CA    . TRP A 1 7   ? 6.982   12.429  -0.381  1.00 38.08 ? 98   TRP A CA    1 
ATOM   38   C C     . TRP A 1 7   ? 7.556   11.727  0.837   1.00 42.44 ? 98   TRP A C     1 
ATOM   39   O O     . TRP A 1 7   ? 8.520   10.980  0.717   1.00 41.91 ? 98   TRP A O     1 
ATOM   40   C CB    . TRP A 1 7   ? 7.289   13.927  -0.304  1.00 39.65 ? 98   TRP A CB    1 
ATOM   41   C CG    . TRP A 1 7   ? 8.707   14.264  -0.012  1.00 47.67 ? 98   TRP A CG    1 
ATOM   42   C CD1   . TRP A 1 7   ? 9.173   14.999  1.038   1.00 54.54 ? 98   TRP A CD1   1 
ATOM   43   C CD2   . TRP A 1 7   ? 9.854   13.893  -0.783  1.00 45.59 ? 98   TRP A CD2   1 
ATOM   44   N NE1   . TRP A 1 7   ? 10.543  15.107  0.970   1.00 53.72 ? 98   TRP A NE1   1 
ATOM   45   C CE2   . TRP A 1 7   ? 10.983  14.439  -0.142  1.00 53.18 ? 98   TRP A CE2   1 
ATOM   46   C CE3   . TRP A 1 7   ? 10.036  13.159  -1.957  1.00 49.66 ? 98   TRP A CE3   1 
ATOM   47   C CZ2   . TRP A 1 7   ? 12.276  14.270  -0.635  1.00 56.55 ? 98   TRP A CZ2   1 
ATOM   48   C CZ3   . TRP A 1 7   ? 11.318  12.991  -2.445  1.00 55.35 ? 98   TRP A CZ3   1 
ATOM   49   C CH2   . TRP A 1 7   ? 12.420  13.542  -1.785  1.00 47.25 ? 98   TRP A CH2   1 
ATOM   50   N N     . VAL A 1 8   ? 6.977   11.974  2.012   1.00 38.94 ? 99   VAL A N     1 
ATOM   51   C CA    . VAL A 1 8   ? 7.527   11.396  3.243   1.00 40.12 ? 99   VAL A CA    1 
ATOM   52   C C     . VAL A 1 8   ? 7.474   9.873   3.229   1.00 42.61 ? 99   VAL A C     1 
ATOM   53   O O     . VAL A 1 8   ? 8.351   9.209   3.781   1.00 41.86 ? 99   VAL A O     1 
ATOM   54   C CB    . VAL A 1 8   ? 6.832   11.951  4.508   1.00 42.18 ? 99   VAL A CB    1 
ATOM   55   C CG1   . VAL A 1 8   ? 7.304   11.214  5.758   1.00 46.91 ? 99   VAL A CG1   1 
ATOM   56   C CG2   . VAL A 1 8   ? 7.098   13.436  4.650   1.00 44.75 ? 99   VAL A CG2   1 
ATOM   57   N N     . MET A 1 9   ? 6.446   9.312   2.596   1.00 40.57 ? 100  MET A N     1 
ATOM   58   C CA    . MET A 1 9   ? 6.347   7.856   2.520   1.00 39.85 ? 100  MET A CA    1 
ATOM   59   C C     . MET A 1 9   ? 7.452   7.270   1.623   1.00 41.11 ? 100  MET A C     1 
ATOM   60   O O     . MET A 1 9   ? 8.055   6.245   1.948   1.00 40.13 ? 100  MET A O     1 
ATOM   61   C CB    . MET A 1 9   ? 4.977   7.434   1.999   1.00 31.63 ? 100  MET A CB    1 
ATOM   62   C CG    . MET A 1 9   ? 4.906   5.947   1.615   1.00 33.55 ? 100  MET A CG    1 
ATOM   63   S SD    . MET A 1 9   ? 4.931   4.899   3.090   1.00 40.96 ? 100  MET A SD    1 
ATOM   64   C CE    . MET A 1 9   ? 3.173   4.889   3.454   1.00 36.56 ? 100  MET A CE    1 
ATOM   65   N N     . MET A 1 10  ? 7.684   7.900   0.476   1.00 39.32 ? 101  MET A N     1 
ATOM   66   C CA    . MET A 1 10  ? 8.716   7.438   -0.448  1.00 41.06 ? 101  MET A CA    1 
ATOM   67   C C     . MET A 1 10  ? 10.063  7.477   0.216   1.00 41.41 ? 101  MET A C     1 
ATOM   68   O O     . MET A 1 10  ? 10.837  6.536   0.108   1.00 45.76 ? 101  MET A O     1 
ATOM   69   C CB    . MET A 1 10  ? 8.743   8.295   -1.707  1.00 39.21 ? 101  MET A CB    1 
ATOM   70   C CG    . MET A 1 10  ? 7.540   8.058   -2.586  1.00 40.32 ? 101  MET A CG    1 
ATOM   71   S SD    . MET A 1 10  ? 7.568   9.130   -4.011  1.00 46.89 ? 101  MET A SD    1 
ATOM   72   C CE    . MET A 1 10  ? 8.345   8.023   -5.176  1.00 49.44 ? 101  MET A CE    1 
ATOM   73   N N     . ILE A 1 11  ? 10.342  8.563   0.919   1.00 41.81 ? 102  ILE A N     1 
ATOM   74   C CA    . ILE A 1 11  ? 11.622  8.676   1.586   1.00 45.39 ? 102  ILE A CA    1 
ATOM   75   C C     . ILE A 1 11  ? 11.733  7.674   2.738   1.00 50.95 ? 102  ILE A C     1 
ATOM   76   O O     . ILE A 1 11  ? 12.779  7.041   2.914   1.00 53.15 ? 102  ILE A O     1 
ATOM   77   C CB    . ILE A 1 11  ? 11.926  10.121  2.026   1.00 49.70 ? 102  ILE A CB    1 
ATOM   78   C CG1   . ILE A 1 11  ? 13.338  10.226  2.604   1.00 60.46 ? 102  ILE A CG1   1 
ATOM   79   C CG2   . ILE A 1 11  ? 10.938  10.605  3.036   1.00 55.48 ? 102  ILE A CG2   1 
ATOM   80   C CD1   . ILE A 1 11  ? 14.408  10.487  1.548   1.00 65.73 ? 102  ILE A CD1   1 
ATOM   81   N N     . ALA A 1 12  ? 10.659  7.502   3.506   1.00 46.70 ? 103  ALA A N     1 
ATOM   82   C CA    . ALA A 1 12  ? 10.668  6.521   4.583   1.00 42.48 ? 103  ALA A CA    1 
ATOM   83   C C     . ALA A 1 12  ? 10.931  5.113   4.035   1.00 40.96 ? 103  ALA A C     1 
ATOM   84   O O     . ALA A 1 12  ? 11.713  4.350   4.601   1.00 45.92 ? 103  ALA A O     1 
ATOM   85   C CB    . ALA A 1 12  ? 9.358   6.572   5.382   1.00 44.33 ? 103  ALA A CB    1 
ATOM   86   N N     . CYS A 1 13  ? 10.293  4.767   2.922   1.00 42.81 ? 104  CYS A N     1 
ATOM   87   C CA    . CYS A 1 13  ? 10.535  3.462   2.310   1.00 46.40 ? 104  CYS A CA    1 
ATOM   88   C C     . CYS A 1 13  ? 11.966  3.302   1.777   1.00 50.18 ? 104  CYS A C     1 
ATOM   89   O O     . CYS A 1 13  ? 12.501  2.185   1.742   1.00 46.24 ? 104  CYS A O     1 
ATOM   90   C CB    . CYS A 1 13  ? 9.537   3.199   1.187   1.00 46.38 ? 104  CYS A CB    1 
ATOM   91   S SG    . CYS A 1 13  ? 7.876   2.810   1.786   1.00 39.70 ? 104  CYS A SG    1 
ATOM   92   N N     . VAL A 1 14  ? 12.561  4.413   1.345   1.00 46.45 ? 105  VAL A N     1 
ATOM   93   C CA    . VAL A 1 14  ? 13.933  4.428   0.843   1.00 47.89 ? 105  VAL A CA    1 
ATOM   94   C C     . VAL A 1 14  ? 14.889  4.212   2.001   1.00 43.25 ? 105  VAL A C     1 
ATOM   95   O O     . VAL A 1 14  ? 15.757  3.350   1.954   1.00 47.88 ? 105  VAL A O     1 
ATOM   96   C CB    . VAL A 1 14  ? 14.264  5.769   0.137   1.00 45.21 ? 105  VAL A CB    1 
ATOM   97   C CG1   . VAL A 1 14  ? 15.760  6.029   0.139   1.00 54.05 ? 105  VAL A CG1   1 
ATOM   98   C CG2   . VAL A 1 14  ? 13.722  5.765   -1.281  1.00 46.94 ? 105  VAL A CG2   1 
ATOM   99   N N     . VAL A 1 15  ? 14.697  4.989   3.057   1.00 45.45 ? 106  VAL A N     1 
ATOM   100  C CA    . VAL A 1 15  ? 15.523  4.887   4.237   1.00 45.16 ? 106  VAL A CA    1 
ATOM   101  C C     . VAL A 1 15  ? 15.470  3.505   4.853   1.00 51.19 ? 106  VAL A C     1 
ATOM   102  O O     . VAL A 1 15  ? 16.515  2.924   5.160   1.00 55.74 ? 106  VAL A O     1 
ATOM   103  C CB    . VAL A 1 15  ? 15.144  5.939   5.277   1.00 51.26 ? 106  VAL A CB    1 
ATOM   104  C CG1   . VAL A 1 15  ? 15.833  5.641   6.596   1.00 50.75 ? 106  VAL A CG1   1 
ATOM   105  C CG2   . VAL A 1 15  ? 15.542  7.312   4.770   1.00 50.17 ? 106  VAL A CG2   1 
ATOM   106  N N     . VAL A 1 16  ? 14.267  2.961   5.027   1.00 49.89 ? 107  VAL A N     1 
ATOM   107  C CA    . VAL A 1 16  ? 14.150  1.614   5.582   1.00 44.78 ? 107  VAL A CA    1 
ATOM   108  C C     . VAL A 1 16  ? 14.861  0.583   4.688   1.00 42.22 ? 107  VAL A C     1 
ATOM   109  O O     . VAL A 1 16  ? 15.478  -0.351  5.183   1.00 39.16 ? 107  VAL A O     1 
ATOM   110  C CB    . VAL A 1 16  ? 12.666  1.196   5.824   1.00 43.95 ? 107  VAL A CB    1 
ATOM   111  C CG1   . VAL A 1 16  ? 12.569  -0.278  6.136   1.00 36.60 ? 107  VAL A CG1   1 
ATOM   112  C CG2   . VAL A 1 16  ? 12.041  2.016   6.945   1.00 38.23 ? 107  VAL A CG2   1 
ATOM   113  N N     . PHE A 1 17  ? 14.751  0.742   3.374   1.00 43.33 ? 108  PHE A N     1 
ATOM   114  C CA    . PHE A 1 17  ? 15.349  -0.207  2.431   1.00 44.66 ? 108  PHE A CA    1 
ATOM   115  C C     . PHE A 1 17  ? 16.878  -0.134  2.508   1.00 50.23 ? 108  PHE A C     1 
ATOM   116  O O     . PHE A 1 17  ? 17.558  -1.133  2.305   1.00 55.88 ? 108  PHE A O     1 
ATOM   117  C CB    . PHE A 1 17  ? 14.882  0.113   1.011   1.00 45.73 ? 108  PHE A CB    1 
ATOM   118  C CG    . PHE A 1 17  ? 15.287  -0.902  -0.022  1.00 49.12 ? 108  PHE A CG    1 
ATOM   119  C CD1   . PHE A 1 17  ? 14.623  -2.120  -0.120  1.00 46.40 ? 108  PHE A CD1   1 
ATOM   120  C CD2   . PHE A 1 17  ? 16.295  -0.622  -0.932  1.00 51.78 ? 108  PHE A CD2   1 
ATOM   121  C CE1   . PHE A 1 17  ? 14.974  -3.053  -1.085  1.00 46.90 ? 108  PHE A CE1   1 
ATOM   122  C CE2   . PHE A 1 17  ? 16.650  -1.549  -1.908  1.00 54.48 ? 108  PHE A CE2   1 
ATOM   123  C CZ    . PHE A 1 17  ? 15.986  -2.764  -1.984  1.00 56.54 ? 108  PHE A CZ    1 
ATOM   124  N N     . ILE A 1 18  ? 17.406  1.054   2.798   1.00 46.41 ? 109  ILE A N     1 
ATOM   125  C CA    . ILE A 1 18  ? 18.850  1.232   2.958   1.00 51.56 ? 109  ILE A CA    1 
ATOM   126  C C     . ILE A 1 18  ? 19.314  0.476   4.193   1.00 54.15 ? 109  ILE A C     1 
ATOM   127  O O     . ILE A 1 18  ? 20.334  -0.221  4.165   1.00 55.59 ? 109  ILE A O     1 
ATOM   128  C CB    . ILE A 1 18  ? 19.223  2.726   3.073   1.00 46.96 ? 109  ILE A CB    1 
ATOM   129  C CG1   . ILE A 1 18  ? 19.061  3.409   1.715   1.00 46.98 ? 109  ILE A CG1   1 
ATOM   130  C CG2   . ILE A 1 18  ? 20.637  2.896   3.591   1.00 51.28 ? 109  ILE A CG2   1 
ATOM   131  C CD1   . ILE A 1 18  ? 19.424  4.877   1.737   1.00 51.13 ? 109  ILE A CD1   1 
ATOM   132  N N     . ALA A 1 19  ? 18.539  0.594   5.269   1.00 53.55 ? 110  ALA A N     1 
ATOM   133  C CA    . ALA A 1 19  ? 18.824  -0.112  6.526   1.00 52.65 ? 110  ALA A CA    1 
ATOM   134  C C     . ALA A 1 19  ? 18.789  -1.635  6.385   1.00 53.37 ? 110  ALA A C     1 
ATOM   135  O O     . ALA A 1 19  ? 19.461  -2.348  7.126   1.00 54.26 ? 110  ALA A O     1 
ATOM   136  C CB    . ALA A 1 19  ? 17.869  0.344   7.619   1.00 42.52 ? 110  ALA A CB    1 
ATOM   137  N N     . MET A 1 20  ? 18.007  -2.131  5.432   1.00 49.88 ? 111  MET A N     1 
ATOM   138  C CA    . MET A 1 20  ? 17.909  -3.570  5.206   1.00 53.68 ? 111  MET A CA    1 
ATOM   139  C C     . MET A 1 20  ? 19.099  -4.101  4.396   1.00 56.86 ? 111  MET A C     1 
ATOM   140  O O     . MET A 1 20  ? 19.452  -5.286  4.482   1.00 49.94 ? 111  MET A O     1 
ATOM   141  C CB    . MET A 1 20  ? 16.581  -3.919  4.510   1.00 51.34 ? 111  MET A CB    1 
ATOM   142  C CG    . MET A 1 20  ? 15.327  -3.534  5.319   1.00 51.06 ? 111  MET A CG    1 
ATOM   143  S SD    . MET A 1 20  ? 13.771  -3.801  4.433   1.00 43.42 ? 111  MET A SD    1 
ATOM   144  C CE    . MET A 1 20  ? 13.711  -5.587  4.379   1.00 45.48 ? 111  MET A CE    1 
ATOM   145  N N     . GLN A 1 21  ? 19.702  -3.231  3.590   1.00 58.36 ? 112  GLN A N     1 
ATOM   146  C CA    . GLN A 1 21  ? 20.887  -3.622  2.845   1.00 57.36 ? 112  GLN A CA    1 
ATOM   147  C C     . GLN A 1 21  ? 22.049  -3.673  3.818   1.00 57.46 ? 112  GLN A C     1 
ATOM   148  O O     . GLN A 1 21  ? 22.807  -4.639  3.848   1.00 55.77 ? 112  GLN A O     1 
ATOM   149  C CB    . GLN A 1 21  ? 21.178  -2.636  1.723   1.00 58.54 ? 112  GLN A CB    1 
ATOM   150  C CG    . GLN A 1 21  ? 20.043  -2.470  0.736   1.00 56.97 ? 112  GLN A CG    1 
ATOM   151  C CD    . GLN A 1 21  ? 19.167  -3.702  0.627   1.00 62.22 ? 112  GLN A CD    1 
ATOM   152  O OE1   . GLN A 1 21  ? 19.639  -4.796  0.300   1.00 59.98 ? 112  GLN A OE1   1 
ATOM   153  N NE2   . GLN A 1 21  ? 17.872  -3.528  0.896   1.00 57.31 ? 112  GLN A NE2   1 
ATOM   154  N N     . ILE A 1 22  ? 22.142  -2.631  4.635   1.00 54.43 ? 113  ILE A N     1 
ATOM   155  C CA    . ILE A 1 22  ? 23.176  -2.481  5.649   1.00 55.07 ? 113  ILE A CA    1 
ATOM   156  C C     . ILE A 1 22  ? 23.125  -3.507  6.782   1.00 61.92 ? 113  ILE A C     1 
ATOM   157  O O     . ILE A 1 22  ? 24.172  -3.973  7.245   1.00 67.55 ? 113  ILE A O     1 
ATOM   158  C CB    . ILE A 1 22  ? 23.129  -1.060  6.258   1.00 54.80 ? 113  ILE A CB    1 
ATOM   159  C CG1   . ILE A 1 22  ? 23.422  -0.026  5.172   1.00 49.69 ? 113  ILE A CG1   1 
ATOM   160  C CG2   . ILE A 1 22  ? 24.114  -0.915  7.407   1.00 52.44 ? 113  ILE A CG2   1 
ATOM   161  C CD1   . ILE A 1 22  ? 23.404  1.400   5.665   1.00 58.20 ? 113  ILE A CD1   1 
ATOM   162  N N     . LEU A 1 23  ? 21.924  -3.868  7.234   1.00 61.33 ? 114  LEU A N     1 
ATOM   163  C CA    . LEU A 1 23  ? 21.794  -4.745  8.402   1.00 56.07 ? 114  LEU A CA    1 
ATOM   164  C C     . LEU A 1 23  ? 21.232  -6.124  8.091   1.00 53.57 ? 114  LEU A C     1 
ATOM   165  O O     . LEU A 1 23  ? 21.161  -6.980  8.970   1.00 53.64 ? 114  LEU A O     1 
ATOM   166  C CB    . LEU A 1 23  ? 20.930  -4.081  9.471   1.00 56.40 ? 114  LEU A CB    1 
ATOM   167  C CG    . LEU A 1 23  ? 21.338  -2.664  9.855   1.00 62.23 ? 114  LEU A CG    1 
ATOM   168  C CD1   . LEU A 1 23  ? 20.370  -2.078  10.867  1.00 58.83 ? 114  LEU A CD1   1 
ATOM   169  C CD2   . LEU A 1 23  ? 22.753  -2.673  10.395  1.00 62.51 ? 114  LEU A CD2   1 
ATOM   170  N N     . GLY A 1 24  ? 20.832  -6.344  6.846   1.00 49.01 ? 115  GLY A N     1 
ATOM   171  C CA    . GLY A 1 24  ? 20.120  -7.558  6.508   1.00 51.50 ? 115  GLY A CA    1 
ATOM   172  C C     . GLY A 1 24  ? 18.635  -7.405  6.809   1.00 55.05 ? 115  GLY A C     1 
ATOM   173  O O     . GLY A 1 24  ? 18.234  -6.708  7.756   1.00 49.50 ? 115  GLY A O     1 
ATOM   174  N N     . ASP A 1 25  ? 17.815  -8.057  5.992   1.00 53.64 ? 116  ASP A N     1 
ATOM   175  C CA    . ASP A 1 25  ? 16.371  -7.982  6.143   1.00 53.72 ? 116  ASP A CA    1 
ATOM   176  C C     . ASP A 1 25  ? 15.894  -8.401  7.540   1.00 55.31 ? 116  ASP A C     1 
ATOM   177  O O     . ASP A 1 25  ? 15.062  -7.723  8.145   1.00 50.83 ? 116  ASP A O     1 
ATOM   178  C CB    . ASP A 1 25  ? 15.702  -8.837  5.077   1.00 52.74 ? 116  ASP A CB    1 
ATOM   179  C CG    . ASP A 1 25  ? 15.983  -8.335  3.680   1.00 49.17 ? 116  ASP A CG    1 
ATOM   180  O OD1   . ASP A 1 25  ? 16.480  -7.197  3.533   1.00 49.34 ? 116  ASP A OD1   1 
ATOM   181  O OD2   . ASP A 1 25  ? 15.695  -9.075  2.725   1.00 48.91 ? 116  ASP A OD2   1 
ATOM   182  N N     . GLN A 1 26  ? 16.445  -9.498  8.055   1.00 54.43 ? 117  GLN A N     1 
ATOM   183  C CA    . GLN A 1 26  ? 16.009  -10.065 9.334   1.00 51.80 ? 117  GLN A CA    1 
ATOM   184  C C     . GLN A 1 26  ? 16.070  -9.107  10.520  1.00 49.22 ? 117  GLN A C     1 
ATOM   185  O O     . GLN A 1 26  ? 15.122  -9.031  11.305  1.00 53.44 ? 117  GLN A O     1 
ATOM   186  C CB    . GLN A 1 26  ? 16.784  -11.345 9.654   1.00 48.74 ? 117  GLN A CB    1 
ATOM   187  C CG    . GLN A 1 26  ? 16.623  -12.434 8.605   1.00 59.67 ? 117  GLN A CG    1 
ATOM   188  C CD    . GLN A 1 26  ? 17.806  -12.528 7.657   1.00 59.06 ? 117  GLN A CD    1 
ATOM   189  O OE1   . GLN A 1 26  ? 18.500  -11.538 7.398   1.00 55.39 ? 117  GLN A OE1   1 
ATOM   190  N NE2   . GLN A 1 26  ? 18.055  -13.735 7.146   1.00 65.80 ? 117  GLN A NE2   1 
ATOM   191  N N     . GLU A 1 27  ? 17.177  -8.386  10.657  1.00 48.49 ? 118  GLU A N     1 
ATOM   192  C CA    . GLU A 1 27  ? 17.340  -7.431  11.758  1.00 56.41 ? 118  GLU A CA    1 
ATOM   193  C C     . GLU A 1 27  ? 16.349  -6.277  11.678  1.00 54.57 ? 118  GLU A C     1 
ATOM   194  O O     . GLU A 1 27  ? 15.878  -5.772  12.696  1.00 51.25 ? 118  GLU A O     1 
ATOM   195  C CB    . GLU A 1 27  ? 18.761  -6.859  11.786  1.00 52.51 ? 118  GLU A CB    1 
ATOM   196  C CG    . GLU A 1 27  ? 19.722  -7.638  12.662  1.00 63.94 ? 118  GLU A CG    1 
ATOM   197  C CD    . GLU A 1 27  ? 19.266  -7.706  14.109  1.00 60.77 ? 118  GLU A CD    1 
ATOM   198  O OE1   . GLU A 1 27  ? 18.654  -6.725  14.595  1.00 68.63 ? 118  GLU A OE1   1 
ATOM   199  O OE2   . GLU A 1 27  ? 19.515  -8.743  14.763  1.00 61.18 ? 118  GLU A OE2   1 
ATOM   200  N N     . VAL A 1 28  ? 16.054  -5.840  10.461  1.00 52.16 ? 119  VAL A N     1 
ATOM   201  C CA    . VAL A 1 28  ? 15.107  -4.754  10.298  1.00 54.59 ? 119  VAL A CA    1 
ATOM   202  C C     . VAL A 1 28  ? 13.725  -5.289  10.646  1.00 47.78 ? 119  VAL A C     1 
ATOM   203  O O     . VAL A 1 28  ? 12.993  -4.658  11.389  1.00 43.59 ? 119  VAL A O     1 
ATOM   204  C CB    . VAL A 1 28  ? 15.175  -4.124  8.886   1.00 53.29 ? 119  VAL A CB    1 
ATOM   205  C CG1   . VAL A 1 28  ? 14.000  -3.167  8.643   1.00 47.60 ? 119  VAL A CG1   1 
ATOM   206  C CG2   . VAL A 1 28  ? 16.500  -3.382  8.721   1.00 49.40 ? 119  VAL A CG2   1 
ATOM   207  N N     . MET A 1 29  ? 13.407  -6.483  10.154  1.00 47.76 ? 120  MET A N     1 
ATOM   208  C CA    . MET A 1 29  ? 12.147  -7.130  10.483  1.00 47.50 ? 120  MET A CA    1 
ATOM   209  C C     . MET A 1 29  ? 11.970  -7.285  11.983  1.00 54.38 ? 120  MET A C     1 
ATOM   210  O O     . MET A 1 29  ? 10.846  -7.325  12.479  1.00 51.38 ? 120  MET A O     1 
ATOM   211  C CB    . MET A 1 29  ? 12.044  -8.493  9.815   1.00 48.79 ? 120  MET A CB    1 
ATOM   212  C CG    . MET A 1 29  ? 11.461  -8.426  8.429   1.00 52.11 ? 120  MET A CG    1 
ATOM   213  S SD    . MET A 1 29  ? 11.000  -10.020 7.745   1.00 63.28 ? 120  MET A SD    1 
ATOM   214  C CE    . MET A 1 29  ? 12.622  -10.728 7.452   1.00 60.97 ? 120  MET A CE    1 
ATOM   215  N N     . LEU A 1 30  ? 13.079  -7.362  12.709  1.00 51.85 ? 121  LEU A N     1 
ATOM   216  C CA    . LEU A 1 30  ? 13.003  -7.584  14.145  1.00 52.81 ? 121  LEU A CA    1 
ATOM   217  C C     . LEU A 1 30  ? 12.380  -6.382  14.834  1.00 49.51 ? 121  LEU A C     1 
ATOM   218  O O     . LEU A 1 30  ? 11.686  -6.526  15.838  1.00 52.16 ? 121  LEU A O     1 
ATOM   219  C CB    . LEU A 1 30  ? 14.387  -7.883  14.727  1.00 57.43 ? 121  LEU A CB    1 
ATOM   220  C CG    . LEU A 1 30  ? 14.409  -8.660  16.043  1.00 59.06 ? 121  LEU A CG    1 
ATOM   221  C CD1   . LEU A 1 30  ? 13.843  -10.052 15.858  1.00 49.07 ? 121  LEU A CD1   1 
ATOM   222  C CD2   . LEU A 1 30  ? 15.826  -8.713  16.610  1.00 61.18 ? 121  LEU A CD2   1 
ATOM   223  N N     . TRP A 1 31  ? 12.609  -5.197  14.281  1.00 52.93 ? 122  TRP A N     1 
ATOM   224  C CA    . TRP A 1 31  ? 12.074  -3.977  14.876  1.00 52.40 ? 122  TRP A CA    1 
ATOM   225  C C     . TRP A 1 31  ? 10.744  -3.474  14.280  1.00 47.94 ? 122  TRP A C     1 
ATOM   226  O O     . TRP A 1 31  ? 10.047  -2.705  14.925  1.00 48.23 ? 122  TRP A O     1 
ATOM   227  C CB    . TRP A 1 31  ? 13.092  -2.840  14.773  1.00 55.93 ? 122  TRP A CB    1 
ATOM   228  C CG    . TRP A 1 31  ? 14.262  -2.927  15.692  1.00 65.10 ? 122  TRP A CG    1 
ATOM   229  C CD1   . TRP A 1 31  ? 14.876  -4.060  16.145  1.00 70.10 ? 122  TRP A CD1   1 
ATOM   230  C CD2   . TRP A 1 31  ? 14.969  -1.826  16.270  1.00 68.10 ? 122  TRP A CD2   1 
ATOM   231  N NE1   . TRP A 1 31  ? 15.924  -3.729  16.971  1.00 71.55 ? 122  TRP A NE1   1 
ATOM   232  C CE2   . TRP A 1 31  ? 16.003  -2.364  17.064  1.00 72.83 ? 122  TRP A CE2   1 
ATOM   233  C CE3   . TRP A 1 31  ? 14.830  -0.435  16.191  1.00 72.17 ? 122  TRP A CE3   1 
ATOM   234  C CZ2   . TRP A 1 31  ? 16.896  -1.559  17.776  1.00 76.41 ? 122  TRP A CZ2   1 
ATOM   235  C CZ3   . TRP A 1 31  ? 15.719  0.364   16.899  1.00 77.55 ? 122  TRP A CZ3   1 
ATOM   236  C CH2   . TRP A 1 31  ? 16.738  -0.201  17.680  1.00 77.07 ? 122  TRP A CH2   1 
ATOM   237  N N     . LEU A 1 32  ? 10.403  -3.874  13.057  1.00 44.29 ? 123  LEU A N     1 
ATOM   238  C CA    . LEU A 1 32  ? 9.334   -3.184  12.319  1.00 42.24 ? 123  LEU A CA    1 
ATOM   239  C C     . LEU A 1 32  ? 8.166   -4.073  11.900  1.00 41.20 ? 123  LEU A C     1 
ATOM   240  O O     . LEU A 1 32  ? 7.141   -3.584  11.417  1.00 41.92 ? 123  LEU A O     1 
ATOM   241  C CB    . LEU A 1 32  ? 9.905   -2.513  11.068  1.00 41.73 ? 123  LEU A CB    1 
ATOM   242  C CG    . LEU A 1 32  ? 10.911  -1.394  11.289  1.00 43.71 ? 123  LEU A CG    1 
ATOM   243  C CD1   . LEU A 1 32  ? 11.363  -0.877  9.942   1.00 45.75 ? 123  LEU A CD1   1 
ATOM   244  C CD2   . LEU A 1 32  ? 10.290  -0.283  12.110  1.00 43.88 ? 123  LEU A CD2   1 
ATOM   245  N N     . ALA A 1 33  ? 8.337   -5.375  12.058  1.00 35.33 ? 124  ALA A N     1 
ATOM   246  C CA    . ALA A 1 33  ? 7.361   -6.334  11.608  1.00 41.61 ? 124  ALA A CA    1 
ATOM   247  C C     . ALA A 1 33  ? 6.173   -6.353  12.554  1.00 37.78 ? 124  ALA A C     1 
ATOM   248  O O     . ALA A 1 33  ? 6.312   -6.029  13.731  1.00 41.96 ? 124  ALA A O     1 
ATOM   249  C CB    . ALA A 1 33  ? 7.986   -7.698  11.551  1.00 36.02 ? 124  ALA A CB    1 
ATOM   250  N N     . TRP A 1 34  ? 5.022   -6.742  12.017  1.00 40.79 ? 125  TRP A N     1 
ATOM   251  C CA    . TRP A 1 34  ? 3.819   -7.038  12.790  1.00 39.44 ? 125  TRP A CA    1 
ATOM   252  C C     . TRP A 1 34  ? 4.235   -7.884  13.991  1.00 41.10 ? 125  TRP A C     1 
ATOM   253  O O     . TRP A 1 34  ? 5.074   -8.779  13.843  1.00 37.99 ? 125  TRP A O     1 
ATOM   254  C CB    . TRP A 1 34  ? 2.869   -7.844  11.909  1.00 34.01 ? 125  TRP A CB    1 
ATOM   255  C CG    . TRP A 1 34  ? 1.496   -8.057  12.472  1.00 37.62 ? 125  TRP A CG    1 
ATOM   256  C CD1   . TRP A 1 34  ? 1.113   -9.012  13.372  1.00 36.85 ? 125  TRP A CD1   1 
ATOM   257  C CD2   . TRP A 1 34  ? 0.319   -7.304  12.157  1.00 33.89 ? 125  TRP A CD2   1 
ATOM   258  N NE1   . TRP A 1 34  ? -0.230  -8.897  13.637  1.00 33.62 ? 125  TRP A NE1   1 
ATOM   259  C CE2   . TRP A 1 34  ? -0.739  -7.848  12.913  1.00 33.96 ? 125  TRP A CE2   1 
ATOM   260  C CE3   . TRP A 1 34  ? 0.059   -6.218  11.308  1.00 31.13 ? 125  TRP A CE3   1 
ATOM   261  C CZ2   . TRP A 1 34  ? -2.044  -7.356  12.836  1.00 31.17 ? 125  TRP A CZ2   1 
ATOM   262  C CZ3   . TRP A 1 34  ? -1.235  -5.725  11.235  1.00 34.41 ? 125  TRP A CZ3   1 
ATOM   263  C CH2   . TRP A 1 34  ? -2.273  -6.292  12.001  1.00 31.01 ? 125  TRP A CH2   1 
ATOM   264  N N     . PRO A 1 35  ? 3.680   -7.589  15.181  1.00 43.80 ? 126  PRO A N     1 
ATOM   265  C CA    . PRO A 1 35  ? 4.038   -8.306  16.418  1.00 40.61 ? 126  PRO A CA    1 
ATOM   266  C C     . PRO A 1 35  ? 4.092   -9.821  16.225  1.00 44.47 ? 126  PRO A C     1 
ATOM   267  O O     . PRO A 1 35  ? 3.063   -10.435 15.956  1.00 49.47 ? 126  PRO A O     1 
ATOM   268  C CB    . PRO A 1 35  ? 2.898   -7.931  17.363  1.00 41.27 ? 126  PRO A CB    1 
ATOM   269  C CG    . PRO A 1 35  ? 2.555   -6.540  16.959  1.00 42.06 ? 126  PRO A CG    1 
ATOM   270  C CD    . PRO A 1 35  ? 2.650   -6.561  15.430  1.00 38.99 ? 126  PRO A CD    1 
ATOM   271  N N     . PHE A 1 36  ? 5.281   -10.411 16.327  1.00 48.99 ? 127  PHE A N     1 
ATOM   272  C CA    . PHE A 1 36  ? 5.446   -11.837 16.012  1.00 51.47 ? 127  PHE A CA    1 
ATOM   273  C C     . PHE A 1 36  ? 5.504   -12.695 17.262  1.00 54.88 ? 127  PHE A C     1 
ATOM   274  O O     . PHE A 1 36  ? 5.695   -13.912 17.203  1.00 59.53 ? 127  PHE A O     1 
ATOM   275  C CB    . PHE A 1 36  ? 6.678   -12.084 15.129  1.00 47.54 ? 127  PHE A CB    1 
ATOM   276  C CG    . PHE A 1 36  ? 7.901   -11.341 15.560  1.00 46.19 ? 127  PHE A CG    1 
ATOM   277  C CD1   . PHE A 1 36  ? 8.760   -11.881 16.500  1.00 51.86 ? 127  PHE A CD1   1 
ATOM   278  C CD2   . PHE A 1 36  ? 8.199   -10.107 15.016  1.00 51.02 ? 127  PHE A CD2   1 
ATOM   279  C CE1   . PHE A 1 36  ? 9.885   -11.205 16.895  1.00 52.95 ? 127  PHE A CE1   1 
ATOM   280  C CE2   . PHE A 1 36  ? 9.325   -9.423  15.402  1.00 52.07 ? 127  PHE A CE2   1 
ATOM   281  C CZ    . PHE A 1 36  ? 10.175  -9.972  16.345  1.00 54.98 ? 127  PHE A CZ    1 
ATOM   282  N N     . ASP A 1 37  ? 5.312   -12.037 18.393  1.00 57.11 ? 128  ASP A N     1 
ATOM   283  C CA    . ASP A 1 37  ? 5.279   -12.690 19.682  1.00 62.22 ? 128  ASP A CA    1 
ATOM   284  C C     . ASP A 1 37  ? 4.387   -11.819 20.566  1.00 59.97 ? 128  ASP A C     1 
ATOM   285  O O     . ASP A 1 37  ? 4.414   -10.593 20.455  1.00 56.79 ? 128  ASP A O     1 
ATOM   286  C CB    . ASP A 1 37  ? 6.703   -12.777 20.240  1.00 64.65 ? 128  ASP A CB    1 
ATOM   287  C CG    . ASP A 1 37  ? 6.830   -13.752 21.406  1.00 75.29 ? 128  ASP A CG    1 
ATOM   288  O OD1   . ASP A 1 37  ? 6.012   -13.682 22.354  1.00 68.33 ? 128  ASP A OD1   1 
ATOM   289  O OD2   . ASP A 1 37  ? 7.770   -14.580 21.373  1.00 75.78 ? 128  ASP A OD2   1 
ATOM   290  N N     . PRO A 1 38  ? 3.565   -12.447 21.421  1.00 65.85 ? 129  PRO A N     1 
ATOM   291  C CA    . PRO A 1 38  ? 2.731   -11.732 22.395  1.00 60.72 ? 129  PRO A CA    1 
ATOM   292  C C     . PRO A 1 38  ? 3.477   -10.674 23.209  1.00 61.43 ? 129  PRO A C     1 
ATOM   293  O O     . PRO A 1 38  ? 2.865   -9.687  23.618  1.00 61.30 ? 129  PRO A O     1 
ATOM   294  C CB    . PRO A 1 38  ? 2.251   -12.857 23.305  1.00 61.00 ? 129  PRO A CB    1 
ATOM   295  C CG    . PRO A 1 38  ? 2.092   -14.011 22.368  1.00 65.98 ? 129  PRO A CG    1 
ATOM   296  C CD    . PRO A 1 38  ? 3.197   -13.874 21.341  1.00 64.93 ? 129  PRO A CD    1 
ATOM   297  N N     . THR A 1 39  ? 4.775   -10.867 23.430  1.00 62.61 ? 130  THR A N     1 
ATOM   298  C CA    . THR A 1 39  ? 5.580   -9.900  24.181  1.00 60.36 ? 130  THR A CA    1 
ATOM   299  C C     . THR A 1 39  ? 5.692   -8.553  23.473  1.00 66.17 ? 130  THR A C     1 
ATOM   300  O O     . THR A 1 39  ? 6.151   -7.565  24.058  1.00 62.24 ? 130  THR A O     1 
ATOM   301  C CB    . THR A 1 39  ? 7.006   -10.429 24.431  1.00 68.29 ? 130  THR A CB    1 
ATOM   302  O OG1   . THR A 1 39  ? 7.836   -9.364  24.908  1.00 75.58 ? 130  THR A OG1   1 
ATOM   303  C CG2   . THR A 1 39  ? 7.604   -10.960 23.147  1.00 63.59 ? 130  THR A CG2   1 
ATOM   304  N N     . LEU A 1 40  ? 5.272   -8.521  22.212  1.00 62.15 ? 131  LEU A N     1 
ATOM   305  C CA    . LEU A 1 40  ? 5.468   -7.355  21.366  1.00 56.96 ? 131  LEU A CA    1 
ATOM   306  C C     . LEU A 1 40  ? 4.143   -6.690  21.022  1.00 55.55 ? 131  LEU A C     1 
ATOM   307  O O     . LEU A 1 40  ? 4.121   -5.642  20.374  1.00 52.16 ? 131  LEU A O     1 
ATOM   308  C CB    . LEU A 1 40  ? 6.194   -7.756  20.073  1.00 52.34 ? 131  LEU A CB    1 
ATOM   309  C CG    . LEU A 1 40  ? 7.539   -8.483  20.191  1.00 61.64 ? 131  LEU A CG    1 
ATOM   310  C CD1   . LEU A 1 40  ? 7.962   -9.089  18.845  1.00 56.76 ? 131  LEU A CD1   1 
ATOM   311  C CD2   . LEU A 1 40  ? 8.629   -7.546  20.722  1.00 62.57 ? 131  LEU A CD2   1 
ATOM   312  N N     . LYS A 1 41  ? 3.041   -7.290  21.467  1.00 53.60 ? 132  LYS A N     1 
ATOM   313  C CA    . LYS A 1 41  ? 1.707   -6.869  21.035  1.00 48.01 ? 132  LYS A CA    1 
ATOM   314  C C     . LYS A 1 41  ? 1.388   -5.400  21.326  1.00 44.33 ? 132  LYS A C     1 
ATOM   315  O O     . LYS A 1 41  ? 0.496   -4.814  20.714  1.00 45.05 ? 132  LYS A O     1 
ATOM   316  C CB    . LYS A 1 41  ? 0.635   -7.781  21.641  1.00 53.31 ? 132  LYS A CB    1 
ATOM   317  C CG    . LYS A 1 41  ? 0.601   -7.756  23.169  1.00 57.50 ? 132  LYS A CG    1 
ATOM   318  C CD    . LYS A 1 41  ? -0.328  -8.819  23.756  1.00 58.53 ? 132  LYS A CD    1 
ATOM   319  C CE    . LYS A 1 41  ? 0.018   -9.080  25.222  1.00 62.92 ? 132  LYS A CE    1 
ATOM   320  N NZ    . LYS A 1 41  ? -1.162  -9.530  26.015  1.00 63.29 ? 132  LYS A NZ    1 
ATOM   321  N N     . PHE A 1 42  ? 2.117   -4.793  22.252  1.00 45.07 ? 133  PHE A N     1 
ATOM   322  C CA    . PHE A 1 42  ? 1.818   -3.414  22.625  1.00 47.17 ? 133  PHE A CA    1 
ATOM   323  C C     . PHE A 1 42  ? 2.821   -2.448  22.009  1.00 48.94 ? 133  PHE A C     1 
ATOM   324  O O     . PHE A 1 42  ? 2.915   -1.305  22.417  1.00 52.45 ? 133  PHE A O     1 
ATOM   325  C CB    . PHE A 1 42  ? 1.794   -3.260  24.148  1.00 55.37 ? 133  PHE A CB    1 
ATOM   326  C CG    . PHE A 1 42  ? 0.815   -4.174  24.827  1.00 52.78 ? 133  PHE A CG    1 
ATOM   327  C CD1   . PHE A 1 42  ? -0.491  -4.270  24.371  1.00 54.67 ? 133  PHE A CD1   1 
ATOM   328  C CD2   . PHE A 1 42  ? 1.203   -4.955  25.903  1.00 55.09 ? 133  PHE A CD2   1 
ATOM   329  C CE1   . PHE A 1 42  ? -1.398  -5.117  24.986  1.00 57.04 ? 133  PHE A CE1   1 
ATOM   330  C CE2   . PHE A 1 42  ? 0.301   -5.807  26.519  1.00 60.80 ? 133  PHE A CE2   1 
ATOM   331  C CZ    . PHE A 1 42  ? -1.001  -5.888  26.058  1.00 55.16 ? 133  PHE A CZ    1 
ATOM   332  N N     . GLU A 1 43  ? 3.584   -2.915  21.029  1.00 50.76 ? 134  GLU A N     1 
ATOM   333  C CA    . GLU A 1 43  ? 4.451   -2.017  20.278  1.00 46.58 ? 134  GLU A CA    1 
ATOM   334  C C     . GLU A 1 43  ? 3.698   -1.578  19.013  1.00 45.82 ? 134  GLU A C     1 
ATOM   335  O O     . GLU A 1 43  ? 3.803   -2.192  17.953  1.00 39.93 ? 134  GLU A O     1 
ATOM   336  C CB    . GLU A 1 43  ? 5.796   -2.691  19.995  1.00 50.85 ? 134  GLU A CB    1 
ATOM   337  C CG    . GLU A 1 43  ? 6.590   -2.979  21.282  1.00 49.95 ? 134  GLU A CG    1 
ATOM   338  C CD    . GLU A 1 43  ? 7.979   -3.569  21.037  1.00 62.35 ? 134  GLU A CD    1 
ATOM   339  O OE1   . GLU A 1 43  ? 8.282   -3.952  19.883  1.00 58.53 ? 134  GLU A OE1   1 
ATOM   340  O OE2   . GLU A 1 43  ? 8.773   -3.652  22.007  1.00 63.26 ? 134  GLU A OE2   1 
ATOM   341  N N     . PHE A 1 44  ? 2.928   -0.505  19.158  1.00 40.90 ? 135  PHE A N     1 
ATOM   342  C CA    . PHE A 1 44  ? 1.867   -0.143  18.230  1.00 36.52 ? 135  PHE A CA    1 
ATOM   343  C C     . PHE A 1 44  ? 2.273   0.331   16.822  1.00 46.75 ? 135  PHE A C     1 
ATOM   344  O O     . PHE A 1 44  ? 1.467   0.258   15.888  1.00 39.66 ? 135  PHE A O     1 
ATOM   345  C CB    . PHE A 1 44  ? 0.946   0.873   18.902  1.00 38.58 ? 135  PHE A CB    1 
ATOM   346  C CG    . PHE A 1 44  ? 0.305   0.343   20.162  1.00 49.19 ? 135  PHE A CG    1 
ATOM   347  C CD1   . PHE A 1 44  ? -0.864  -0.396  20.100  1.00 46.39 ? 135  PHE A CD1   1 
ATOM   348  C CD2   . PHE A 1 44  ? 0.895   0.547   21.403  1.00 48.50 ? 135  PHE A CD2   1 
ATOM   349  C CE1   . PHE A 1 44  ? -1.452  -0.897  21.254  1.00 52.04 ? 135  PHE A CE1   1 
ATOM   350  C CE2   . PHE A 1 44  ? 0.309   0.046   22.563  1.00 48.15 ? 135  PHE A CE2   1 
ATOM   351  C CZ    . PHE A 1 44  ? -0.861  -0.677  22.487  1.00 49.38 ? 135  PHE A CZ    1 
ATOM   352  N N     . TRP A 1 45  ? 3.507   0.812   16.666  1.00 44.56 ? 136  TRP A N     1 
ATOM   353  C CA    . TRP A 1 45  ? 3.977   1.192   15.351  1.00 38.55 ? 136  TRP A CA    1 
ATOM   354  C C     . TRP A 1 45  ? 3.955   -0.036  14.432  1.00 35.88 ? 136  TRP A C     1 
ATOM   355  O O     . TRP A 1 45  ? 3.720   0.093   13.236  1.00 38.72 ? 136  TRP A O     1 
ATOM   356  C CB    . TRP A 1 45  ? 5.389   1.812   15.417  1.00 43.57 ? 136  TRP A CB    1 
ATOM   357  C CG    . TRP A 1 45  ? 6.443   0.876   15.936  1.00 40.38 ? 136  TRP A CG    1 
ATOM   358  C CD1   . TRP A 1 45  ? 7.157   -0.044  15.216  1.00 46.13 ? 136  TRP A CD1   1 
ATOM   359  C CD2   . TRP A 1 45  ? 6.908   0.770   17.287  1.00 42.81 ? 136  TRP A CD2   1 
ATOM   360  N NE1   . TRP A 1 45  ? 8.035   -0.719  16.039  1.00 40.80 ? 136  TRP A NE1   1 
ATOM   361  C CE2   . TRP A 1 45  ? 7.897   -0.238  17.314  1.00 44.98 ? 136  TRP A CE2   1 
ATOM   362  C CE3   . TRP A 1 45  ? 6.578   1.424   18.480  1.00 48.11 ? 136  TRP A CE3   1 
ATOM   363  C CZ2   . TRP A 1 45  ? 8.561   -0.601  18.489  1.00 52.34 ? 136  TRP A CZ2   1 
ATOM   364  C CZ3   . TRP A 1 45  ? 7.238   1.059   19.645  1.00 42.42 ? 136  TRP A CZ3   1 
ATOM   365  C CH2   . TRP A 1 45  ? 8.217   0.058   19.640  1.00 45.87 ? 136  TRP A CH2   1 
ATOM   366  N N     . ARG A 1 46  ? 4.172   -1.217  15.011  1.00 31.59 ? 137  ARG A N     1 
ATOM   367  C CA    . ARG A 1 46  ? 4.277   -2.467  14.263  1.00 36.40 ? 137  ARG A CA    1 
ATOM   368  C C     . ARG A 1 46  ? 3.023   -2.844  13.471  1.00 40.22 ? 137  ARG A C     1 
ATOM   369  O O     . ARG A 1 46  ? 3.099   -3.611  12.504  1.00 35.11 ? 137  ARG A O     1 
ATOM   370  C CB    . ARG A 1 46  ? 4.628   -3.624  15.196  1.00 40.70 ? 137  ARG A CB    1 
ATOM   371  C CG    . ARG A 1 46  ? 5.994   -3.549  15.850  1.00 43.30 ? 137  ARG A CG    1 
ATOM   372  C CD    . ARG A 1 46  ? 6.219   -4.780  16.729  1.00 47.42 ? 137  ARG A CD    1 
ATOM   373  N NE    . ARG A 1 46  ? 7.523   -4.760  17.384  1.00 49.02 ? 137  ARG A NE    1 
ATOM   374  C CZ    . ARG A 1 46  ? 8.586   -5.442  16.969  1.00 49.71 ? 137  ARG A CZ    1 
ATOM   375  N NH1   . ARG A 1 46  ? 8.508   -6.215  15.895  1.00 44.31 ? 137  ARG A NH1   1 
ATOM   376  N NH2   . ARG A 1 46  ? 9.730   -5.357  17.638  1.00 52.20 ? 137  ARG A NH2   1 
ATOM   377  N N     . TYR A 1 47  ? 1.869   -2.334  13.883  1.00 32.04 ? 138  TYR A N     1 
ATOM   378  C CA    . TYR A 1 47  ? 0.658   -2.585  13.113  1.00 34.23 ? 138  TYR A CA    1 
ATOM   379  C C     . TYR A 1 47  ? 0.697   -1.829  11.764  1.00 35.05 ? 138  TYR A C     1 
ATOM   380  O O     . TYR A 1 47  ? -0.099  -2.117  10.880  1.00 27.50 ? 138  TYR A O     1 
ATOM   381  C CB    . TYR A 1 47  ? -0.603  -2.294  13.957  1.00 30.08 ? 138  TYR A CB    1 
ATOM   382  C CG    . TYR A 1 47  ? -0.701  -3.226  15.154  1.00 30.28 ? 138  TYR A CG    1 
ATOM   383  C CD1   . TYR A 1 47  ? -0.976  -4.580  14.975  1.00 31.92 ? 138  TYR A CD1   1 
ATOM   384  C CD2   . TYR A 1 47  ? -0.456  -2.777  16.452  1.00 34.89 ? 138  TYR A CD2   1 
ATOM   385  C CE1   . TYR A 1 47  ? -1.033  -5.457  16.044  1.00 31.44 ? 138  TYR A CE1   1 
ATOM   386  C CE2   . TYR A 1 47  ? -0.514  -3.658  17.542  1.00 29.68 ? 138  TYR A CE2   1 
ATOM   387  C CZ    . TYR A 1 47  ? -0.815  -4.985  17.330  1.00 37.24 ? 138  TYR A CZ    1 
ATOM   388  O OH    . TYR A 1 47  ? -0.868  -5.869  18.392  1.00 38.02 ? 138  TYR A OH    1 
ATOM   389  N N     . PHE A 1 48  ? 1.653   -0.903  11.599  1.00 34.46 ? 139  PHE A N     1 
ATOM   390  C CA    . PHE A 1 48  ? 1.776   -0.117  10.354  1.00 33.36 ? 139  PHE A CA    1 
ATOM   391  C C     . PHE A 1 48  ? 3.149   -0.224  9.683   1.00 36.97 ? 139  PHE A C     1 
ATOM   392  O O     . PHE A 1 48  ? 3.258   -0.198  8.452   1.00 34.08 ? 139  PHE A O     1 
ATOM   393  C CB    . PHE A 1 48  ? 1.490   1.374   10.599  1.00 31.50 ? 139  PHE A CB    1 
ATOM   394  C CG    . PHE A 1 48  ? 0.257   1.634   11.430  1.00 34.50 ? 139  PHE A CG    1 
ATOM   395  C CD1   . PHE A 1 48  ? 0.323   1.605   12.819  1.00 38.00 ? 139  PHE A CD1   1 
ATOM   396  C CD2   . PHE A 1 48  ? -0.970  1.870   10.824  1.00 34.54 ? 139  PHE A CD2   1 
ATOM   397  C CE1   . PHE A 1 48  ? -0.810  1.834   13.593  1.00 37.57 ? 139  PHE A CE1   1 
ATOM   398  C CE2   . PHE A 1 48  ? -2.110  2.101   11.594  1.00 35.17 ? 139  PHE A CE2   1 
ATOM   399  C CZ    . PHE A 1 48  ? -2.029  2.083   12.980  1.00 33.86 ? 139  PHE A CZ    1 
ATOM   400  N N     . THR A 1 49  ? 4.201   -0.309  10.488  1.00 33.37 ? 140  THR A N     1 
ATOM   401  C CA    . THR A 1 49  ? 5.560   -0.194  9.956   1.00 36.50 ? 140  THR A CA    1 
ATOM   402  C C     . THR A 1 49  ? 5.939   -1.343  9.030   1.00 37.65 ? 140  THR A C     1 
ATOM   403  O O     . THR A 1 49  ? 6.906   -1.246  8.287   1.00 37.91 ? 140  THR A O     1 
ATOM   404  C CB    . THR A 1 49  ? 6.620   -0.056  11.073  1.00 33.65 ? 140  THR A CB    1 
ATOM   405  O OG1   . THR A 1 49  ? 6.606   -1.221  11.914  1.00 39.54 ? 140  THR A OG1   1 
ATOM   406  C CG2   . THR A 1 49  ? 6.356   1.190   11.900  1.00 38.23 ? 140  THR A CG2   1 
ATOM   407  N N     . HIS A 1 50  ? 5.168   -2.425  9.062   1.00 33.21 ? 141  HIS A N     1 
ATOM   408  C CA    . HIS A 1 50  ? 5.406   -3.523  8.144   1.00 33.48 ? 141  HIS A CA    1 
ATOM   409  C C     . HIS A 1 50  ? 5.354   -3.028  6.695   1.00 38.12 ? 141  HIS A C     1 
ATOM   410  O O     . HIS A 1 50  ? 6.027   -3.581  5.832   1.00 37.34 ? 141  HIS A O     1 
ATOM   411  C CB    . HIS A 1 50  ? 4.390   -4.645  8.359   1.00 32.52 ? 141  HIS A CB    1 
ATOM   412  C CG    . HIS A 1 50  ? 2.958   -4.197  8.248   1.00 32.84 ? 141  HIS A CG    1 
ATOM   413  N ND1   . HIS A 1 50  ? 2.282   -4.148  7.045   1.00 30.35 ? 141  HIS A ND1   1 
ATOM   414  C CD2   . HIS A 1 50  ? 2.075   -3.790  9.195   1.00 30.75 ? 141  HIS A CD2   1 
ATOM   415  C CE1   . HIS A 1 50  ? 1.048   -3.720  7.251   1.00 30.97 ? 141  HIS A CE1   1 
ATOM   416  N NE2   . HIS A 1 50  ? 0.895   -3.501  8.549   1.00 27.57 ? 141  HIS A NE2   1 
ATOM   417  N N     . ALA A 1 51  ? 4.579   -1.976  6.433   1.00 29.98 ? 142  ALA A N     1 
ATOM   418  C CA    . ALA A 1 51  ? 4.423   -1.469  5.067   1.00 37.87 ? 142  ALA A CA    1 
ATOM   419  C C     . ALA A 1 51  ? 5.698   -0.802  4.528   1.00 33.61 ? 142  ALA A C     1 
ATOM   420  O O     . ALA A 1 51  ? 5.852   -0.649  3.322   1.00 36.68 ? 142  ALA A O     1 
ATOM   421  C CB    . ALA A 1 51  ? 3.231   -0.485  4.977   1.00 34.58 ? 142  ALA A CB    1 
ATOM   422  N N     . LEU A 1 52  ? 6.592   -0.397  5.425   1.00 35.68 ? 143  LEU A N     1 
ATOM   423  C CA    . LEU A 1 52  ? 7.786   0.336   5.032   1.00 37.87 ? 143  LEU A CA    1 
ATOM   424  C C     . LEU A 1 52  ? 8.909   -0.577  4.502   1.00 44.46 ? 143  LEU A C     1 
ATOM   425  O O     . LEU A 1 52  ? 9.847   -0.103  3.883   1.00 38.31 ? 143  LEU A O     1 
ATOM   426  C CB    . LEU A 1 52  ? 8.291   1.199   6.185   1.00 34.37 ? 143  LEU A CB    1 
ATOM   427  C CG    . LEU A 1 52  ? 7.289   2.250   6.688   1.00 41.80 ? 143  LEU A CG    1 
ATOM   428  C CD1   . LEU A 1 52  ? 7.800   2.985   7.913   1.00 38.46 ? 143  LEU A CD1   1 
ATOM   429  C CD2   . LEU A 1 52  ? 6.945   3.230   5.589   1.00 37.41 ? 143  LEU A CD2   1 
ATOM   430  N N     . MET A 1 53  ? 8.795   -1.883  4.719   1.00 37.75 ? 144  MET A N     1 
ATOM   431  C CA    . MET A 1 53  ? 9.865   -2.790  4.340   1.00 37.59 ? 144  MET A CA    1 
ATOM   432  C C     . MET A 1 53  ? 9.690   -3.374  2.950   1.00 44.33 ? 144  MET A C     1 
ATOM   433  O O     . MET A 1 53  ? 8.602   -3.810  2.572   1.00 36.93 ? 144  MET A O     1 
ATOM   434  C CB    . MET A 1 53  ? 9.976   -3.920  5.357   1.00 38.43 ? 144  MET A CB    1 
ATOM   435  C CG    . MET A 1 53  ? 10.532  -3.487  6.711   1.00 36.46 ? 144  MET A CG    1 
ATOM   436  S SD    . MET A 1 53  ? 10.665  -4.895  7.832   1.00 45.36 ? 144  MET A SD    1 
ATOM   437  C CE    . MET A 1 53  ? 8.930   -5.313  8.063   1.00 45.64 ? 144  MET A CE    1 
ATOM   438  N N     . HIS A 1 54  ? 10.773  -3.392  2.182   1.00 38.89 ? 145  HIS A N     1 
ATOM   439  C CA    . HIS A 1 54  ? 10.756  -4.125  0.925   1.00 40.68 ? 145  HIS A CA    1 
ATOM   440  C C     . HIS A 1 54  ? 11.995  -5.018  0.815   1.00 45.36 ? 145  HIS A C     1 
ATOM   441  O O     . HIS A 1 54  ? 13.036  -4.731  1.421   1.00 44.77 ? 145  HIS A O     1 
ATOM   442  C CB    . HIS A 1 54  ? 10.589  -3.184  -0.283  1.00 40.40 ? 145  HIS A CB    1 
ATOM   443  C CG    . HIS A 1 54  ? 9.334   -2.363  -0.241  1.00 35.39 ? 145  HIS A CG    1 
ATOM   444  N ND1   . HIS A 1 54  ? 9.208   -1.236  0.543   1.00 40.85 ? 145  HIS A ND1   1 
ATOM   445  C CD2   . HIS A 1 54  ? 8.141   -2.525  -0.862  1.00 40.62 ? 145  HIS A CD2   1 
ATOM   446  C CE1   . HIS A 1 54  ? 7.998   -0.726  0.387   1.00 35.46 ? 145  HIS A CE1   1 
ATOM   447  N NE2   . HIS A 1 54  ? 7.334   -1.485  -0.464  1.00 37.10 ? 145  HIS A NE2   1 
ATOM   448  N N     . PHE A 1 55  ? 11.859  -6.096  0.042   1.00 48.45 ? 146  PHE A N     1 
ATOM   449  C CA    . PHE A 1 55  ? 12.819  -7.201  0.043   1.00 55.47 ? 146  PHE A CA    1 
ATOM   450  C C     . PHE A 1 55  ? 13.582  -7.396  -1.282  1.00 59.50 ? 146  PHE A C     1 
ATOM   451  O O     . PHE A 1 55  ? 14.449  -8.266  -1.379  1.00 61.83 ? 146  PHE A O     1 
ATOM   452  C CB    . PHE A 1 55  ? 12.097  -8.498  0.452   1.00 49.48 ? 146  PHE A CB    1 
ATOM   453  C CG    . PHE A 1 55  ? 11.356  -8.372  1.750   1.00 47.37 ? 146  PHE A CG    1 
ATOM   454  C CD1   . PHE A 1 55  ? 12.032  -8.442  2.951   1.00 44.79 ? 146  PHE A CD1   1 
ATOM   455  C CD2   . PHE A 1 55  ? 9.995   -8.131  1.765   1.00 43.97 ? 146  PHE A CD2   1 
ATOM   456  C CE1   . PHE A 1 55  ? 11.368  -8.292  4.154   1.00 52.89 ? 146  PHE A CE1   1 
ATOM   457  C CE2   . PHE A 1 55  ? 9.318   -7.981  2.963   1.00 48.74 ? 146  PHE A CE2   1 
ATOM   458  C CZ    . PHE A 1 55  ? 10.008  -8.057  4.162   1.00 47.30 ? 146  PHE A CZ    1 
ATOM   459  N N     . SER A 1 56  ? 13.251  -6.596  -2.296  1.00 53.11 ? 147  SER A N     1 
ATOM   460  C CA    . SER A 1 56  ? 13.991  -6.598  -3.557  1.00 53.53 ? 147  SER A CA    1 
ATOM   461  C C     . SER A 1 56  ? 13.855  -5.269  -4.298  1.00 57.91 ? 147  SER A C     1 
ATOM   462  O O     . SER A 1 56  ? 12.924  -4.491  -4.052  1.00 51.34 ? 147  SER A O     1 
ATOM   463  C CB    . SER A 1 56  ? 13.513  -7.726  -4.461  1.00 49.18 ? 147  SER A CB    1 
ATOM   464  O OG    . SER A 1 56  ? 12.389  -7.312  -5.207  1.00 53.58 ? 147  SER A OG    1 
ATOM   465  N N     . LEU A 1 57  ? 14.775  -5.019  -5.223  1.00 54.02 ? 148  LEU A N     1 
ATOM   466  C CA    . LEU A 1 57  ? 14.782  -3.763  -5.948  1.00 50.59 ? 148  LEU A CA    1 
ATOM   467  C C     . LEU A 1 57  ? 13.474  -3.597  -6.689  1.00 52.69 ? 148  LEU A C     1 
ATOM   468  O O     . LEU A 1 57  ? 12.875  -2.527  -6.658  1.00 53.85 ? 148  LEU A O     1 
ATOM   469  C CB    . LEU A 1 57  ? 15.944  -3.710  -6.938  1.00 60.92 ? 148  LEU A CB    1 
ATOM   470  C CG    . LEU A 1 57  ? 17.339  -3.494  -6.358  1.00 62.46 ? 148  LEU A CG    1 
ATOM   471  C CD1   . LEU A 1 57  ? 18.358  -3.568  -7.490  1.00 65.44 ? 148  LEU A CD1   1 
ATOM   472  C CD2   . LEU A 1 57  ? 17.423  -2.160  -5.619  1.00 59.05 ? 148  LEU A CD2   1 
ATOM   473  N N     . MET A 1 58  ? 13.023  -4.664  -7.339  1.00 43.60 ? 149  MET A N     1 
ATOM   474  C CA    . MET A 1 58  ? 11.789  -4.598  -8.109  1.00 54.75 ? 149  MET A CA    1 
ATOM   475  C C     . MET A 1 58  ? 10.559  -4.290  -7.235  1.00 53.36 ? 149  MET A C     1 
ATOM   476  O O     . MET A 1 58  ? 9.643   -3.585  -7.671  1.00 52.01 ? 149  MET A O     1 
ATOM   477  C CB    . MET A 1 58  ? 11.583  -5.892  -8.891  1.00 52.18 ? 149  MET A CB    1 
ATOM   478  C CG    . MET A 1 58  ? 10.499  -5.785  -9.938  1.00 64.12 ? 149  MET A CG    1 
ATOM   479  S SD    . MET A 1 58  ? 10.778  -6.836  -11.375 1.00 81.76 ? 149  MET A SD    1 
ATOM   480  C CE    . MET A 1 58  ? 12.405  -6.271  -11.859 1.00 66.67 ? 149  MET A CE    1 
ATOM   481  N N     . HIS A 1 59  ? 10.569  -4.821  -6.012  1.00 53.47 ? 150  HIS A N     1 
ATOM   482  C CA    . HIS A 1 59  ? 9.488   -4.665  -5.031  1.00 54.76 ? 150  HIS A CA    1 
ATOM   483  C C     . HIS A 1 59  ? 9.293   -3.178  -4.736  1.00 40.55 ? 150  HIS A C     1 
ATOM   484  O O     . HIS A 1 59  ? 8.280   -2.574  -5.112  1.00 39.19 ? 150  HIS A O     1 
ATOM   485  C CB    . HIS A 1 59  ? 9.860   -5.436  -3.739  1.00 51.82 ? 150  HIS A CB    1 
ATOM   486  C CG    . HIS A 1 59  ? 8.716   -5.656  -2.788  1.00 52.26 ? 150  HIS A CG    1 
ATOM   487  N ND1   . HIS A 1 59  ? 8.905   -6.055  -1.479  1.00 45.84 ? 150  HIS A ND1   1 
ATOM   488  C CD2   . HIS A 1 59  ? 7.376   -5.536  -2.953  1.00 50.83 ? 150  HIS A CD2   1 
ATOM   489  C CE1   . HIS A 1 59  ? 7.732   -6.154  -0.878  1.00 44.58 ? 150  HIS A CE1   1 
ATOM   490  N NE2   . HIS A 1 59  ? 6.786   -5.855  -1.752  1.00 37.72 ? 150  HIS A NE2   1 
ATOM   491  N N     . ILE A 1 60  ? 10.295  -2.594  -4.093  1.00 38.80 ? 151  ILE A N     1 
ATOM   492  C CA    . ILE A 1 60  ? 10.302  -1.168  -3.796  1.00 39.99 ? 151  ILE A CA    1 
ATOM   493  C C     . ILE A 1 60  ? 10.135  -0.256  -5.014  1.00 45.33 ? 151  ILE A C     1 
ATOM   494  O O     . ILE A 1 60  ? 9.478   0.776   -4.923  1.00 43.08 ? 151  ILE A O     1 
ATOM   495  C CB    . ILE A 1 60  ? 11.550  -0.761  -3.007  1.00 41.63 ? 151  ILE A CB    1 
ATOM   496  C CG1   . ILE A 1 60  ? 11.391  0.670   -2.493  1.00 37.69 ? 151  ILE A CG1   1 
ATOM   497  C CG2   . ILE A 1 60  ? 12.798  -0.892  -3.869  1.00 49.46 ? 151  ILE A CG2   1 
ATOM   498  C CD1   . ILE A 1 60  ? 12.396  1.048   -1.456  1.00 37.57 ? 151  ILE A CD1   1 
ATOM   499  N N     . LEU A 1 61  ? 10.684  -0.642  -6.166  1.00 49.03 ? 152  LEU A N     1 
ATOM   500  C CA    . LEU A 1 61  ? 10.625  0.227   -7.332  1.00 41.94 ? 152  LEU A CA    1 
ATOM   501  C C     . LEU A 1 61  ? 9.240   0.271   -7.922  1.00 37.93 ? 152  LEU A C     1 
ATOM   502  O O     . LEU A 1 61  ? 8.704   1.349   -8.153  1.00 41.46 ? 152  LEU A O     1 
ATOM   503  C CB    . LEU A 1 61  ? 11.630  -0.197  -8.407  1.00 47.15 ? 152  LEU A CB    1 
ATOM   504  C CG    . LEU A 1 61  ? 13.091  0.195   -8.183  1.00 53.64 ? 152  LEU A CG    1 
ATOM   505  C CD1   . LEU A 1 61  ? 13.978  -0.554  -9.174  1.00 62.76 ? 152  LEU A CD1   1 
ATOM   506  C CD2   . LEU A 1 61  ? 13.275  1.694   -8.350  1.00 60.45 ? 152  LEU A CD2   1 
ATOM   507  N N     . PHE A 1 62  ? 8.658   -0.886  -8.204  1.00 37.52 ? 153  PHE A N     1 
ATOM   508  C CA    . PHE A 1 62  ? 7.303   -0.867  -8.727  1.00 43.66 ? 153  PHE A CA    1 
ATOM   509  C C     . PHE A 1 62  ? 6.293   -0.318  -7.702  1.00 42.94 ? 153  PHE A C     1 
ATOM   510  O O     . PHE A 1 62  ? 5.380   0.424   -8.080  1.00 43.16 ? 153  PHE A O     1 
ATOM   511  C CB    . PHE A 1 62  ? 6.885   -2.225  -9.316  1.00 50.38 ? 153  PHE A CB    1 
ATOM   512  C CG    . PHE A 1 62  ? 7.421   -2.462  -10.706 1.00 54.87 ? 153  PHE A CG    1 
ATOM   513  C CD1   . PHE A 1 62  ? 6.728   -2.014  -11.818 1.00 59.34 ? 153  PHE A CD1   1 
ATOM   514  C CD2   . PHE A 1 62  ? 8.634   -3.107  -10.897 1.00 59.82 ? 153  PHE A CD2   1 
ATOM   515  C CE1   . PHE A 1 62  ? 7.237   -2.213  -13.097 1.00 66.66 ? 153  PHE A CE1   1 
ATOM   516  C CE2   . PHE A 1 62  ? 9.146   -3.320  -12.172 1.00 59.35 ? 153  PHE A CE2   1 
ATOM   517  C CZ    . PHE A 1 62  ? 8.448   -2.872  -13.272 1.00 57.38 ? 153  PHE A CZ    1 
ATOM   518  N N     . ASN A 1 63  ? 6.475   -0.646  -6.421  1.00 37.46 ? 154  ASN A N     1 
ATOM   519  C CA    . ASN A 1 63  ? 5.568   -0.140  -5.370  1.00 41.41 ? 154  ASN A CA    1 
ATOM   520  C C     . ASN A 1 63  ? 5.615   1.392   -5.252  1.00 33.56 ? 154  ASN A C     1 
ATOM   521  O O     . ASN A 1 63  ? 4.584   2.060   -5.263  1.00 35.08 ? 154  ASN A O     1 
ATOM   522  C CB    . ASN A 1 63  ? 5.879   -0.779  -4.011  1.00 36.51 ? 154  ASN A CB    1 
ATOM   523  C CG    . ASN A 1 63  ? 5.255   -2.156  -3.845  1.00 37.87 ? 154  ASN A CG    1 
ATOM   524  O OD1   . ASN A 1 63  ? 4.601   -2.678  -4.743  1.00 40.19 ? 154  ASN A OD1   1 
ATOM   525  N ND2   . ASN A 1 63  ? 5.439   -2.739  -2.669  1.00 44.06 ? 154  ASN A ND2   1 
ATOM   526  N N     . LEU A 1 64  ? 6.818   1.949   -5.170  1.00 38.91 ? 155  LEU A N     1 
ATOM   527  C CA    . LEU A 1 64  ? 6.965   3.400   -5.114  1.00 38.55 ? 155  LEU A CA    1 
ATOM   528  C C     . LEU A 1 64  ? 6.489   4.110   -6.382  1.00 38.55 ? 155  LEU A C     1 
ATOM   529  O O     . LEU A 1 64  ? 6.024   5.243   -6.329  1.00 40.04 ? 155  LEU A O     1 
ATOM   530  C CB    . LEU A 1 64  ? 8.397   3.792   -4.773  1.00 39.96 ? 155  LEU A CB    1 
ATOM   531  C CG    . LEU A 1 64  ? 8.765   3.479   -3.330  1.00 34.90 ? 155  LEU A CG    1 
ATOM   532  C CD1   . LEU A 1 64  ? 9.973   4.293   -2.906  1.00 33.35 ? 155  LEU A CD1   1 
ATOM   533  C CD2   . LEU A 1 64  ? 7.572   3.769   -2.413  1.00 40.52 ? 155  LEU A CD2   1 
ATOM   534  N N     . LEU A 1 65  ? 6.586   3.443   -7.520  1.00 39.07 ? 156  LEU A N     1 
ATOM   535  C CA    . LEU A 1 65  ? 6.083   4.019   -8.758  1.00 41.83 ? 156  LEU A CA    1 
ATOM   536  C C     . LEU A 1 65  ? 4.568   4.171   -8.705  1.00 40.67 ? 156  LEU A C     1 
ATOM   537  O O     . LEU A 1 65  ? 4.022   5.208   -9.087  1.00 37.50 ? 156  LEU A O     1 
ATOM   538  C CB    . LEU A 1 65  ? 6.450   3.125   -9.942  1.00 39.19 ? 156  LEU A CB    1 
ATOM   539  C CG    . LEU A 1 65  ? 6.432   3.772   -11.329 1.00 53.59 ? 156  LEU A CG    1 
ATOM   540  C CD1   . LEU A 1 65  ? 7.465   4.887   -11.367 1.00 46.47 ? 156  LEU A CD1   1 
ATOM   541  C CD2   . LEU A 1 65  ? 6.713   2.729   -12.409 1.00 48.04 ? 156  LEU A CD2   1 
ATOM   542  N N     . TRP A 1 66  ? 3.880   3.123   -8.266  1.00 39.29 ? 157  TRP A N     1 
ATOM   543  C CA    . TRP A 1 66  ? 2.426   3.201   -8.144  1.00 41.38 ? 157  TRP A CA    1 
ATOM   544  C C     . TRP A 1 66  ? 1.987   4.157   -7.039  1.00 34.72 ? 157  TRP A C     1 
ATOM   545  O O     . TRP A 1 66  ? 1.091   4.962   -7.251  1.00 42.62 ? 157  TRP A O     1 
ATOM   546  C CB    . TRP A 1 66  ? 1.819   1.821   -7.942  1.00 39.93 ? 157  TRP A CB    1 
ATOM   547  C CG    . TRP A 1 66  ? 1.828   1.006   -9.194  1.00 47.71 ? 157  TRP A CG    1 
ATOM   548  C CD1   . TRP A 1 66  ? 2.752   0.062   -9.556  1.00 48.48 ? 157  TRP A CD1   1 
ATOM   549  C CD2   . TRP A 1 66  ? 0.881   1.072   -10.268 1.00 45.23 ? 157  TRP A CD2   1 
ATOM   550  N NE1   . TRP A 1 66  ? 2.424   -0.473  -10.781 1.00 46.41 ? 157  TRP A NE1   1 
ATOM   551  C CE2   . TRP A 1 66  ? 1.284   0.132   -11.240 1.00 49.07 ? 157  TRP A CE2   1 
ATOM   552  C CE3   . TRP A 1 66  ? -0.267  1.834   -10.501 1.00 48.13 ? 157  TRP A CE3   1 
ATOM   553  C CZ2   . TRP A 1 66  ? 0.571   -0.075  -12.420 1.00 55.31 ? 157  TRP A CZ2   1 
ATOM   554  C CZ3   . TRP A 1 66  ? -0.972  1.632   -11.683 1.00 51.39 ? 157  TRP A CZ3   1 
ATOM   555  C CH2   . TRP A 1 66  ? -0.550  0.681   -12.621 1.00 54.12 ? 157  TRP A CH2   1 
ATOM   556  N N     . TRP A 1 67  ? 2.645   4.085   -5.886  1.00 33.69 ? 158  TRP A N     1 
ATOM   557  C CA    . TRP A 1 67  ? 2.409   5.024   -4.790  1.00 37.35 ? 158  TRP A CA    1 
ATOM   558  C C     . TRP A 1 67  ? 2.571   6.468   -5.242  1.00 38.77 ? 158  TRP A C     1 
ATOM   559  O O     . TRP A 1 67  ? 1.702   7.314   -4.972  1.00 35.30 ? 158  TRP A O     1 
ATOM   560  C CB    . TRP A 1 67  ? 3.348   4.746   -3.593  1.00 30.90 ? 158  TRP A CB    1 
ATOM   561  C CG    . TRP A 1 67  ? 3.322   5.843   -2.542  1.00 35.31 ? 158  TRP A CG    1 
ATOM   562  C CD1   . TRP A 1 67  ? 4.188   6.894   -2.431  1.00 38.06 ? 158  TRP A CD1   1 
ATOM   563  C CD2   . TRP A 1 67  ? 2.376   5.993   -1.464  1.00 32.32 ? 158  TRP A CD2   1 
ATOM   564  N NE1   . TRP A 1 67  ? 3.844   7.687   -1.365  1.00 39.39 ? 158  TRP A NE1   1 
ATOM   565  C CE2   . TRP A 1 67  ? 2.735   7.159   -0.754  1.00 38.91 ? 158  TRP A CE2   1 
ATOM   566  C CE3   . TRP A 1 67  ? 1.269   5.253   -1.033  1.00 30.75 ? 158  TRP A CE3   1 
ATOM   567  C CZ2   . TRP A 1 67  ? 2.016   7.611   0.365   1.00 34.20 ? 158  TRP A CZ2   1 
ATOM   568  C CZ3   . TRP A 1 67  ? 0.555   5.702   0.090   1.00 30.78 ? 158  TRP A CZ3   1 
ATOM   569  C CH2   . TRP A 1 67  ? 0.940   6.865   0.772   1.00 30.92 ? 158  TRP A CH2   1 
ATOM   570  N N     . TRP A 1 68  ? 3.682   6.756   -5.925  1.00 37.21 ? 159  TRP A N     1 
ATOM   571  C CA    . TRP A 1 68  ? 3.976   8.124   -6.379  1.00 32.83 ? 159  TRP A CA    1 
ATOM   572  C C     . TRP A 1 68  ? 2.884   8.597   -7.304  1.00 36.73 ? 159  TRP A C     1 
ATOM   573  O O     . TRP A 1 68  ? 2.430   9.735   -7.236  1.00 38.34 ? 159  TRP A O     1 
ATOM   574  C CB    . TRP A 1 68  ? 5.344   8.169   -7.089  1.00 44.08 ? 159  TRP A CB    1 
ATOM   575  C CG    . TRP A 1 68  ? 5.668   9.469   -7.763  1.00 39.79 ? 159  TRP A CG    1 
ATOM   576  C CD1   . TRP A 1 68  ? 6.145   10.603  -7.173  1.00 50.26 ? 159  TRP A CD1   1 
ATOM   577  C CD2   . TRP A 1 68  ? 5.552   9.762   -9.156  1.00 44.40 ? 159  TRP A CD2   1 
ATOM   578  N NE1   . TRP A 1 68  ? 6.325   11.587  -8.114  1.00 49.34 ? 159  TRP A NE1   1 
ATOM   579  C CE2   . TRP A 1 68  ? 5.970   11.095  -9.340  1.00 47.50 ? 159  TRP A CE2   1 
ATOM   580  C CE3   . TRP A 1 68  ? 5.136   9.026   -10.270 1.00 48.47 ? 159  TRP A CE3   1 
ATOM   581  C CZ2   . TRP A 1 68  ? 5.985   11.707  -10.592 1.00 53.79 ? 159  TRP A CZ2   1 
ATOM   582  C CZ3   . TRP A 1 68  ? 5.144   9.641   -11.517 1.00 52.96 ? 159  TRP A CZ3   1 
ATOM   583  C CH2   . TRP A 1 68  ? 5.562   10.968  -11.665 1.00 53.81 ? 159  TRP A CH2   1 
ATOM   584  N N     . TYR A 1 69  ? 2.440   7.696   -8.162  1.00 37.94 ? 160  TYR A N     1 
ATOM   585  C CA    . TYR A 1 69  ? 1.466   8.056   -9.166  1.00 40.96 ? 160  TYR A CA    1 
ATOM   586  C C     . TYR A 1 69  ? 0.052   8.153   -8.606  1.00 38.56 ? 160  TYR A C     1 
ATOM   587  O O     . TYR A 1 69  ? -0.583  9.195   -8.713  1.00 41.75 ? 160  TYR A O     1 
ATOM   588  C CB    . TYR A 1 69  ? 1.508   7.074   -10.344 1.00 37.62 ? 160  TYR A CB    1 
ATOM   589  C CG    . TYR A 1 69  ? 0.672   7.587   -11.473 1.00 49.50 ? 160  TYR A CG    1 
ATOM   590  C CD1   . TYR A 1 69  ? 1.131   8.619   -12.285 1.00 52.18 ? 160  TYR A CD1   1 
ATOM   591  C CD2   . TYR A 1 69  ? -0.597  7.086   -11.702 1.00 47.66 ? 160  TYR A CD2   1 
ATOM   592  C CE1   . TYR A 1 69  ? 0.346   9.122   -13.312 1.00 55.25 ? 160  TYR A CE1   1 
ATOM   593  C CE2   . TYR A 1 69  ? -1.385  7.589   -12.716 1.00 56.70 ? 160  TYR A CE2   1 
ATOM   594  C CZ    . TYR A 1 69  ? -0.907  8.591   -13.527 1.00 55.58 ? 160  TYR A CZ    1 
ATOM   595  O OH    . TYR A 1 69  ? -1.696  9.078   -14.541 1.00 64.27 ? 160  TYR A OH    1 
ATOM   596  N N     . LEU A 1 70  ? -0.449  7.071   -8.020  1.00 39.16 ? 161  LEU A N     1 
ATOM   597  C CA    . LEU A 1 70  ? -1.810  7.061   -7.488  1.00 40.00 ? 161  LEU A CA    1 
ATOM   598  C C     . LEU A 1 70  ? -1.940  7.866   -6.199  1.00 37.50 ? 161  LEU A C     1 
ATOM   599  O O     . LEU A 1 70  ? -2.877  8.641   -6.034  1.00 41.87 ? 161  LEU A O     1 
ATOM   600  C CB    . LEU A 1 70  ? -2.242  5.632   -7.201  1.00 40.03 ? 161  LEU A CB    1 
ATOM   601  C CG    . LEU A 1 70  ? -2.275  4.728   -8.427  1.00 38.88 ? 161  LEU A CG    1 
ATOM   602  C CD1   . LEU A 1 70  ? -2.603  3.322   -7.990  1.00 40.14 ? 161  LEU A CD1   1 
ATOM   603  C CD2   . LEU A 1 70  ? -3.284  5.227   -9.428  1.00 43.46 ? 161  LEU A CD2   1 
ATOM   604  N N     . GLY A 1 71  ? -1.016  7.649   -5.276  1.00 35.87 ? 162  GLY A N     1 
ATOM   605  C CA    . GLY A 1 71  ? -1.019  8.362   -4.017  1.00 37.26 ? 162  GLY A CA    1 
ATOM   606  C C     . GLY A 1 71  ? -0.868  9.829   -4.309  1.00 41.75 ? 162  GLY A C     1 
ATOM   607  O O     . GLY A 1 71  ? -1.548  10.667  -3.703  1.00 39.54 ? 162  GLY A O     1 
ATOM   608  N N     . GLY A 1 72  ? -0.008  10.141  -5.277  1.00 39.05 ? 163  GLY A N     1 
ATOM   609  C CA    . GLY A 1 72  ? 0.264   11.523  -5.630  1.00 37.00 ? 163  GLY A CA    1 
ATOM   610  C C     . GLY A 1 72  ? -0.971  12.183  -6.202  1.00 34.26 ? 163  GLY A C     1 
ATOM   611  O O     . GLY A 1 72  ? -1.296  13.311  -5.863  1.00 39.75 ? 163  GLY A O     1 
ATOM   612  N N     . ALA A 1 73  ? -1.686  11.462  -7.051  1.00 38.56 ? 164  ALA A N     1 
ATOM   613  C CA    . ALA A 1 73  ? -2.922  11.985  -7.626  1.00 42.86 ? 164  ALA A CA    1 
ATOM   614  C C     . ALA A 1 73  ? -3.983  12.220  -6.538  1.00 41.44 ? 164  ALA A C     1 
ATOM   615  O O     . ALA A 1 73  ? -4.641  13.258  -6.502  1.00 44.33 ? 164  ALA A O     1 
ATOM   616  C CB    . ALA A 1 73  ? -3.444  11.040  -8.675  1.00 40.30 ? 164  ALA A CB    1 
ATOM   617  N N     . VAL A 1 74  ? -4.143  11.251  -5.652  1.00 40.74 ? 165  VAL A N     1 
ATOM   618  C CA    . VAL A 1 74  ? -5.061  11.405  -4.529  1.00 41.66 ? 165  VAL A CA    1 
ATOM   619  C C     . VAL A 1 74  ? -4.708  12.615  -3.658  1.00 38.40 ? 165  VAL A C     1 
ATOM   620  O O     . VAL A 1 74  ? -5.578  13.429  -3.339  1.00 43.90 ? 165  VAL A O     1 
ATOM   621  C CB    . VAL A 1 74  ? -5.127  10.116  -3.670  1.00 37.90 ? 165  VAL A CB    1 
ATOM   622  C CG1   . VAL A 1 74  ? -5.910  10.361  -2.369  1.00 39.57 ? 165  VAL A CG1   1 
ATOM   623  C CG2   . VAL A 1 74  ? -5.773  9.008   -4.472  1.00 35.83 ? 165  VAL A CG2   1 
ATOM   624  N N     . GLU A 1 75  ? -3.439  12.747  -3.284  1.00 38.42 ? 166  GLU A N     1 
ATOM   625  C CA    . GLU A 1 75  ? -3.042  13.832  -2.407  1.00 37.54 ? 166  GLU A CA    1 
ATOM   626  C C     . GLU A 1 75  ? -3.260  15.186  -3.091  1.00 48.72 ? 166  GLU A C     1 
ATOM   627  O O     . GLU A 1 75  ? -3.667  16.163  -2.452  1.00 45.89 ? 166  GLU A O     1 
ATOM   628  C CB    . GLU A 1 75  ? -1.596  13.683  -1.936  1.00 38.05 ? 166  GLU A CB    1 
ATOM   629  C CG    . GLU A 1 75  ? -1.060  14.906  -1.194  1.00 32.84 ? 166  GLU A CG    1 
ATOM   630  C CD    . GLU A 1 75  ? 0.153   14.587  -0.345  1.00 42.64 ? 166  GLU A CD    1 
ATOM   631  O OE1   . GLU A 1 75  ? 1.020   13.813  -0.808  1.00 39.43 ? 166  GLU A OE1   1 
ATOM   632  O OE2   . GLU A 1 75  ? 0.232   15.092  0.804   1.00 45.11 ? 166  GLU A OE2   1 
ATOM   633  N N     . LYS A 1 76  ? -3.027  15.223  -4.396  1.00 46.27 ? 167  LYS A N     1 
ATOM   634  C CA    . LYS A 1 76  ? -3.123  16.461  -5.155  1.00 46.05 ? 167  LYS A CA    1 
ATOM   635  C C     . LYS A 1 76  ? -4.572  16.902  -5.295  1.00 48.82 ? 167  LYS A C     1 
ATOM   636  O O     . LYS A 1 76  ? -4.909  18.024  -4.952  1.00 49.39 ? 167  LYS A O     1 
ATOM   637  C CB    . LYS A 1 76  ? -2.480  16.285  -6.544  1.00 50.78 ? 167  LYS A CB    1 
ATOM   638  C CG    . LYS A 1 76  ? -2.644  17.477  -7.486  1.00 61.01 ? 167  LYS A CG    1 
ATOM   639  C CD    . LYS A 1 76  ? -2.061  17.182  -8.878  1.00 64.62 ? 167  LYS A CD    1 
ATOM   640  C CE    . LYS A 1 76  ? -1.991  18.437  -9.743  1.00 70.42 ? 167  LYS A CE    1 
ATOM   641  N NZ    . LYS A 1 76  ? -1.534  18.145  -11.137 1.00 74.07 ? 167  LYS A NZ    1 
ATOM   642  N N     . ARG A 1 77  ? -5.423  16.010  -5.793  1.00 46.26 ? 168  ARG A N     1 
ATOM   643  C CA    . ARG A 1 77  ? -6.826  16.333  -6.042  1.00 50.56 ? 168  ARG A CA    1 
ATOM   644  C C     . ARG A 1 77  ? -7.748  16.282  -4.824  1.00 52.98 ? 168  ARG A C     1 
ATOM   645  O O     . ARG A 1 77  ? -8.749  16.997  -4.786  1.00 54.99 ? 168  ARG A O     1 
ATOM   646  C CB    . ARG A 1 77  ? -7.391  15.403  -7.108  1.00 46.02 ? 168  ARG A CB    1 
ATOM   647  C CG    . ARG A 1 77  ? -6.571  15.403  -8.387  1.00 61.07 ? 168  ARG A CG    1 
ATOM   648  C CD    . ARG A 1 77  ? -7.027  14.322  -9.345  1.00 63.76 ? 168  ARG A CD    1 
ATOM   649  N NE    . ARG A 1 77  ? -6.189  14.286  -10.540 1.00 72.56 ? 168  ARG A NE    1 
ATOM   650  C CZ    . ARG A 1 77  ? -6.344  15.100  -11.580 1.00 81.25 ? 168  ARG A CZ    1 
ATOM   651  N NH1   . ARG A 1 77  ? -7.309  16.014  -11.573 1.00 77.19 ? 168  ARG A NH1   1 
ATOM   652  N NH2   . ARG A 1 77  ? -5.535  15.000  -12.628 1.00 90.41 ? 168  ARG A NH2   1 
ATOM   653  N N     . LEU A 1 78  ? -7.439  15.430  -3.850  1.00 47.25 ? 169  LEU A N     1 
ATOM   654  C CA    . LEU A 1 78  ? -8.386  15.161  -2.763  1.00 41.95 ? 169  LEU A CA    1 
ATOM   655  C C     . LEU A 1 78  ? -7.836  15.530  -1.387  1.00 46.05 ? 169  LEU A C     1 
ATOM   656  O O     . LEU A 1 78  ? -8.579  15.578  -0.405  1.00 48.07 ? 169  LEU A O     1 
ATOM   657  C CB    . LEU A 1 78  ? -8.813  13.695  -2.787  1.00 43.03 ? 169  LEU A CB    1 
ATOM   658  C CG    . LEU A 1 78  ? -9.338  13.183  -4.134  1.00 41.15 ? 169  LEU A CG    1 
ATOM   659  C CD1   . LEU A 1 78  ? -9.623  11.704  -4.054  1.00 40.75 ? 169  LEU A CD1   1 
ATOM   660  C CD2   . LEU A 1 78  ? -10.584 13.950  -4.588  1.00 43.31 ? 169  LEU A CD2   1 
ATOM   661  N N     . GLY A 1 79  ? -6.532  15.776  -1.320  1.00 43.61 ? 170  GLY A N     1 
ATOM   662  C CA    . GLY A 1 79  ? -5.901  16.231  -0.100  1.00 41.08 ? 170  GLY A CA    1 
ATOM   663  C C     . GLY A 1 79  ? -5.084  15.165  0.599   1.00 40.19 ? 170  GLY A C     1 
ATOM   664  O O     . GLY A 1 79  ? -5.325  13.967  0.425   1.00 40.55 ? 170  GLY A O     1 
ATOM   665  N N     . SER A 1 80  ? -4.123  15.627  1.394   1.00 39.68 ? 171  SER A N     1 
ATOM   666  C CA    . SER A 1 80  ? -3.249  14.779  2.197   1.00 41.87 ? 171  SER A CA    1 
ATOM   667  C C     . SER A 1 80  ? -4.005  13.895  3.192   1.00 41.49 ? 171  SER A C     1 
ATOM   668  O O     . SER A 1 80  ? -3.644  12.723  3.393   1.00 36.99 ? 171  SER A O     1 
ATOM   669  C CB    . SER A 1 80  ? -2.264  15.651  2.972   1.00 43.79 ? 171  SER A CB    1 
ATOM   670  O OG    . SER A 1 80  ? -1.424  16.364  2.098   1.00 49.35 ? 171  SER A OG    1 
ATOM   671  N N     . GLY A 1 81  ? -5.031  14.462  3.828   1.00 37.43 ? 172  GLY A N     1 
ATOM   672  C CA    . GLY A 1 81  ? -5.814  13.724  4.815   1.00 36.94 ? 172  GLY A CA    1 
ATOM   673  C C     . GLY A 1 81  ? -6.403  12.441  4.254   1.00 32.14 ? 172  GLY A C     1 
ATOM   674  O O     . GLY A 1 81  ? -6.286  11.373  4.852   1.00 34.49 ? 172  GLY A O     1 
ATOM   675  N N     . LYS A 1 82  ? -7.025  12.549  3.085   1.00 32.79 ? 173  LYS A N     1 
ATOM   676  C CA    . LYS A 1 82  ? -7.564  11.397  2.377   1.00 29.65 ? 173  LYS A CA    1 
ATOM   677  C C     . LYS A 1 82  ? -6.484  10.316  2.146   1.00 33.25 ? 173  LYS A C     1 
ATOM   678  O O     . LYS A 1 82  ? -6.694  9.147   2.466   1.00 34.88 ? 173  LYS A O     1 
ATOM   679  C CB    . LYS A 1 82  ? -8.149  11.861  1.031   1.00 33.56 ? 173  LYS A CB    1 
ATOM   680  C CG    . LYS A 1 82  ? -8.778  10.757  0.193   1.00 34.73 ? 173  LYS A CG    1 
ATOM   681  C CD    . LYS A 1 82  ? -10.238 10.648  0.495   1.00 41.29 ? 173  LYS A CD    1 
ATOM   682  C CE    . LYS A 1 82  ? -10.967 11.920  0.086   1.00 35.94 ? 173  LYS A CE    1 
ATOM   683  N NZ    . LYS A 1 82  ? -12.388 11.798  0.408   1.00 35.59 ? 173  LYS A NZ    1 
ATOM   684  N N     . LEU A 1 83  ? -5.326  10.710  1.610   1.00 33.06 ? 174  LEU A N     1 
ATOM   685  C CA    . LEU A 1 83  ? -4.222  9.766   1.378   1.00 32.98 ? 174  LEU A CA    1 
ATOM   686  C C     . LEU A 1 83  ? -3.793  9.068   2.659   1.00 28.37 ? 174  LEU A C     1 
ATOM   687  O O     . LEU A 1 83  ? -3.581  7.871   2.670   1.00 29.65 ? 174  LEU A O     1 
ATOM   688  C CB    . LEU A 1 83  ? -3.005  10.477  0.760   1.00 35.87 ? 174  LEU A CB    1 
ATOM   689  C CG    . LEU A 1 83  ? -1.811  9.588   0.383   1.00 34.14 ? 174  LEU A CG    1 
ATOM   690  C CD1   . LEU A 1 83  ? -2.294  8.424   -0.478  1.00 27.45 ? 174  LEU A CD1   1 
ATOM   691  C CD2   . LEU A 1 83  ? -0.750  10.412  -0.391  1.00 32.66 ? 174  LEU A CD2   1 
ATOM   692  N N     . ILE A 1 84  ? -3.669  9.832   3.740   1.00 32.80 ? 175  ILE A N     1 
ATOM   693  C CA    . ILE A 1 84  ? -3.301  9.292   5.038   1.00 28.45 ? 175  ILE A CA    1 
ATOM   694  C C     . ILE A 1 84  ? -4.287  8.224   5.505   1.00 30.12 ? 175  ILE A C     1 
ATOM   695  O O     . ILE A 1 84  ? -3.882  7.167   5.973   1.00 27.26 ? 175  ILE A O     1 
ATOM   696  C CB    . ILE A 1 84  ? -3.230  10.418  6.111   1.00 37.37 ? 175  ILE A CB    1 
ATOM   697  C CG1   . ILE A 1 84  ? -1.968  11.274  5.937   1.00 34.96 ? 175  ILE A CG1   1 
ATOM   698  C CG2   . ILE A 1 84  ? -3.248  9.844   7.506   1.00 34.12 ? 175  ILE A CG2   1 
ATOM   699  C CD1   . ILE A 1 84  ? -2.040  12.625  6.632   1.00 31.22 ? 175  ILE A CD1   1 
ATOM   700  N N     . VAL A 1 85  ? -5.582  8.481   5.369   1.00 32.40 ? 176  VAL A N     1 
ATOM   701  C CA    . VAL A 1 85  ? -6.563  7.539   5.931   1.00 29.49 ? 176  VAL A CA    1 
ATOM   702  C C     . VAL A 1 85  ? -6.646  6.244   5.122   1.00 28.96 ? 176  VAL A C     1 
ATOM   703  O O     . VAL A 1 85  ? -6.674  5.135   5.679   1.00 28.78 ? 176  VAL A O     1 
ATOM   704  C CB    . VAL A 1 85  ? -7.963  8.192   6.122   1.00 32.90 ? 176  VAL A CB    1 
ATOM   705  C CG1   . VAL A 1 85  ? -9.007  7.133   6.534   1.00 32.01 ? 176  VAL A CG1   1 
ATOM   706  C CG2   . VAL A 1 85  ? -7.886  9.294   7.191   1.00 30.29 ? 176  VAL A CG2   1 
ATOM   707  N N     . ILE A 1 86  ? -6.646  6.383   3.803   1.00 30.46 ? 177  ILE A N     1 
ATOM   708  C CA    . ILE A 1 86  ? -6.581  5.220   2.943   1.00 28.35 ? 177  ILE A CA    1 
ATOM   709  C C     . ILE A 1 86  ? -5.372  4.372   3.314   1.00 27.53 ? 177  ILE A C     1 
ATOM   710  O O     . ILE A 1 86  ? -5.474  3.159   3.471   1.00 28.95 ? 177  ILE A O     1 
ATOM   711  C CB    . ILE A 1 86  ? -6.471  5.602   1.444   1.00 30.87 ? 177  ILE A CB    1 
ATOM   712  C CG1   . ILE A 1 86  ? -7.667  6.470   1.007   1.00 35.41 ? 177  ILE A CG1   1 
ATOM   713  C CG2   . ILE A 1 86  ? -6.396  4.327   0.613   1.00 36.02 ? 177  ILE A CG2   1 
ATOM   714  C CD1   . ILE A 1 86  ? -7.622  6.969   -0.489  1.00 35.11 ? 177  ILE A CD1   1 
ATOM   715  N N     . THR A 1 87  ? -4.233  5.027   3.487   1.00 26.41 ? 178  THR A N     1 
ATOM   716  C CA    . THR A 1 87  ? -2.984  4.328   3.768   1.00 29.53 ? 178  THR A CA    1 
ATOM   717  C C     . THR A 1 87  ? -3.028  3.594   5.123   1.00 26.51 ? 178  THR A C     1 
ATOM   718  O O     . THR A 1 87  ? -2.664  2.413   5.218   1.00 27.43 ? 178  THR A O     1 
ATOM   719  C CB    . THR A 1 87  ? -1.776  5.324   3.707   1.00 31.48 ? 178  THR A CB    1 
ATOM   720  O OG1   . THR A 1 87  ? -1.685  5.894   2.393   1.00 32.09 ? 178  THR A OG1   1 
ATOM   721  C CG2   . THR A 1 87  ? -0.464  4.649   4.030   1.00 27.11 ? 178  THR A CG2   1 
ATOM   722  N N     . LEU A 1 88  ? -3.468  4.286   6.169   1.00 27.52 ? 179  LEU A N     1 
ATOM   723  C CA    . LEU A 1 88  ? -3.561  3.670   7.497   1.00 28.44 ? 179  LEU A CA    1 
ATOM   724  C C     . LEU A 1 88  ? -4.487  2.461   7.491   1.00 24.98 ? 179  LEU A C     1 
ATOM   725  O O     . LEU A 1 88  ? -4.123  1.395   7.966   1.00 27.09 ? 179  LEU A O     1 
ATOM   726  C CB    . LEU A 1 88  ? -4.056  4.685   8.550   1.00 26.03 ? 179  LEU A CB    1 
ATOM   727  C CG    . LEU A 1 88  ? -3.110  5.868   8.812   1.00 36.42 ? 179  LEU A CG    1 
ATOM   728  C CD1   . LEU A 1 88  ? -3.708  6.868   9.805   1.00 32.63 ? 179  LEU A CD1   1 
ATOM   729  C CD2   . LEU A 1 88  ? -1.729  5.369   9.292   1.00 33.64 ? 179  LEU A CD2   1 
ATOM   730  N N     . ILE A 1 89  ? -5.675  2.622   6.928   1.00 27.34 ? 180  ILE A N     1 
ATOM   731  C CA    . ILE A 1 89  ? -6.664  1.546   6.980   1.00 30.24 ? 180  ILE A CA    1 
ATOM   732  C C     . ILE A 1 89  ? -6.237  0.354   6.127   1.00 29.21 ? 180  ILE A C     1 
ATOM   733  O O     . ILE A 1 89  ? -6.382  -0.793  6.544   1.00 29.15 ? 180  ILE A O     1 
ATOM   734  C CB    . ILE A 1 89  ? -8.081  2.022   6.564   1.00 23.67 ? 180  ILE A CB    1 
ATOM   735  C CG1   . ILE A 1 89  ? -8.513  3.218   7.416   1.00 28.13 ? 180  ILE A CG1   1 
ATOM   736  C CG2   . ILE A 1 89  ? -9.115  0.872   6.693   1.00 24.01 ? 180  ILE A CG2   1 
ATOM   737  C CD1   . ILE A 1 89  ? -9.916  3.756   7.042   1.00 30.03 ? 180  ILE A CD1   1 
ATOM   738  N N     . SER A 1 90  ? -5.688  0.615   4.942   1.00 27.01 ? 181  SER A N     1 
ATOM   739  C CA    . SER A 1 90  ? -5.298  -0.493  4.074   1.00 24.19 ? 181  SER A CA    1 
ATOM   740  C C     . SER A 1 90  ? -4.089  -1.223  4.643   1.00 23.32 ? 181  SER A C     1 
ATOM   741  O O     . SER A 1 90  ? -4.009  -2.449  4.605   1.00 25.73 ? 181  SER A O     1 
ATOM   742  C CB    . SER A 1 90  ? -5.070  -0.025  2.629   1.00 26.04 ? 181  SER A CB    1 
ATOM   743  O OG    . SER A 1 90  ? -4.061  0.968   2.521   1.00 27.69 ? 181  SER A OG    1 
ATOM   744  N N     . ALA A 1 91  ? -3.178  -0.475  5.246   1.00 24.21 ? 182  ALA A N     1 
ATOM   745  C CA    . ALA A 1 91  ? -2.009  -1.096  5.858   1.00 27.54 ? 182  ALA A CA    1 
ATOM   746  C C     . ALA A 1 91  ? -2.413  -1.994  7.025   1.00 32.72 ? 182  ALA A C     1 
ATOM   747  O O     . ALA A 1 91  ? -1.915  -3.120  7.137   1.00 29.07 ? 182  ALA A O     1 
ATOM   748  C CB    . ALA A 1 91  ? -0.985  -0.036  6.294   1.00 24.01 ? 182  ALA A CB    1 
ATOM   749  N N     . LEU A 1 92  ? -3.332  -1.510  7.873   1.00 30.32 ? 183  LEU A N     1 
ATOM   750  C CA    . LEU A 1 92  ? -3.840  -2.314  8.987   1.00 28.01 ? 183  LEU A CA    1 
ATOM   751  C C     . LEU A 1 92  ? -4.559  -3.569  8.495   1.00 28.21 ? 183  LEU A C     1 
ATOM   752  O O     . LEU A 1 92  ? -4.273  -4.663  8.963   1.00 26.83 ? 183  LEU A O     1 
ATOM   753  C CB    . LEU A 1 92  ? -4.786  -1.500  9.905   1.00 24.56 ? 183  LEU A CB    1 
ATOM   754  C CG    . LEU A 1 92  ? -4.101  -0.656  10.985  1.00 35.01 ? 183  LEU A CG    1 
ATOM   755  C CD1   . LEU A 1 92  ? -5.050  0.360   11.617  1.00 31.33 ? 183  LEU A CD1   1 
ATOM   756  C CD2   . LEU A 1 92  ? -3.479  -1.539  12.067  1.00 30.99 ? 183  LEU A CD2   1 
ATOM   757  N N     . LEU A 1 93  ? -5.491  -3.416  7.560   1.00 23.83 ? 184  LEU A N     1 
ATOM   758  C CA    . LEU A 1 93  ? -6.325  -4.555  7.195   1.00 29.79 ? 184  LEU A CA    1 
ATOM   759  C C     . LEU A 1 93  ? -5.557  -5.609  6.389   1.00 31.36 ? 184  LEU A C     1 
ATOM   760  O O     . LEU A 1 93  ? -5.686  -6.814  6.636   1.00 30.02 ? 184  LEU A O     1 
ATOM   761  C CB    . LEU A 1 93  ? -7.618  -4.119  6.462   1.00 26.71 ? 184  LEU A CB    1 
ATOM   762  C CG    . LEU A 1 93  ? -8.593  -5.293  6.263   1.00 30.11 ? 184  LEU A CG    1 
ATOM   763  C CD1   . LEU A 1 93  ? -9.138  -5.808  7.617   1.00 31.72 ? 184  LEU A CD1   1 
ATOM   764  C CD2   . LEU A 1 93  ? -9.733  -4.986  5.287   1.00 32.25 ? 184  LEU A CD2   1 
ATOM   765  N N     . SER A 1 94  ? -4.747  -5.165  5.432   1.00 27.50 ? 185  SER A N     1 
ATOM   766  C CA    . SER A 1 94  ? -3.937  -6.116  4.675   1.00 31.71 ? 185  SER A CA    1 
ATOM   767  C C     . SER A 1 94  ? -2.899  -6.827  5.567   1.00 26.21 ? 185  SER A C     1 
ATOM   768  O O     . SER A 1 94  ? -2.723  -8.030  5.468   1.00 27.38 ? 185  SER A O     1 
ATOM   769  C CB    . SER A 1 94  ? -3.290  -5.458  3.445   1.00 26.68 ? 185  SER A CB    1 
ATOM   770  O OG    . SER A 1 94  ? -2.413  -4.435  3.830   1.00 31.41 ? 185  SER A OG    1 
ATOM   771  N N     . GLY A 1 95  ? -2.242  -6.094  6.456   1.00 27.22 ? 186  GLY A N     1 
ATOM   772  C CA    . GLY A 1 95  ? -1.335  -6.732  7.394   1.00 27.22 ? 186  GLY A CA    1 
ATOM   773  C C     . GLY A 1 95  ? -2.038  -7.760  8.268   1.00 32.81 ? 186  GLY A C     1 
ATOM   774  O O     . GLY A 1 95  ? -1.487  -8.825  8.554   1.00 32.55 ? 186  GLY A O     1 
ATOM   775  N N     . TYR A 1 96  ? -3.253  -7.435  8.709   1.00 30.09 ? 187  TYR A N     1 
ATOM   776  C CA    . TYR A 1 96  ? -4.000  -8.335  9.565   1.00 34.71 ? 187  TYR A CA    1 
ATOM   777  C C     . TYR A 1 96  ? -4.335  -9.609  8.792   1.00 32.43 ? 187  TYR A C     1 
ATOM   778  O O     . TYR A 1 96  ? -4.194  -10.716 9.303   1.00 32.18 ? 187  TYR A O     1 
ATOM   779  C CB    . TYR A 1 96  ? -5.296  -7.684  10.101  1.00 32.84 ? 187  TYR A CB    1 
ATOM   780  C CG    . TYR A 1 96  ? -6.098  -8.703  10.849  1.00 36.37 ? 187  TYR A CG    1 
ATOM   781  C CD1   . TYR A 1 96  ? -5.801  -9.001  12.171  1.00 34.92 ? 187  TYR A CD1   1 
ATOM   782  C CD2   . TYR A 1 96  ? -7.100  -9.416  10.220  1.00 27.77 ? 187  TYR A CD2   1 
ATOM   783  C CE1   . TYR A 1 96  ? -6.486  -9.964  12.843  1.00 37.08 ? 187  TYR A CE1   1 
ATOM   784  C CE2   . TYR A 1 96  ? -7.807  -10.391 10.894  1.00 33.07 ? 187  TYR A CE2   1 
ATOM   785  C CZ    . TYR A 1 96  ? -7.496  -10.656 12.202  1.00 43.14 ? 187  TYR A CZ    1 
ATOM   786  O OH    . TYR A 1 96  ? -8.187  -11.627 12.886  1.00 43.12 ? 187  TYR A OH    1 
ATOM   787  N N     . VAL A 1 97  ? -4.803  -9.448  7.564   1.00 29.71 ? 188  VAL A N     1 
ATOM   788  C CA    . VAL A 1 97  ? -5.175  -10.606 6.763   1.00 31.45 ? 188  VAL A CA    1 
ATOM   789  C C     . VAL A 1 97  ? -3.948  -11.441 6.415   1.00 34.78 ? 188  VAL A C     1 
ATOM   790  O O     . VAL A 1 97  ? -4.003  -12.668 6.424   1.00 36.68 ? 188  VAL A O     1 
ATOM   791  C CB    . VAL A 1 97  ? -5.955  -10.200 5.496   1.00 31.56 ? 188  VAL A CB    1 
ATOM   792  C CG1   . VAL A 1 97  ? -6.231  -11.404 4.633   1.00 30.24 ? 188  VAL A CG1   1 
ATOM   793  C CG2   . VAL A 1 97  ? -7.261  -9.527  5.885   1.00 29.47 ? 188  VAL A CG2   1 
ATOM   794  N N     . GLN A 1 98  ? -2.831  -10.766 6.154   1.00 34.65 ? 189  GLN A N     1 
ATOM   795  C CA    . GLN A 1 98  ? -1.581  -11.457 5.853   1.00 35.75 ? 189  GLN A CA    1 
ATOM   796  C C     . GLN A 1 98  ? -1.105  -12.300 7.040   1.00 37.06 ? 189  GLN A C     1 
ATOM   797  O O     . GLN A 1 98  ? -0.853  -13.492 6.893   1.00 38.77 ? 189  GLN A O     1 
ATOM   798  C CB    . GLN A 1 98  ? -0.501  -10.464 5.387   1.00 35.10 ? 189  GLN A CB    1 
ATOM   799  C CG    . GLN A 1 98  ? 0.827   -11.095 4.982   1.00 32.56 ? 189  GLN A CG    1 
ATOM   800  C CD    . GLN A 1 98  ? 0.703   -12.093 3.839   1.00 40.37 ? 189  GLN A CD    1 
ATOM   801  O OE1   . GLN A 1 98  ? -0.159  -11.967 2.984   1.00 40.60 ? 189  GLN A OE1   1 
ATOM   802  N NE2   . GLN A 1 98  ? 1.574   -13.101 3.833   1.00 41.30 ? 189  GLN A NE2   1 
ATOM   803  N N     . GLN A 1 99  ? -1.006  -11.705 8.223   1.00 33.88 ? 190  GLN A N     1 
ATOM   804  C CA    . GLN A 1 99  ? -0.523  -12.478 9.371   1.00 38.99 ? 190  GLN A CA    1 
ATOM   805  C C     . GLN A 1 99  ? -1.462  -13.617 9.762   1.00 39.59 ? 190  GLN A C     1 
ATOM   806  O O     . GLN A 1 99  ? -1.016  -14.635 10.262  1.00 41.02 ? 190  GLN A O     1 
ATOM   807  C CB    . GLN A 1 99  ? -0.206  -11.586 10.586  1.00 36.66 ? 190  GLN A CB    1 
ATOM   808  C CG    . GLN A 1 99  ? -1.407  -10.916 11.239  1.00 37.74 ? 190  GLN A CG    1 
ATOM   809  C CD    . GLN A 1 99  ? -2.169  -11.830 12.208  1.00 44.82 ? 190  GLN A CD    1 
ATOM   810  O OE1   . GLN A 1 99  ? -1.598  -12.740 12.795  1.00 40.53 ? 190  GLN A OE1   1 
ATOM   811  N NE2   . GLN A 1 99  ? -3.471  -11.583 12.362  1.00 39.18 ? 190  GLN A NE2   1 
ATOM   812  N N     . LYS A 1 100 ? -2.757  -13.452 9.520   1.00 40.28 ? 191  LYS A N     1 
ATOM   813  C CA    . LYS A 1 100 ? -3.739  -14.456 9.920   1.00 38.57 ? 191  LYS A CA    1 
ATOM   814  C C     . LYS A 1 100 ? -3.510  -15.754 9.147   1.00 46.67 ? 191  LYS A C     1 
ATOM   815  O O     . LYS A 1 100 ? -3.556  -16.850 9.706   1.00 48.66 ? 191  LYS A O     1 
ATOM   816  C CB    . LYS A 1 100 ? -5.170  -13.936 9.677   1.00 37.59 ? 191  LYS A CB    1 
ATOM   817  C CG    . LYS A 1 100 ? -6.263  -14.860 10.194  1.00 41.85 ? 191  LYS A CG    1 
ATOM   818  C CD    . LYS A 1 100 ? -6.127  -15.026 11.704  1.00 44.91 ? 191  LYS A CD    1 
ATOM   819  C CE    . LYS A 1 100 ? -7.082  -16.080 12.257  1.00 52.81 ? 191  LYS A CE    1 
ATOM   820  N NZ    . LYS A 1 100 ? -7.060  -16.106 13.770  1.00 53.79 ? 191  LYS A NZ    1 
ATOM   821  N N     . PHE A 1 101 ? -3.252  -15.626 7.853   1.00 40.64 ? 192  PHE A N     1 
ATOM   822  C CA    . PHE A 1 101 ? -3.085  -16.798 7.000   1.00 46.16 ? 192  PHE A CA    1 
ATOM   823  C C     . PHE A 1 101 ? -1.658  -17.303 6.858   1.00 48.91 ? 192  PHE A C     1 
ATOM   824  O O     . PHE A 1 101 ? -1.466  -18.485 6.590   1.00 50.06 ? 192  PHE A O     1 
ATOM   825  C CB    . PHE A 1 101 ? -3.677  -16.551 5.618   1.00 45.29 ? 192  PHE A CB    1 
ATOM   826  C CG    . PHE A 1 101 ? -5.148  -16.384 5.636   1.00 48.13 ? 192  PHE A CG    1 
ATOM   827  C CD1   . PHE A 1 101 ? -5.967  -17.438 6.006   1.00 56.01 ? 192  PHE A CD1   1 
ATOM   828  C CD2   . PHE A 1 101 ? -5.722  -15.173 5.300   1.00 46.91 ? 192  PHE A CD2   1 
ATOM   829  C CE1   . PHE A 1 101 ? -7.342  -17.292 6.034   1.00 57.07 ? 192  PHE A CE1   1 
ATOM   830  C CE2   . PHE A 1 101 ? -7.101  -15.017 5.321   1.00 55.65 ? 192  PHE A CE2   1 
ATOM   831  C CZ    . PHE A 1 101 ? -7.911  -16.079 5.690   1.00 57.17 ? 192  PHE A CZ    1 
ATOM   832  N N     . SER A 1 102 ? -0.669  -16.431 7.044   1.00 44.02 ? 193  SER A N     1 
ATOM   833  C CA    . SER A 1 102 ? 0.717   -16.791 6.736   1.00 42.48 ? 193  SER A CA    1 
ATOM   834  C C     . SER A 1 102 ? 1.739   -16.347 7.774   1.00 43.85 ? 193  SER A C     1 
ATOM   835  O O     . SER A 1 102 ? 2.946   -16.459 7.563   1.00 48.03 ? 193  SER A O     1 
ATOM   836  C CB    . SER A 1 102 ? 1.096   -16.216 5.379   1.00 41.56 ? 193  SER A CB    1 
ATOM   837  O OG    . SER A 1 102 ? 0.141   -16.599 4.404   1.00 47.12 ? 193  SER A OG    1 
ATOM   838  N N     . GLY A 1 103 ? 1.272   -15.824 8.893   1.00 41.22 ? 194  GLY A N     1 
ATOM   839  C CA    . GLY A 1 103 ? 2.196   -15.428 9.938   1.00 39.11 ? 194  GLY A CA    1 
ATOM   840  C C     . GLY A 1 103 ? 2.729   -14.036 9.706   1.00 43.25 ? 194  GLY A C     1 
ATOM   841  O O     . GLY A 1 103 ? 2.469   -13.426 8.665   1.00 38.85 ? 194  GLY A O     1 
ATOM   842  N N     . PRO A 1 104 ? 3.488   -13.529 10.675  1.00 39.54 ? 195  PRO A N     1 
ATOM   843  C CA    . PRO A 1 104 ? 3.859   -12.116 10.755  1.00 34.73 ? 195  PRO A CA    1 
ATOM   844  C C     . PRO A 1 104 ? 5.103   -11.663 9.952   1.00 38.74 ? 195  PRO A C     1 
ATOM   845  O O     . PRO A 1 104 ? 5.434   -10.477 9.999   1.00 35.02 ? 195  PRO A O     1 
ATOM   846  C CB    . PRO A 1 104 ? 4.100   -11.923 12.252  1.00 36.34 ? 195  PRO A CB    1 
ATOM   847  C CG    . PRO A 1 104 ? 4.576   -13.289 12.710  1.00 39.84 ? 195  PRO A CG    1 
ATOM   848  C CD    . PRO A 1 104 ? 3.857   -14.285 11.887  1.00 35.20 ? 195  PRO A CD    1 
ATOM   849  N N     . TRP A 1 105 ? 5.777   -12.561 9.244   1.00 40.65 ? 196  TRP A N     1 
ATOM   850  C CA    . TRP A 1 105 ? 7.000   -12.186 8.524   1.00 43.92 ? 196  TRP A CA    1 
ATOM   851  C C     . TRP A 1 105 ? 6.705   -11.757 7.091   1.00 40.85 ? 196  TRP A C     1 
ATOM   852  O O     . TRP A 1 105 ? 6.643   -12.586 6.188   1.00 42.11 ? 196  TRP A O     1 
ATOM   853  C CB    . TRP A 1 105 ? 8.033   -13.328 8.574   1.00 45.27 ? 196  TRP A CB    1 
ATOM   854  C CG    . TRP A 1 105 ? 8.311   -13.760 9.979   1.00 43.15 ? 196  TRP A CG    1 
ATOM   855  C CD1   . TRP A 1 105 ? 7.894   -14.919 10.590  1.00 43.54 ? 196  TRP A CD1   1 
ATOM   856  C CD2   . TRP A 1 105 ? 9.008   -13.010 10.981  1.00 42.69 ? 196  TRP A CD2   1 
ATOM   857  N NE1   . TRP A 1 105 ? 8.318   -14.940 11.899  1.00 43.54 ? 196  TRP A NE1   1 
ATOM   858  C CE2   . TRP A 1 105 ? 8.997   -13.781 12.167  1.00 38.09 ? 196  TRP A CE2   1 
ATOM   859  C CE3   . TRP A 1 105 ? 9.657   -11.777 10.985  1.00 46.46 ? 196  TRP A CE3   1 
ATOM   860  C CZ2   . TRP A 1 105 ? 9.616   -13.361 13.332  1.00 45.18 ? 196  TRP A CZ2   1 
ATOM   861  C CZ3   . TRP A 1 105 ? 10.265  -11.356 12.154  1.00 50.81 ? 196  TRP A CZ3   1 
ATOM   862  C CH2   . TRP A 1 105 ? 10.240  -12.147 13.311  1.00 48.90 ? 196  TRP A CH2   1 
ATOM   863  N N     . PHE A 1 106 ? 6.495   -10.454 6.900   1.00 40.12 ? 197  PHE A N     1 
ATOM   864  C CA    . PHE A 1 106 ? 6.051   -9.906  5.607   1.00 42.04 ? 197  PHE A CA    1 
ATOM   865  C C     . PHE A 1 106 ? 6.314   -8.399  5.588   1.00 37.79 ? 197  PHE A C     1 
ATOM   866  O O     . PHE A 1 106 ? 6.622   -7.817  6.626   1.00 38.39 ? 197  PHE A O     1 
ATOM   867  C CB    . PHE A 1 106 ? 4.560   -10.208 5.345   1.00 38.39 ? 197  PHE A CB    1 
ATOM   868  C CG    . PHE A 1 106 ? 3.601   -9.529  6.321   1.00 40.36 ? 197  PHE A CG    1 
ATOM   869  C CD1   . PHE A 1 106 ? 3.142   -8.229  6.096   1.00 37.57 ? 197  PHE A CD1   1 
ATOM   870  C CD2   . PHE A 1 106 ? 3.140   -10.200 7.442   1.00 34.69 ? 197  PHE A CD2   1 
ATOM   871  C CE1   . PHE A 1 106 ? 2.258   -7.607  7.001   1.00 31.21 ? 197  PHE A CE1   1 
ATOM   872  C CE2   . PHE A 1 106 ? 2.272   -9.586  8.348   1.00 37.14 ? 197  PHE A CE2   1 
ATOM   873  C CZ    . PHE A 1 106 ? 1.834   -8.283  8.122   1.00 32.07 ? 197  PHE A CZ    1 
ATOM   874  N N     . GLY A 1 107 ? 6.200   -7.767  4.423   1.00 32.67 ? 198  GLY A N     1 
ATOM   875  C CA    . GLY A 1 107 ? 6.313   -6.318  4.366   1.00 33.85 ? 198  GLY A CA    1 
ATOM   876  C C     . GLY A 1 107 ? 5.936   -5.691  3.041   1.00 35.72 ? 198  GLY A C     1 
ATOM   877  O O     . GLY A 1 107 ? 5.714   -6.379  2.044   1.00 37.01 ? 198  GLY A O     1 
ATOM   878  N N     . GLY A 1 108 ? 5.851   -4.371  3.008   1.00 29.21 ? 199  GLY A N     1 
ATOM   879  C CA    . GLY A 1 108 ? 5.700   -3.727  1.713   1.00 33.34 ? 199  GLY A CA    1 
ATOM   880  C C     . GLY A 1 108 ? 4.408   -2.988  1.524   1.00 37.57 ? 199  GLY A C     1 
ATOM   881  O O     . GLY A 1 108 ? 3.453   -3.192  2.289   1.00 32.50 ? 199  GLY A O     1 
ATOM   882  N N     . LEU A 1 109 ? 4.383   -2.143  0.495   1.00 30.83 ? 200  LEU A N     1 
ATOM   883  C CA    . LEU A 1 109 ? 3.257   -1.248  0.240   1.00 32.60 ? 200  LEU A CA    1 
ATOM   884  C C     . LEU A 1 109 ? 2.204   -1.852  -0.657  1.00 27.34 ? 200  LEU A C     1 
ATOM   885  O O     . LEU A 1 109 ? 1.288   -1.154  -1.062  1.00 31.62 ? 200  LEU A O     1 
ATOM   886  C CB    . LEU A 1 109 ? 3.732   0.074   -0.378  1.00 29.49 ? 200  LEU A CB    1 
ATOM   887  C CG    . LEU A 1 109 ? 4.234   1.178   0.552   1.00 45.16 ? 200  LEU A CG    1 
ATOM   888  C CD1   . LEU A 1 109 ? 4.804   2.358   -0.259  1.00 32.07 ? 200  LEU A CD1   1 
ATOM   889  C CD2   . LEU A 1 109 ? 3.117   1.642   1.514   1.00 31.55 ? 200  LEU A CD2   1 
ATOM   890  N N     . SER A 1 110 ? 2.323   -3.135  -0.972  1.00 28.63 ? 201  SER A N     1 
ATOM   891  C CA    . SER A 1 110 ? 1.395   -3.751  -1.917  1.00 37.34 ? 201  SER A CA    1 
ATOM   892  C C     . SER A 1 110 ? -0.057  -3.580  -1.500  1.00 34.95 ? 201  SER A C     1 
ATOM   893  O O     . SER A 1 110 ? -0.890  -3.243  -2.326  1.00 31.78 ? 201  SER A O     1 
ATOM   894  C CB    . SER A 1 110 ? 1.698   -5.241  -2.121  1.00 36.01 ? 201  SER A CB    1 
ATOM   895  O OG    . SER A 1 110 ? 2.986   -5.407  -2.686  1.00 49.10 ? 201  SER A OG    1 
ATOM   896  N N     . GLY A 1 111 ? -0.345  -3.837  -0.222  1.00 35.66 ? 202  GLY A N     1 
ATOM   897  C CA    . GLY A 1 111 ? -1.694  -3.728  0.301   1.00 28.65 ? 202  GLY A CA    1 
ATOM   898  C C     . GLY A 1 111 ? -2.194  -2.332  0.065   1.00 23.98 ? 202  GLY A C     1 
ATOM   899  O O     . GLY A 1 111 ? -3.299  -2.122  -0.402  1.00 29.29 ? 202  GLY A O     1 
ATOM   900  N N     . VAL A 1 112 ? -1.349  -1.366  0.375   1.00 29.86 ? 203  VAL A N     1 
ATOM   901  C CA    . VAL A 1 112 ? -1.692  0.024   0.174   1.00 27.27 ? 203  VAL A CA    1 
ATOM   902  C C     . VAL A 1 112 ? -1.910  0.397   -1.304  1.00 32.31 ? 203  VAL A C     1 
ATOM   903  O O     . VAL A 1 112 ? -2.850  1.131   -1.626  1.00 35.04 ? 203  VAL A O     1 
ATOM   904  C CB    . VAL A 1 112 ? -0.640  0.920   0.789   1.00 28.26 ? 203  VAL A CB    1 
ATOM   905  C CG1   . VAL A 1 112 ? -0.926  2.379   0.455   1.00 25.31 ? 203  VAL A CG1   1 
ATOM   906  C CG2   . VAL A 1 112 ? -0.619  0.705   2.294   1.00 29.63 ? 203  VAL A CG2   1 
ATOM   907  N N     . VAL A 1 113 ? -1.066  -0.112  -2.200  1.00 32.54 ? 204  VAL A N     1 
ATOM   908  C CA    . VAL A 1 113 ? -1.205  0.184   -3.634  1.00 29.11 ? 204  VAL A CA    1 
ATOM   909  C C     . VAL A 1 113 ? -2.515  -0.390  -4.201  1.00 29.58 ? 204  VAL A C     1 
ATOM   910  O O     . VAL A 1 113 ? -3.210  0.274   -4.973  1.00 31.51 ? 204  VAL A O     1 
ATOM   911  C CB    . VAL A 1 113 ? 0.042   -0.299  -4.441  1.00 34.81 ? 204  VAL A CB    1 
ATOM   912  C CG1   . VAL A 1 113 ? -0.219  -0.256  -5.955  1.00 36.19 ? 204  VAL A CG1   1 
ATOM   913  C CG2   . VAL A 1 113 ? 1.253   0.546   -4.095  1.00 30.76 ? 204  VAL A CG2   1 
ATOM   914  N N     . TYR A 1 114 ? -2.862  -1.616  -3.802  1.00 28.70 ? 205  TYR A N     1 
ATOM   915  C CA    . TYR A 1 114 ? -4.157  -2.209  -4.159  1.00 34.13 ? 205  TYR A CA    1 
ATOM   916  C C     . TYR A 1 114 ? -5.348  -1.331  -3.708  1.00 35.95 ? 205  TYR A C     1 
ATOM   917  O O     . TYR A 1 114 ? -6.326  -1.158  -4.449  1.00 32.79 ? 205  TYR A O     1 
ATOM   918  C CB    . TYR A 1 114 ? -4.283  -3.637  -3.589  1.00 35.70 ? 205  TYR A CB    1 
ATOM   919  C CG    . TYR A 1 114 ? -3.794  -4.765  -4.515  1.00 39.46 ? 205  TYR A CG    1 
ATOM   920  C CD1   . TYR A 1 114 ? -4.650  -5.357  -5.452  1.00 40.02 ? 205  TYR A CD1   1 
ATOM   921  C CD2   . TYR A 1 114 ? -2.496  -5.252  -4.429  1.00 34.44 ? 205  TYR A CD2   1 
ATOM   922  C CE1   . TYR A 1 114 ? -4.203  -6.389  -6.294  1.00 39.73 ? 205  TYR A CE1   1 
ATOM   923  C CE2   . TYR A 1 114 ? -2.050  -6.281  -5.254  1.00 40.33 ? 205  TYR A CE2   1 
ATOM   924  C CZ    . TYR A 1 114 ? -2.901  -6.836  -6.184  1.00 39.36 ? 205  TYR A CZ    1 
ATOM   925  O OH    . TYR A 1 114 ? -2.443  -7.853  -6.989  1.00 53.06 ? 205  TYR A OH    1 
ATOM   926  N N     . ALA A 1 115 ? -5.265  -0.768  -2.499  1.00 29.93 ? 206  ALA A N     1 
ATOM   927  C CA    . ALA A 1 115 ? -6.268  0.203   -2.046  1.00 30.74 ? 206  ALA A CA    1 
ATOM   928  C C     . ALA A 1 115 ? -6.387  1.451   -2.927  1.00 33.67 ? 206  ALA A C     1 
ATOM   929  O O     . ALA A 1 115 ? -7.500  1.871   -3.280  1.00 31.75 ? 206  ALA A O     1 
ATOM   930  C CB    . ALA A 1 115 ? -5.965  0.622   -0.615  1.00 28.50 ? 206  ALA A CB    1 
ATOM   931  N N     . LEU A 1 116 ? -5.243  2.065   -3.249  1.00 31.44 ? 207  LEU A N     1 
ATOM   932  C CA    . LEU A 1 116 ? -5.218  3.286   -4.060  1.00 30.06 ? 207  LEU A CA    1 
ATOM   933  C C     . LEU A 1 116 ? -5.753  2.994   -5.461  1.00 34.37 ? 207  LEU A C     1 
ATOM   934  O O     . LEU A 1 116 ? -6.542  3.748   -6.039  1.00 33.94 ? 207  LEU A O     1 
ATOM   935  C CB    . LEU A 1 116 ? -3.801  3.853   -4.128  1.00 30.54 ? 207  LEU A CB    1 
ATOM   936  C CG    . LEU A 1 116 ? -3.228  4.462   -2.843  1.00 36.41 ? 207  LEU A CG    1 
ATOM   937  C CD1   . LEU A 1 116 ? -1.744  4.749   -2.978  1.00 31.65 ? 207  LEU A CD1   1 
ATOM   938  C CD2   . LEU A 1 116 ? -3.960  5.747   -2.458  1.00 36.73 ? 207  LEU A CD2   1 
ATOM   939  N N     . MET A 1 117 ? -5.357  1.852   -5.982  1.00 34.03 ? 208  MET A N     1 
ATOM   940  C CA    A MET A 1 117 ? -5.823  1.444   -7.295  0.65 36.47 ? 208  MET A CA    1 
ATOM   941  C CA    B MET A 1 117 ? -5.824  1.391   -7.278  0.35 37.12 ? 208  MET A CA    1 
ATOM   942  C C     . MET A 1 117 ? -7.335  1.265   -7.316  1.00 36.58 ? 208  MET A C     1 
ATOM   943  O O     . MET A 1 117 ? -8.001  1.806   -8.187  1.00 38.87 ? 208  MET A O     1 
ATOM   944  C CB    A MET A 1 117 ? -5.148  0.152   -7.704  0.65 39.02 ? 208  MET A CB    1 
ATOM   945  C CB    B MET A 1 117 ? -5.225  0.027   -7.545  0.35 39.16 ? 208  MET A CB    1 
ATOM   946  C CG    A MET A 1 117 ? -5.165  -0.127  -9.177  0.65 47.77 ? 208  MET A CG    1 
ATOM   947  C CG    B MET A 1 117 ? -5.643  -0.591  -8.832  0.35 45.57 ? 208  MET A CG    1 
ATOM   948  S SD    A MET A 1 117 ? -4.819  -1.877  -9.371  0.65 67.02 ? 208  MET A SD    1 
ATOM   949  S SD    B MET A 1 117 ? -4.194  -1.462  -9.408  0.35 57.46 ? 208  MET A SD    1 
ATOM   950  C CE    A MET A 1 117 ? -6.396  -2.562  -8.878  0.65 43.70 ? 208  MET A CE    1 
ATOM   951  C CE    B MET A 1 117 ? -2.995  -0.133  -9.360  0.35 49.18 ? 208  MET A CE    1 
ATOM   952  N N     . GLY A 1 118 ? -7.875  0.509   -6.365  1.00 35.42 ? 209  GLY A N     1 
ATOM   953  C CA    . GLY A 1 118 ? -9.312  0.330   -6.282  1.00 34.54 ? 209  GLY A CA    1 
ATOM   954  C C     . GLY A 1 118 ? -10.009 1.657   -6.050  1.00 38.85 ? 209  GLY A C     1 
ATOM   955  O O     . GLY A 1 118 ? -11.052 1.946   -6.651  1.00 37.39 ? 209  GLY A O     1 
ATOM   956  N N     . TYR A 1 119 ? -9.411  2.482   -5.192  1.00 35.20 ? 210  TYR A N     1 
ATOM   957  C CA    . TYR A 1 119 ? -9.985  3.778   -4.895  1.00 34.13 ? 210  TYR A CA    1 
ATOM   958  C C     . TYR A 1 119 ? -10.061 4.655   -6.150  1.00 37.19 ? 210  TYR A C     1 
ATOM   959  O O     . TYR A 1 119 ? -11.134 5.117   -6.529  1.00 36.50 ? 210  TYR A O     1 
ATOM   960  C CB    . TYR A 1 119 ? -9.208  4.516   -3.786  1.00 32.35 ? 210  TYR A CB    1 
ATOM   961  C CG    . TYR A 1 119 ? -9.867  5.838   -3.464  1.00 34.26 ? 210  TYR A CG    1 
ATOM   962  C CD1   . TYR A 1 119 ? -9.548  6.989   -4.182  1.00 37.83 ? 210  TYR A CD1   1 
ATOM   963  C CD2   . TYR A 1 119 ? -10.833 5.935   -2.461  1.00 34.76 ? 210  TYR A CD2   1 
ATOM   964  C CE1   . TYR A 1 119 ? -10.167 8.199   -3.917  1.00 37.48 ? 210  TYR A CE1   1 
ATOM   965  C CE2   . TYR A 1 119 ? -11.455 7.142   -2.187  1.00 33.31 ? 210  TYR A CE2   1 
ATOM   966  C CZ    . TYR A 1 119 ? -11.131 8.268   -2.932  1.00 39.38 ? 210  TYR A CZ    1 
ATOM   967  O OH    . TYR A 1 119 ? -11.741 9.479   -2.681  1.00 38.35 ? 210  TYR A OH    1 
ATOM   968  N N     . VAL A 1 120 ? -8.916  4.903   -6.771  1.00 38.69 ? 211  VAL A N     1 
ATOM   969  C CA    . VAL A 1 120 ? -8.865  5.756   -7.956  1.00 39.93 ? 211  VAL A CA    1 
ATOM   970  C C     . VAL A 1 120 ? -9.776  5.228   -9.065  1.00 41.92 ? 211  VAL A C     1 
ATOM   971  O O     . VAL A 1 120 ? -10.547 5.986   -9.664  1.00 45.66 ? 211  VAL A O     1 
ATOM   972  C CB    . VAL A 1 120 ? -7.427  5.924   -8.476  1.00 46.24 ? 211  VAL A CB    1 
ATOM   973  C CG1   . VAL A 1 120 ? -7.420  6.594   -9.858  1.00 43.42 ? 211  VAL A CG1   1 
ATOM   974  C CG2   . VAL A 1 120 ? -6.611  6.738   -7.491  1.00 43.07 ? 211  VAL A CG2   1 
ATOM   975  N N     . TRP A 1 121 ? -9.719  3.929   -9.324  1.00 37.64 ? 212  TRP A N     1 
ATOM   976  C CA    . TRP A 1 121 ? -10.591 3.361   -10.344 1.00 42.11 ? 212  TRP A CA    1 
ATOM   977  C C     . TRP A 1 121 ? -12.097 3.563   -10.089 1.00 49.01 ? 212  TRP A C     1 
ATOM   978  O O     . TRP A 1 121 ? -12.828 4.074   -10.949 1.00 46.69 ? 212  TRP A O     1 
ATOM   979  C CB    . TRP A 1 121 ? -10.307 1.876   -10.538 1.00 45.74 ? 212  TRP A CB    1 
ATOM   980  C CG    . TRP A 1 121 ? -11.240 1.279   -11.512 1.00 44.24 ? 212  TRP A CG    1 
ATOM   981  C CD1   . TRP A 1 121 ? -11.224 1.446   -12.872 1.00 47.54 ? 212  TRP A CD1   1 
ATOM   982  C CD2   . TRP A 1 121 ? -12.361 0.439   -11.223 1.00 51.64 ? 212  TRP A CD2   1 
ATOM   983  N NE1   . TRP A 1 121 ? -12.260 0.748   -13.442 1.00 46.34 ? 212  TRP A NE1   1 
ATOM   984  C CE2   . TRP A 1 121 ? -12.969 0.114   -12.456 1.00 43.85 ? 212  TRP A CE2   1 
ATOM   985  C CE3   . TRP A 1 121 ? -12.909 -0.079  -10.042 1.00 49.66 ? 212  TRP A CE3   1 
ATOM   986  C CZ2   . TRP A 1 121 ? -14.094 -0.697  -12.538 1.00 48.76 ? 212  TRP A CZ2   1 
ATOM   987  C CZ3   . TRP A 1 121 ? -14.024 -0.889  -10.124 1.00 48.10 ? 212  TRP A CZ3   1 
ATOM   988  C CH2   . TRP A 1 121 ? -14.609 -1.189  -11.366 1.00 52.70 ? 212  TRP A CH2   1 
ATOM   989  N N     . LEU A 1 122 ? -12.571 3.150   -8.919  1.00 43.33 ? 213  LEU A N     1 
ATOM   990  C CA    . LEU A 1 122 ? -14.000 3.231   -8.645  1.00 44.40 ? 213  LEU A CA    1 
ATOM   991  C C     . LEU A 1 122 ? -14.451 4.685   -8.483  1.00 44.98 ? 213  LEU A C     1 
ATOM   992  O O     . LEU A 1 122 ? -15.570 5.040   -8.857  1.00 50.33 ? 213  LEU A O     1 
ATOM   993  C CB    . LEU A 1 122 ? -14.379 2.387   -7.427  1.00 40.62 ? 213  LEU A CB    1 
ATOM   994  C CG    . LEU A 1 122 ? -15.867 2.276   -7.090  1.00 44.87 ? 213  LEU A CG    1 
ATOM   995  C CD1   . LEU A 1 122 ? -16.598 1.573   -8.203  1.00 48.93 ? 213  LEU A CD1   1 
ATOM   996  C CD2   . LEU A 1 122 ? -16.064 1.526   -5.769  1.00 43.94 ? 213  LEU A CD2   1 
ATOM   997  N N     . ARG A 1 123 ? -13.583 5.528   -7.938  1.00 41.99 ? 214  ARG A N     1 
ATOM   998  C CA    . ARG A 1 123 ? -13.906 6.950   -7.805  1.00 43.96 ? 214  ARG A CA    1 
ATOM   999  C C     . ARG A 1 123 ? -14.190 7.592   -9.172  1.00 50.70 ? 214  ARG A C     1 
ATOM   1000 O O     . ARG A 1 123 ? -15.104 8.396   -9.301  1.00 54.42 ? 214  ARG A O     1 
ATOM   1001 C CB    . ARG A 1 123 ? -12.783 7.702   -7.097  1.00 44.84 ? 214  ARG A CB    1 
ATOM   1002 C CG    . ARG A 1 123 ? -13.148 9.106   -6.710  1.00 44.49 ? 214  ARG A CG    1 
ATOM   1003 C CD    . ARG A 1 123 ? -14.115 9.084   -5.541  1.00 50.43 ? 214  ARG A CD    1 
ATOM   1004 N NE    . ARG A 1 123 ? -14.915 10.300  -5.496  1.00 47.65 ? 214  ARG A NE    1 
ATOM   1005 C CZ    . ARG A 1 123 ? -14.556 11.411  -4.867  1.00 47.68 ? 214  ARG A CZ    1 
ATOM   1006 N NH1   . ARG A 1 123 ? -13.404 11.474  -4.211  1.00 39.79 ? 214  ARG A NH1   1 
ATOM   1007 N NH2   . ARG A 1 123 ? -15.357 12.466  -4.900  1.00 56.45 ? 214  ARG A NH2   1 
ATOM   1008 N N     . GLY A 1 124 ? -13.411 7.226   -10.189 1.00 52.79 ? 215  GLY A N     1 
ATOM   1009 C CA    . GLY A 1 124 ? -13.608 7.750   -11.535 1.00 53.16 ? 215  GLY A CA    1 
ATOM   1010 C C     . GLY A 1 124 ? -14.789 7.126   -12.267 1.00 54.46 ? 215  GLY A C     1 
ATOM   1011 O O     . GLY A 1 124 ? -15.466 7.783   -13.058 1.00 58.76 ? 215  GLY A O     1 
ATOM   1012 N N     . GLU A 1 125 ? -15.029 5.850   -12.002 1.00 51.96 ? 216  GLU A N     1 
ATOM   1013 C CA    . GLU A 1 125 ? -16.168 5.127   -12.559 1.00 52.25 ? 216  GLU A CA    1 
ATOM   1014 C C     . GLU A 1 125 ? -17.502 5.735   -12.137 1.00 60.11 ? 216  GLU A C     1 
ATOM   1015 O O     . GLU A 1 125 ? -18.454 5.766   -12.916 1.00 65.75 ? 216  GLU A O     1 
ATOM   1016 C CB    . GLU A 1 125 ? -16.118 3.657   -12.117 1.00 51.11 ? 216  GLU A CB    1 
ATOM   1017 C CG    . GLU A 1 125 ? -16.995 2.714   -12.910 1.00 61.23 ? 216  GLU A CG    1 
ATOM   1018 C CD    . GLU A 1 125 ? -16.350 2.279   -14.223 1.00 69.49 ? 216  GLU A CD    1 
ATOM   1019 O OE1   . GLU A 1 125 ? -15.919 3.152   -15.017 1.00 66.15 ? 216  GLU A OE1   1 
ATOM   1020 O OE2   . GLU A 1 125 ? -16.263 1.054   -14.457 1.00 70.32 ? 216  GLU A OE2   1 
ATOM   1021 N N     . ARG A 1 126 ? -17.573 6.222   -10.902 1.00 56.92 ? 217  ARG A N     1 
ATOM   1022 C CA    . ARG A 1 126 ? -18.859 6.596   -10.324 1.00 55.35 ? 217  ARG A CA    1 
ATOM   1023 C C     . ARG A 1 126 ? -19.016 8.097   -10.131 1.00 60.42 ? 217  ARG A C     1 
ATOM   1024 O O     . ARG A 1 126 ? -20.099 8.569   -9.795  1.00 64.34 ? 217  ARG A O     1 
ATOM   1025 C CB    . ARG A 1 126 ? -19.063 5.886   -8.980  1.00 55.85 ? 217  ARG A CB    1 
ATOM   1026 C CG    . ARG A 1 126 ? -19.183 4.370   -9.085  1.00 58.46 ? 217  ARG A CG    1 
ATOM   1027 C CD    . ARG A 1 126 ? -19.397 3.755   -7.706  1.00 56.72 ? 217  ARG A CD    1 
ATOM   1028 N NE    . ARG A 1 126 ? -20.316 4.555   -6.903  1.00 58.80 ? 217  ARG A NE    1 
ATOM   1029 C CZ    . ARG A 1 126 ? -21.485 4.118   -6.445  1.00 61.99 ? 217  ARG A CZ    1 
ATOM   1030 N NH1   . ARG A 1 126 ? -21.878 2.876   -6.700  1.00 65.69 ? 217  ARG A NH1   1 
ATOM   1031 N NH2   . ARG A 1 126 ? -22.256 4.921   -5.725  1.00 61.75 ? 217  ARG A NH2   1 
ATOM   1032 N N     . ASP A 1 127 ? -17.939 8.845   -10.346 1.00 60.54 ? 218  ASP A N     1 
ATOM   1033 C CA    . ASP A 1 127 ? -17.927 10.267  -10.010 1.00 57.46 ? 218  ASP A CA    1 
ATOM   1034 C C     . ASP A 1 127 ? -16.790 11.007  -10.715 1.00 64.09 ? 218  ASP A C     1 
ATOM   1035 O O     . ASP A 1 127 ? -15.879 11.509  -10.053 1.00 59.25 ? 218  ASP A O     1 
ATOM   1036 C CB    . ASP A 1 127 ? -17.804 10.420  -8.483  1.00 65.28 ? 218  ASP A CB    1 
ATOM   1037 C CG    . ASP A 1 127 ? -17.836 11.867  -8.022  1.00 65.00 ? 218  ASP A CG    1 
ATOM   1038 O OD1   . ASP A 1 127 ? -18.490 12.702  -8.683  1.00 73.55 ? 218  ASP A OD1   1 
ATOM   1039 O OD2   . ASP A 1 127 ? -17.188 12.170  -7.000  1.00 63.13 ? 218  ASP A OD2   1 
ATOM   1040 N N     . PRO A 1 128 ? -16.838 11.071  -12.065 1.00 64.80 ? 219  PRO A N     1 
ATOM   1041 C CA    . PRO A 1 128 ? -15.781 11.739  -12.842 1.00 65.04 ? 219  PRO A CA    1 
ATOM   1042 C C     . PRO A 1 128 ? -15.505 13.174  -12.382 1.00 68.12 ? 219  PRO A C     1 
ATOM   1043 O O     . PRO A 1 128 ? -14.347 13.601  -12.399 1.00 69.98 ? 219  PRO A O     1 
ATOM   1044 C CB    . PRO A 1 128 ? -16.345 11.752  -14.269 1.00 64.65 ? 219  PRO A CB    1 
ATOM   1045 C CG    . PRO A 1 128 ? -17.317 10.622  -14.310 1.00 66.51 ? 219  PRO A CG    1 
ATOM   1046 C CD    . PRO A 1 128 ? -17.912 10.545  -12.930 1.00 60.34 ? 219  PRO A CD    1 
ATOM   1047 N N     . GLN A 1 129 ? -16.549 13.889  -11.962 1.00 69.52 ? 220  GLN A N     1 
ATOM   1048 C CA    . GLN A 1 129 ? -16.440 15.295  -11.559 1.00 67.13 ? 220  GLN A CA    1 
ATOM   1049 C C     . GLN A 1 129 ? -15.396 15.527  -10.471 1.00 72.10 ? 220  GLN A C     1 
ATOM   1050 O O     . GLN A 1 129 ? -14.909 16.649  -10.295 1.00 74.82 ? 220  GLN A O     1 
ATOM   1051 C CB    . GLN A 1 129 ? -17.800 15.834  -11.102 1.00 70.60 ? 220  GLN A CB    1 
ATOM   1052 N N     . SER A 1 130 ? -15.055 14.458  -9.751  1.00 70.93 ? 221  SER A N     1 
ATOM   1053 C CA    . SER A 1 130 ? -14.004 14.476  -8.735  1.00 66.20 ? 221  SER A CA    1 
ATOM   1054 C C     . SER A 1 130 ? -12.652 14.847  -9.328  1.00 64.30 ? 221  SER A C     1 
ATOM   1055 O O     . SER A 1 130 ? -11.743 15.255  -8.611  1.00 64.62 ? 221  SER A O     1 
ATOM   1056 C CB    . SER A 1 130 ? -13.897 13.098  -8.077  1.00 67.97 ? 221  SER A CB    1 
ATOM   1057 O OG    . SER A 1 130 ? -13.588 12.085  -9.034  1.00 64.12 ? 221  SER A OG    1 
ATOM   1058 N N     . GLY A 1 131 ? -12.527 14.683  -10.644 1.00 67.00 ? 222  GLY A N     1 
ATOM   1059 C CA    . GLY A 1 131 ? -11.298 14.987  -11.347 1.00 65.90 ? 222  GLY A CA    1 
ATOM   1060 C C     . GLY A 1 131 ? -10.274 13.877  -11.221 1.00 65.14 ? 222  GLY A C     1 
ATOM   1061 O O     . GLY A 1 131 ? -9.142  14.005  -11.676 1.00 65.14 ? 222  GLY A O     1 
ATOM   1062 N N     . ILE A 1 132 ? -10.665 12.778  -10.594 1.00 66.28 ? 223  ILE A N     1 
ATOM   1063 C CA    . ILE A 1 132 ? -9.735  11.678  -10.417 1.00 63.07 ? 223  ILE A CA    1 
ATOM   1064 C C     . ILE A 1 132 ? -10.306 10.397  -11.003 1.00 56.22 ? 223  ILE A C     1 
ATOM   1065 O O     . ILE A 1 132 ? -11.480 10.074  -10.818 1.00 57.60 ? 223  ILE A O     1 
ATOM   1066 C CB    . ILE A 1 132 ? -9.316  11.503  -8.938  1.00 58.38 ? 223  ILE A CB    1 
ATOM   1067 C CG1   . ILE A 1 132 ? -8.020  10.711  -8.845  1.00 59.53 ? 223  ILE A CG1   1 
ATOM   1068 C CG2   . ILE A 1 132 ? -10.396 10.827  -8.132  1.00 50.68 ? 223  ILE A CG2   1 
ATOM   1069 C CD1   . ILE A 1 132 ? -7.553  10.531  -7.441  1.00 54.26 ? 223  ILE A CD1   1 
ATOM   1070 N N     . TYR A 1 133 ? -9.466  9.680   -11.736 1.00 53.02 ? 224  TYR A N     1 
ATOM   1071 C CA    . TYR A 1 133 ? -9.909  8.488   -12.442 1.00 49.53 ? 224  TYR A CA    1 
ATOM   1072 C C     . TYR A 1 133 ? -8.679  7.648   -12.804 1.00 49.33 ? 224  TYR A C     1 
ATOM   1073 O O     . TYR A 1 133 ? -7.551  8.120   -12.743 1.00 47.83 ? 224  TYR A O     1 
ATOM   1074 C CB    . TYR A 1 133 ? -10.679 8.888   -13.707 1.00 53.93 ? 224  TYR A CB    1 
ATOM   1075 C CG    . TYR A 1 133 ? -9.799  9.553   -14.751 1.00 58.27 ? 224  TYR A CG    1 
ATOM   1076 C CD1   . TYR A 1 133 ? -9.573  10.922  -14.728 1.00 56.16 ? 224  TYR A CD1   1 
ATOM   1077 C CD2   . TYR A 1 133 ? -9.178  8.804   -15.747 1.00 58.65 ? 224  TYR A CD2   1 
ATOM   1078 C CE1   . TYR A 1 133 ? -8.757  11.529  -15.672 1.00 66.22 ? 224  TYR A CE1   1 
ATOM   1079 C CE2   . TYR A 1 133 ? -8.362  9.401   -16.697 1.00 60.50 ? 224  TYR A CE2   1 
ATOM   1080 C CZ    . TYR A 1 133 ? -8.154  10.764  -16.655 1.00 67.93 ? 224  TYR A CZ    1 
ATOM   1081 O OH    . TYR A 1 133 ? -7.341  11.359  -17.597 1.00 72.87 ? 224  TYR A OH    1 
ATOM   1082 N N     . LEU A 1 134 ? -8.891  6.395   -13.156 1.00 43.92 ? 225  LEU A N     1 
ATOM   1083 C CA    . LEU A 1 134 ? -7.792  5.559   -13.565 1.00 48.55 ? 225  LEU A CA    1 
ATOM   1084 C C     . LEU A 1 134 ? -7.838  5.432   -15.091 1.00 50.33 ? 225  LEU A C     1 
ATOM   1085 O O     . LEU A 1 134 ? -8.738  4.813   -15.637 1.00 46.95 ? 225  LEU A O     1 
ATOM   1086 C CB    . LEU A 1 134 ? -7.892  4.192   -12.885 1.00 45.42 ? 225  LEU A CB    1 
ATOM   1087 C CG    . LEU A 1 134 ? -6.678  3.289   -13.062 1.00 48.40 ? 225  LEU A CG    1 
ATOM   1088 C CD1   . LEU A 1 134 ? -5.422  4.026   -12.630 1.00 50.03 ? 225  LEU A CD1   1 
ATOM   1089 C CD2   . LEU A 1 134 ? -6.863  2.002   -12.281 1.00 43.80 ? 225  LEU A CD2   1 
ATOM   1090 N N     . GLN A 1 135 ? -6.866  6.047   -15.758 1.00 52.08 ? 226  GLN A N     1 
ATOM   1091 C CA    . GLN A 1 135 ? -6.772  6.059   -17.219 1.00 58.56 ? 226  GLN A CA    1 
ATOM   1092 C C     . GLN A 1 135 ? -6.712  4.656   -17.861 1.00 53.44 ? 226  GLN A C     1 
ATOM   1093 O O     . GLN A 1 135 ? -6.043  3.766   -17.344 1.00 51.79 ? 226  GLN A O     1 
ATOM   1094 C CB    . GLN A 1 135 ? -5.545  6.880   -17.625 1.00 54.47 ? 226  GLN A CB    1 
ATOM   1095 C CG    . GLN A 1 135 ? -5.431  7.131   -19.112 1.00 64.52 ? 226  GLN A CG    1 
ATOM   1096 C CD    . GLN A 1 135 ? -4.358  8.147   -19.451 1.00 71.89 ? 226  GLN A CD    1 
ATOM   1097 O OE1   . GLN A 1 135 ? -3.767  8.766   -18.562 1.00 79.49 ? 226  GLN A OE1   1 
ATOM   1098 N NE2   . GLN A 1 135 ? -4.101  8.326   -20.744 1.00 67.89 ? 226  GLN A NE2   1 
ATOM   1099 N N     . ARG A 1 136 ? -7.406  4.481   -18.989 1.00 51.94 ? 227  ARG A N     1 
ATOM   1100 C CA    . ARG A 1 136 ? -7.479  3.194   -19.707 1.00 52.39 ? 227  ARG A CA    1 
ATOM   1101 C C     . ARG A 1 136 ? -6.156  2.424   -19.790 1.00 49.45 ? 227  ARG A C     1 
ATOM   1102 O O     . ARG A 1 136 ? -6.095  1.243   -19.433 1.00 48.94 ? 227  ARG A O     1 
ATOM   1103 C CB    . ARG A 1 136 ? -8.050  3.384   -21.118 1.00 52.49 ? 227  ARG A CB    1 
ATOM   1104 C CG    . ARG A 1 136 ? -9.568  3.467   -21.181 1.00 51.68 ? 227  ARG A CG    1 
ATOM   1105 C CD    . ARG A 1 136 ? -10.029 3.843   -22.574 1.00 48.48 ? 227  ARG A CD    1 
ATOM   1106 N NE    . ARG A 1 136 ? -11.449 3.575   -22.760 1.00 43.75 ? 227  ARG A NE    1 
ATOM   1107 C CZ    . ARG A 1 136 ? -12.076 3.630   -23.929 1.00 46.98 ? 227  ARG A CZ    1 
ATOM   1108 N NH1   . ARG A 1 136 ? -11.406 3.941   -25.026 1.00 53.27 ? 227  ARG A NH1   1 
ATOM   1109 N NH2   . ARG A 1 136 ? -13.374 3.371   -24.006 1.00 45.58 ? 227  ARG A NH2   1 
ATOM   1110 N N     . GLY A 1 137 ? -5.101  3.085   -20.252 1.00 44.15 ? 228  GLY A N     1 
ATOM   1111 C CA    . GLY A 1 137 ? -3.795  2.448   -20.290 1.00 46.41 ? 228  GLY A CA    1 
ATOM   1112 C C     . GLY A 1 137 ? -3.390  1.900   -18.934 1.00 54.93 ? 228  GLY A C     1 
ATOM   1113 O O     . GLY A 1 137 ? -2.797  0.820   -18.837 1.00 55.17 ? 228  GLY A O     1 
ATOM   1114 N N     . LEU A 1 138 ? -3.729  2.639   -17.877 1.00 55.19 ? 229  LEU A N     1 
ATOM   1115 C CA    . LEU A 1 138 ? -3.352  2.260   -16.515 1.00 55.46 ? 229  LEU A CA    1 
ATOM   1116 C C     . LEU A 1 138 ? -4.230  1.172   -15.943 1.00 48.46 ? 229  LEU A C     1 
ATOM   1117 O O     . LEU A 1 138 ? -3.747  0.308   -15.227 1.00 50.57 ? 229  LEU A O     1 
ATOM   1118 C CB    . LEU A 1 138 ? -3.363  3.470   -15.594 1.00 56.03 ? 229  LEU A CB    1 
ATOM   1119 C CG    . LEU A 1 138 ? -2.033  4.201   -15.593 1.00 57.83 ? 229  LEU A CG    1 
ATOM   1120 C CD1   . LEU A 1 138 ? -2.260  5.586   -15.069 1.00 63.76 ? 229  LEU A CD1   1 
ATOM   1121 C CD2   . LEU A 1 138 ? -1.037  3.455   -14.739 1.00 58.98 ? 229  LEU A CD2   1 
ATOM   1122 N N     . ILE A 1 139 ? -5.520  1.212   -16.254 1.00 45.03 ? 230  ILE A N     1 
ATOM   1123 C CA    . ILE A 1 139 ? -6.378  0.092   -15.924 1.00 44.38 ? 230  ILE A CA    1 
ATOM   1124 C C     . ILE A 1 139 ? -5.748  -1.177  -16.486 1.00 54.07 ? 230  ILE A C     1 
ATOM   1125 O O     . ILE A 1 139 ? -5.772  -2.221  -15.841 1.00 55.16 ? 230  ILE A O     1 
ATOM   1126 C CB    . ILE A 1 139 ? -7.772  0.256   -16.515 1.00 46.75 ? 230  ILE A CB    1 
ATOM   1127 C CG1   . ILE A 1 139 ? -8.474  1.471   -15.906 1.00 50.53 ? 230  ILE A CG1   1 
ATOM   1128 C CG2   . ILE A 1 139 ? -8.586  -0.982  -16.273 1.00 44.96 ? 230  ILE A CG2   1 
ATOM   1129 C CD1   . ILE A 1 139 ? -9.828  1.780   -16.540 1.00 44.95 ? 230  ILE A CD1   1 
ATOM   1130 N N     . ILE A 1 140 ? -5.149  -1.082  -17.676 1.00 50.11 ? 231  ILE A N     1 
ATOM   1131 C CA    . ILE A 1 140 ? -4.492  -2.245  -18.268 1.00 53.66 ? 231  ILE A CA    1 
ATOM   1132 C C     . ILE A 1 140 ? -3.172  -2.589  -17.575 1.00 47.73 ? 231  ILE A C     1 
ATOM   1133 O O     . ILE A 1 140 ? -2.951  -3.739  -17.200 1.00 45.40 ? 231  ILE A O     1 
ATOM   1134 C CB    . ILE A 1 140 ? -4.229  -2.087  -19.796 1.00 47.73 ? 231  ILE A CB    1 
ATOM   1135 C CG1   . ILE A 1 140 ? -5.543  -1.906  -20.566 1.00 45.99 ? 231  ILE A CG1   1 
ATOM   1136 C CG2   . ILE A 1 140 ? -3.430  -3.285  -20.308 1.00 43.16 ? 231  ILE A CG2   1 
ATOM   1137 C CD1   . ILE A 1 140 ? -6.490  -3.113  -20.525 1.00 46.33 ? 231  ILE A CD1   1 
ATOM   1138 N N     . PHE A 1 141 ? -2.294  -1.599  -17.431 1.00 48.96 ? 232  PHE A N     1 
ATOM   1139 C CA    . PHE A 1 141 ? -0.984  -1.807  -16.801 1.00 56.73 ? 232  PHE A CA    1 
ATOM   1140 C C     . PHE A 1 141 ? -1.162  -2.356  -15.381 1.00 57.49 ? 232  PHE A C     1 
ATOM   1141 O O     . PHE A 1 141 ? -0.392  -3.200  -14.913 1.00 56.20 ? 232  PHE A O     1 
ATOM   1142 C CB    . PHE A 1 141 ? -0.193  -0.487  -16.781 1.00 55.59 ? 232  PHE A CB    1 
ATOM   1143 C CG    . PHE A 1 141 ? 1.201   -0.586  -16.179 1.00 59.22 ? 232  PHE A CG    1 
ATOM   1144 C CD1   . PHE A 1 141 ? 1.868   -1.796  -16.070 1.00 65.58 ? 232  PHE A CD1   1 
ATOM   1145 C CD2   . PHE A 1 141 ? 1.850   0.561   -15.739 1.00 65.02 ? 232  PHE A CD2   1 
ATOM   1146 C CE1   . PHE A 1 141 ? 3.139   -1.858  -15.518 1.00 68.14 ? 232  PHE A CE1   1 
ATOM   1147 C CE2   . PHE A 1 141 ? 3.121   0.504   -15.196 1.00 60.23 ? 232  PHE A CE2   1 
ATOM   1148 C CZ    . PHE A 1 141 ? 3.765   -0.703  -15.085 1.00 64.79 ? 232  PHE A CZ    1 
ATOM   1149 N N     . ALA A 1 142 ? -2.191  -1.874  -14.702 1.00 54.00 ? 233  ALA A N     1 
ATOM   1150 C CA    . ALA A 1 142 ? -2.425  -2.280  -13.335 1.00 55.10 ? 233  ALA A CA    1 
ATOM   1151 C C     . ALA A 1 142 ? -2.920  -3.717  -13.312 1.00 58.15 ? 233  ALA A C     1 
ATOM   1152 O O     . ALA A 1 142 ? -2.466  -4.521  -12.500 1.00 56.91 ? 233  ALA A O     1 
ATOM   1153 C CB    . ALA A 1 142 ? -3.428  -1.361  -12.689 1.00 49.24 ? 233  ALA A CB    1 
ATOM   1154 N N     . LEU A 1 143 ? -3.840  -4.037  -14.220 1.00 52.44 ? 234  LEU A N     1 
ATOM   1155 C CA    A LEU A 1 143 ? -4.429  -5.370  -14.286 0.58 54.04 ? 234  LEU A CA    1 
ATOM   1156 C CA    B LEU A 1 143 ? -4.428  -5.366  -14.254 0.42 53.99 ? 234  LEU A CA    1 
ATOM   1157 C C     . LEU A 1 143 ? -3.381  -6.449  -14.530 1.00 55.77 ? 234  LEU A C     1 
ATOM   1158 O O     . LEU A 1 143 ? -3.518  -7.580  -14.076 1.00 59.55 ? 234  LEU A O     1 
ATOM   1159 C CB    A LEU A 1 143 ? -5.497  -5.437  -15.380 0.58 54.32 ? 234  LEU A CB    1 
ATOM   1160 C CB    B LEU A 1 143 ? -5.566  -5.430  -15.274 0.42 54.20 ? 234  LEU A CB    1 
ATOM   1161 C CG    A LEU A 1 143 ? -6.902  -4.971  -15.017 0.58 50.88 ? 234  LEU A CG    1 
ATOM   1162 C CG    B LEU A 1 143 ? -6.525  -6.598  -15.067 0.42 50.29 ? 234  LEU A CG    1 
ATOM   1163 C CD1   A LEU A 1 143 ? -7.770  -4.922  -16.261 0.58 48.83 ? 234  LEU A CD1   1 
ATOM   1164 C CD1   B LEU A 1 143 ? -7.006  -6.601  -13.628 0.42 52.23 ? 234  LEU A CD1   1 
ATOM   1165 C CD2   A LEU A 1 143 ? -7.511  -5.883  -13.972 0.58 51.81 ? 234  LEU A CD2   1 
ATOM   1166 C CD2   B LEU A 1 143 ? -7.699  -6.495  -16.017 0.42 51.71 ? 234  LEU A CD2   1 
ATOM   1167 N N     . ILE A 1 144 ? -2.332  -6.104  -15.263 1.00 57.61 ? 235  ILE A N     1 
ATOM   1168 C CA    . ILE A 1 144 ? -1.277  -7.077  -15.517 1.00 60.79 ? 235  ILE A CA    1 
ATOM   1169 C C     . ILE A 1 144 ? -0.460  -7.307  -14.239 1.00 62.78 ? 235  ILE A C     1 
ATOM   1170 O O     . ILE A 1 144 ? 0.138   -8.372  -14.056 1.00 58.99 ? 235  ILE A O     1 
ATOM   1171 C CB    . ILE A 1 144 ? -0.358  -6.663  -16.695 1.00 57.22 ? 235  ILE A CB    1 
ATOM   1172 C CG1   . ILE A 1 144 ? -1.194  -6.393  -17.951 1.00 56.47 ? 235  ILE A CG1   1 
ATOM   1173 C CG2   . ILE A 1 144 ? 0.665   -7.754  -16.982 1.00 61.78 ? 235  ILE A CG2   1 
ATOM   1174 C CD1   . ILE A 1 144 ? -0.371  -5.964  -19.151 1.00 49.69 ? 235  ILE A CD1   1 
ATOM   1175 N N     . TRP A 1 145 ? -0.438  -6.314  -13.350 1.00 63.18 ? 236  TRP A N     1 
ATOM   1176 C CA    . TRP A 1 145 ? 0.228   -6.500  -12.059 1.00 64.39 ? 236  TRP A CA    1 
ATOM   1177 C C     . TRP A 1 145 ? -0.624  -7.270  -11.053 1.00 55.46 ? 236  TRP A C     1 
ATOM   1178 O O     . TRP A 1 145 ? -0.099  -8.015  -10.235 1.00 64.04 ? 236  TRP A O     1 
ATOM   1179 C CB    . TRP A 1 145 ? 0.771   -5.187  -11.490 1.00 63.95 ? 236  TRP A CB    1 
ATOM   1180 C CG    . TRP A 1 145 ? 2.165   -4.907  -11.991 1.00 71.18 ? 236  TRP A CG    1 
ATOM   1181 C CD1   . TRP A 1 145 ? 2.580   -3.818  -12.708 1.00 73.38 ? 236  TRP A CD1   1 
ATOM   1182 C CD2   . TRP A 1 145 ? 3.321   -5.756  -11.851 1.00 72.75 ? 236  TRP A CD2   1 
ATOM   1183 N NE1   . TRP A 1 145 ? 3.925   -3.924  -13.001 1.00 72.61 ? 236  TRP A NE1   1 
ATOM   1184 C CE2   . TRP A 1 145 ? 4.402   -5.103  -12.490 1.00 73.93 ? 236  TRP A CE2   1 
ATOM   1185 C CE3   . TRP A 1 145 ? 3.550   -6.997  -11.239 1.00 70.82 ? 236  TRP A CE3   1 
ATOM   1186 C CZ2   . TRP A 1 145 ? 5.689   -5.652  -12.537 1.00 75.14 ? 236  TRP A CZ2   1 
ATOM   1187 C CZ3   . TRP A 1 145 ? 4.833   -7.542  -11.288 1.00 72.64 ? 236  TRP A CZ3   1 
ATOM   1188 C CH2   . TRP A 1 145 ? 5.883   -6.866  -11.929 1.00 72.25 ? 236  TRP A CH2   1 
ATOM   1189 N N     . ILE A 1 146 ? -1.939  -7.115  -11.143 1.00 55.75 ? 237  ILE A N     1 
ATOM   1190 C CA    . ILE A 1 146 ? -2.849  -7.981  -10.406 1.00 57.60 ? 237  ILE A CA    1 
ATOM   1191 C C     . ILE A 1 146 ? -2.650  -9.442  -10.785 1.00 59.70 ? 237  ILE A C     1 
ATOM   1192 O O     . ILE A 1 146 ? -2.408  -10.275 -9.915  1.00 59.80 ? 237  ILE A O     1 
ATOM   1193 C CB    . ILE A 1 146 ? -4.320  -7.620  -10.655 1.00 55.75 ? 237  ILE A CB    1 
ATOM   1194 C CG1   . ILE A 1 146 ? -4.678  -6.332  -9.919  1.00 56.24 ? 237  ILE A CG1   1 
ATOM   1195 C CG2   . ILE A 1 146 ? -5.234  -8.732  -10.175 1.00 53.94 ? 237  ILE A CG2   1 
ATOM   1196 C CD1   . ILE A 1 146 ? -6.164  -6.029  -9.952  1.00 60.14 ? 237  ILE A CD1   1 
ATOM   1197 N N     . VAL A 1 147 ? -2.753  -9.744  -12.082 1.00 60.71 ? 238  VAL A N     1 
ATOM   1198 C CA    . VAL A 1 147 ? -2.647  -11.120 -12.579 1.00 55.96 ? 238  VAL A CA    1 
ATOM   1199 C C     . VAL A 1 147 ? -1.334  -11.754 -12.153 1.00 53.38 ? 238  VAL A C     1 
ATOM   1200 O O     . VAL A 1 147 ? -1.296  -12.909 -11.745 1.00 61.59 ? 238  VAL A O     1 
ATOM   1201 C CB    . VAL A 1 147 ? -2.746  -11.177 -14.127 1.00 57.77 ? 238  VAL A CB    1 
ATOM   1202 C CG1   . VAL A 1 147 ? -2.620  -12.614 -14.623 1.00 54.31 ? 238  VAL A CG1   1 
ATOM   1203 C CG2   . VAL A 1 147 ? -4.045  -10.581 -14.599 1.00 50.52 ? 238  VAL A CG2   1 
ATOM   1204 N N     . ALA A 1 148 ? -0.263  -10.974 -12.238 1.00 54.07 ? 239  ALA A N     1 
ATOM   1205 C CA    . ALA A 1 148 ? 1.072   -11.439 -11.911 1.00 58.07 ? 239  ALA A CA    1 
ATOM   1206 C C     . ALA A 1 148 ? 1.108   -11.972 -10.484 1.00 67.17 ? 239  ALA A C     1 
ATOM   1207 O O     . ALA A 1 148 ? 1.296   -13.173 -10.267 1.00 66.33 ? 239  ALA A O     1 
ATOM   1208 C CB    . ALA A 1 148 ? 2.077   -10.310 -12.085 1.00 58.11 ? 239  ALA A CB    1 
ATOM   1209 N N     . GLY A 1 149 ? 0.910   -11.074 -9.521  1.00 65.09 ? 240  GLY A N     1 
ATOM   1210 C CA    . GLY A 1 149 ? 0.858   -11.444 -8.118  1.00 63.40 ? 240  GLY A CA    1 
ATOM   1211 C C     . GLY A 1 149 ? -0.153  -12.542 -7.844  1.00 64.65 ? 240  GLY A C     1 
ATOM   1212 O O     . GLY A 1 149 ? 0.156   -13.503 -7.145  1.00 64.63 ? 240  GLY A O     1 
ATOM   1213 N N     . TRP A 1 150 ? -1.348  -12.411 -8.417  1.00 56.46 ? 241  TRP A N     1 
ATOM   1214 C CA    . TRP A 1 150 ? -2.388  -13.409 -8.233  1.00 56.20 ? 241  TRP A CA    1 
ATOM   1215 C C     . TRP A 1 150 ? -1.917  -14.842 -8.514  1.00 62.31 ? 241  TRP A C     1 
ATOM   1216 O O     . TRP A 1 150 ? -2.143  -15.735 -7.703  1.00 63.59 ? 241  TRP A O     1 
ATOM   1217 C CB    . TRP A 1 150 ? -3.613  -13.082 -9.083  1.00 55.04 ? 241  TRP A CB    1 
ATOM   1218 C CG    . TRP A 1 150 ? -4.752  -13.972 -8.759  1.00 55.72 ? 241  TRP A CG    1 
ATOM   1219 C CD1   . TRP A 1 150 ? -5.110  -15.119 -9.401  1.00 59.12 ? 241  TRP A CD1   1 
ATOM   1220 C CD2   . TRP A 1 150 ? -5.671  -13.813 -7.675  1.00 63.52 ? 241  TRP A CD2   1 
ATOM   1221 N NE1   . TRP A 1 150 ? -6.214  -15.678 -8.794  1.00 61.03 ? 241  TRP A NE1   1 
ATOM   1222 C CE2   . TRP A 1 150 ? -6.574  -14.895 -7.728  1.00 64.27 ? 241  TRP A CE2   1 
ATOM   1223 C CE3   . TRP A 1 150 ? -5.821  -12.857 -6.663  1.00 62.81 ? 241  TRP A CE3   1 
ATOM   1224 C CZ2   . TRP A 1 150 ? -7.611  -15.043 -6.812  1.00 63.80 ? 241  TRP A CZ2   1 
ATOM   1225 C CZ3   . TRP A 1 150 ? -6.851  -13.007 -5.757  1.00 57.01 ? 241  TRP A CZ3   1 
ATOM   1226 C CH2   . TRP A 1 150 ? -7.731  -14.091 -5.835  1.00 60.61 ? 241  TRP A CH2   1 
ATOM   1227 N N     . PHE A 1 151 ? -1.264  -15.053 -9.658  1.00 59.92 ? 242  PHE A N     1 
ATOM   1228 C CA    . PHE A 1 151 ? -0.741  -16.372 -10.033 1.00 62.99 ? 242  PHE A CA    1 
ATOM   1229 C C     . PHE A 1 151 ? 0.752   -16.498 -9.699  1.00 65.97 ? 242  PHE A C     1 
ATOM   1230 O O     . PHE A 1 151 ? 1.427   -17.421 -10.150 1.00 64.36 ? 242  PHE A O     1 
ATOM   1231 C CB    . PHE A 1 151 ? -0.974  -16.654 -11.532 1.00 58.94 ? 242  PHE A CB    1 
ATOM   1232 C CG    . PHE A 1 151 ? -2.429  -16.763 -11.923 1.00 53.66 ? 242  PHE A CG    1 
ATOM   1233 C CD1   . PHE A 1 151 ? -3.097  -17.973 -11.833 1.00 49.79 ? 242  PHE A CD1   1 
ATOM   1234 C CD2   . PHE A 1 151 ? -3.123  -15.654 -12.392 1.00 55.72 ? 242  PHE A CD2   1 
ATOM   1235 C CE1   . PHE A 1 151 ? -4.441  -18.086 -12.187 1.00 42.69 ? 242  PHE A CE1   1 
ATOM   1236 C CE2   . PHE A 1 151 ? -4.469  -15.759 -12.755 1.00 56.22 ? 242  PHE A CE2   1 
ATOM   1237 C CZ    . PHE A 1 151 ? -5.122  -16.980 -12.652 1.00 52.82 ? 242  PHE A CZ    1 
ATOM   1238 N N     . ASP A 1 152 ? 1.265   -15.547 -8.926  1.00 66.87 ? 243  ASP A N     1 
ATOM   1239 C CA    . ASP A 1 152 ? 2.624   -15.631 -8.381  1.00 71.65 ? 243  ASP A CA    1 
ATOM   1240 C C     . ASP A 1 152 ? 3.704   -15.773 -9.460  1.00 71.93 ? 243  ASP A C     1 
ATOM   1241 O O     . ASP A 1 152 ? 4.720   -16.437 -9.260  1.00 74.08 ? 243  ASP A O     1 
ATOM   1242 C CB    . ASP A 1 152 ? 2.725   -16.775 -7.351  1.00 76.76 ? 243  ASP A CB    1 
ATOM   1243 C CG    . ASP A 1 152 ? 1.647   -16.689 -6.268  1.00 76.37 ? 243  ASP A CG    1 
ATOM   1244 O OD1   . ASP A 1 152 ? 1.718   -15.772 -5.420  1.00 76.55 ? 243  ASP A OD1   1 
ATOM   1245 O OD2   . ASP A 1 152 ? 0.727   -17.539 -6.263  1.00 75.90 ? 243  ASP A OD2   1 
ATOM   1246 N N     . LEU A 1 153 ? 3.477   -15.134 -10.600 1.00 66.60 ? 244  LEU A N     1 
ATOM   1247 C CA    . LEU A 1 153 ? 4.428   -15.170 -11.698 1.00 65.59 ? 244  LEU A CA    1 
ATOM   1248 C C     . LEU A 1 153 ? 5.722   -14.448 -11.331 1.00 66.97 ? 244  LEU A C     1 
ATOM   1249 O O     . LEU A 1 153 ? 5.709   -13.284 -10.929 1.00 72.78 ? 244  LEU A O     1 
ATOM   1250 C CB    . LEU A 1 153 ? 3.806   -14.552 -12.954 1.00 66.50 ? 244  LEU A CB    1 
ATOM   1251 C CG    . LEU A 1 153 ? 2.436   -15.100 -13.362 1.00 63.41 ? 244  LEU A CG    1 
ATOM   1252 C CD1   . LEU A 1 153 ? 1.958   -14.492 -14.674 1.00 59.75 ? 244  LEU A CD1   1 
ATOM   1253 C CD2   . LEU A 1 153 ? 2.463   -16.608 -13.455 1.00 63.89 ? 244  LEU A CD2   1 
ATOM   1254 N N     . ALA A 1 159 ? 0.435   -12.276 -0.077  1.00 43.64 ? 250  ALA A N     1 
ATOM   1255 C CA    . ALA A 1 159 ? -0.489  -13.287 -0.583  1.00 48.97 ? 250  ALA A CA    1 
ATOM   1256 C C     . ALA A 1 159 ? -1.712  -12.611 -1.150  1.00 47.50 ? 250  ALA A C     1 
ATOM   1257 O O     . ALA A 1 159 ? -1.927  -11.415 -0.946  1.00 41.02 ? 250  ALA A O     1 
ATOM   1258 C CB    . ALA A 1 159 ? -0.896  -14.268 0.511   1.00 54.01 ? 250  ALA A CB    1 
ATOM   1259 N N     . ASN A 1 160 ? -2.526  -13.385 -1.852  1.00 46.19 ? 251  ASN A N     1 
ATOM   1260 C CA    . ASN A 1 160 ? -3.650  -12.812 -2.553  1.00 47.11 ? 251  ASN A CA    1 
ATOM   1261 C C     . ASN A 1 160 ? -4.694  -12.264 -1.598  1.00 41.40 ? 251  ASN A C     1 
ATOM   1262 O O     . ASN A 1 160 ? -5.323  -11.244 -1.887  1.00 42.60 ? 251  ASN A O     1 
ATOM   1263 C CB    . ASN A 1 160 ? -4.272  -13.840 -3.504  1.00 52.83 ? 251  ASN A CB    1 
ATOM   1264 C CG    . ASN A 1 160 ? -3.343  -14.210 -4.646  1.00 57.71 ? 251  ASN A CG    1 
ATOM   1265 O OD1   . ASN A 1 160 ? -2.479  -13.423 -5.044  1.00 49.44 ? 251  ASN A OD1   1 
ATOM   1266 N ND2   . ASN A 1 160 ? -3.520  -15.412 -5.185  1.00 54.26 ? 251  ASN A ND2   1 
ATOM   1267 N N     . GLY A 1 161 ? -4.882  -12.953 -0.475  1.00 47.66 ? 252  GLY A N     1 
ATOM   1268 C CA    . GLY A 1 161 ? -5.898  -12.597 0.507   1.00 44.64 ? 252  GLY A CA    1 
ATOM   1269 C C     . GLY A 1 161 ? -5.695  -11.187 1.039   1.00 36.38 ? 252  GLY A C     1 
ATOM   1270 O O     . GLY A 1 161 ? -6.633  -10.399 1.119   1.00 39.63 ? 252  GLY A O     1 
ATOM   1271 N N     . ALA A 1 162 ? -4.451  -10.860 1.350   1.00 34.26 ? 253  ALA A N     1 
ATOM   1272 C CA    . ALA A 1 162 ? -4.118  -9.548  1.878   1.00 35.76 ? 253  ALA A CA    1 
ATOM   1273 C C     . ALA A 1 162 ? -4.253  -8.444  0.822   1.00 40.18 ? 253  ALA A C     1 
ATOM   1274 O O     . ALA A 1 162 ? -4.532  -7.302  1.153   1.00 35.58 ? 253  ALA A O     1 
ATOM   1275 C CB    . ALA A 1 162 ? -2.736  -9.560  2.464   1.00 27.39 ? 253  ALA A CB    1 
ATOM   1276 N N     . HIS A 1 163 ? -4.042  -8.788  -0.445  1.00 39.41 ? 254  HIS A N     1 
ATOM   1277 C CA    . HIS A 1 163 ? -4.208  -7.829  -1.532  1.00 36.80 ? 254  HIS A CA    1 
ATOM   1278 C C     . HIS A 1 163 ? -5.684  -7.563  -1.781  1.00 33.30 ? 254  HIS A C     1 
ATOM   1279 O O     . HIS A 1 163 ? -6.086  -6.440  -2.052  1.00 33.56 ? 254  HIS A O     1 
ATOM   1280 C CB    . HIS A 1 163 ? -3.515  -8.346  -2.801  1.00 37.22 ? 254  HIS A CB    1 
ATOM   1281 C CG    . HIS A 1 163 ? -2.026  -8.412  -2.672  1.00 41.73 ? 254  HIS A CG    1 
ATOM   1282 N ND1   . HIS A 1 163 ? -1.236  -9.225  -3.458  1.00 47.91 ? 254  HIS A ND1   1 
ATOM   1283 C CD2   . HIS A 1 163 ? -1.182  -7.766  -1.835  1.00 42.97 ? 254  HIS A CD2   1 
ATOM   1284 C CE1   . HIS A 1 163 ? 0.028   -9.081  -3.104  1.00 43.06 ? 254  HIS A CE1   1 
ATOM   1285 N NE2   . HIS A 1 163 ? 0.088   -8.200  -2.121  1.00 41.77 ? 254  HIS A NE2   1 
ATOM   1286 N N     . ILE A 1 164 ? -6.496  -8.611  -1.683  1.00 36.46 ? 255  ILE A N     1 
ATOM   1287 C CA    . ILE A 1 164 ? -7.946  -8.470  -1.737  1.00 35.51 ? 255  ILE A CA    1 
ATOM   1288 C C     . ILE A 1 164 ? -8.432  -7.517  -0.630  1.00 35.14 ? 255  ILE A C     1 
ATOM   1289 O O     . ILE A 1 164 ? -9.288  -6.653  -0.857  1.00 36.70 ? 255  ILE A O     1 
ATOM   1290 C CB    . ILE A 1 164 ? -8.597  -9.858  -1.557  1.00 46.56 ? 255  ILE A CB    1 
ATOM   1291 C CG1   . ILE A 1 164 ? -8.357  -10.731 -2.793  1.00 47.40 ? 255  ILE A CG1   1 
ATOM   1292 C CG2   . ILE A 1 164 ? -10.075 -9.755  -1.273  1.00 37.67 ? 255  ILE A CG2   1 
ATOM   1293 C CD1   . ILE A 1 164 ? -9.003  -12.091 -2.669  1.00 44.80 ? 255  ILE A CD1   1 
ATOM   1294 N N     . ALA A 1 165 ? -7.863  -7.678  0.565   1.00 34.18 ? 256  ALA A N     1 
ATOM   1295 C CA    . ALA A 1 165 ? -8.205  -6.852  1.723   1.00 35.07 ? 256  ALA A CA    1 
ATOM   1296 C C     . ALA A 1 165 ? -7.858  -5.391  1.462   1.00 35.10 ? 256  ALA A C     1 
ATOM   1297 O O     . ALA A 1 165 ? -8.674  -4.486  1.703   1.00 31.35 ? 256  ALA A O     1 
ATOM   1298 C CB    . ALA A 1 165 ? -7.487  -7.362  2.962   1.00 29.78 ? 256  ALA A CB    1 
ATOM   1299 N N     . GLY A 1 166 ? -6.654  -5.162  0.944   1.00 33.09 ? 257  GLY A N     1 
ATOM   1300 C CA    . GLY A 1 166 ? -6.264  -3.826  0.526   1.00 28.55 ? 257  GLY A CA    1 
ATOM   1301 C C     . GLY A 1 166 ? -7.229  -3.231  -0.486  1.00 31.60 ? 257  GLY A C     1 
ATOM   1302 O O     . GLY A 1 166 ? -7.670  -2.084  -0.351  1.00 30.05 ? 257  GLY A O     1 
ATOM   1303 N N     . LEU A 1 167 ? -7.564  -4.010  -1.510  1.00 32.61 ? 258  LEU A N     1 
ATOM   1304 C CA    . LEU A 1 167 ? -8.476  -3.544  -2.553  1.00 34.58 ? 258  LEU A CA    1 
ATOM   1305 C C     . LEU A 1 167 ? -9.855  -3.175  -1.986  1.00 34.37 ? 258  LEU A C     1 
ATOM   1306 O O     . LEU A 1 167 ? -10.432 -2.150  -2.352  1.00 39.02 ? 258  LEU A O     1 
ATOM   1307 C CB    . LEU A 1 167 ? -8.617  -4.607  -3.654  1.00 35.82 ? 258  LEU A CB    1 
ATOM   1308 C CG    . LEU A 1 167 ? -9.451  -4.255  -4.899  1.00 35.08 ? 258  LEU A CG    1 
ATOM   1309 C CD1   . LEU A 1 167 ? -8.828  -3.108  -5.668  1.00 34.86 ? 258  LEU A CD1   1 
ATOM   1310 C CD2   . LEU A 1 167 ? -9.592  -5.474  -5.816  1.00 37.23 ? 258  LEU A CD2   1 
ATOM   1311 N N     . ALA A 1 168 ? -10.371 -3.998  -1.081  1.00 34.97 ? 259  ALA A N     1 
ATOM   1312 C CA    . ALA A 1 168 ? -11.680 -3.735  -0.487  1.00 33.99 ? 259  ALA A CA    1 
ATOM   1313 C C     . ALA A 1 168 ? -11.728 -2.383  0.235   1.00 34.33 ? 259  ALA A C     1 
ATOM   1314 O O     . ALA A 1 168 ? -12.675 -1.614  0.064   1.00 36.42 ? 259  ALA A O     1 
ATOM   1315 C CB    . ALA A 1 168 ? -12.063 -4.863  0.461   1.00 38.86 ? 259  ALA A CB    1 
ATOM   1316 N N     . VAL A 1 169 ? -10.707 -2.094  1.035   1.00 32.03 ? 260  VAL A N     1 
ATOM   1317 C CA    . VAL A 1 169 ? -10.574 -0.780  1.643   1.00 31.11 ? 260  VAL A CA    1 
ATOM   1318 C C     . VAL A 1 169 ? -10.724 0.335   0.606   1.00 32.45 ? 260  VAL A C     1 
ATOM   1319 O O     . VAL A 1 169 ? -11.548 1.238   0.759   1.00 29.91 ? 260  VAL A O     1 
ATOM   1320 C CB    . VAL A 1 169 ? -9.221  -0.634  2.375   1.00 34.85 ? 260  VAL A CB    1 
ATOM   1321 C CG1   . VAL A 1 169 ? -9.003  0.814   2.811   1.00 27.77 ? 260  VAL A CG1   1 
ATOM   1322 C CG2   . VAL A 1 169 ? -9.168  -1.580  3.575   1.00 29.97 ? 260  VAL A CG2   1 
ATOM   1323 N N     . GLY A 1 170 ? -9.943  0.258   -0.469  1.00 36.38 ? 261  GLY A N     1 
ATOM   1324 C CA    . GLY A 1 170 ? -10.006 1.265   -1.516  1.00 35.04 ? 261  GLY A CA    1 
ATOM   1325 C C     . GLY A 1 170 ? -11.390 1.409   -2.133  1.00 34.50 ? 261  GLY A C     1 
ATOM   1326 O O     . GLY A 1 170 ? -11.880 2.522   -2.342  1.00 33.14 ? 261  GLY A O     1 
ATOM   1327 N N     . LEU A 1 171 ? -12.020 0.276   -2.432  1.00 37.46 ? 262  LEU A N     1 
ATOM   1328 C CA    . LEU A 1 171 ? -13.309 0.296   -3.100  1.00 39.54 ? 262  LEU A CA    1 
ATOM   1329 C C     . LEU A 1 171 ? -14.340 0.854   -2.133  1.00 42.70 ? 262  LEU A C     1 
ATOM   1330 O O     . LEU A 1 171 ? -15.211 1.639   -2.528  1.00 38.67 ? 262  LEU A O     1 
ATOM   1331 C CB    . LEU A 1 171 ? -13.709 -1.111  -3.573  1.00 43.20 ? 262  LEU A CB    1 
ATOM   1332 C CG    . LEU A 1 171 ? -12.800 -1.778  -4.610  1.00 35.18 ? 262  LEU A CG    1 
ATOM   1333 C CD1   . LEU A 1 171 ? -13.183 -3.233  -4.780  1.00 40.56 ? 262  LEU A CD1   1 
ATOM   1334 C CD2   . LEU A 1 171 ? -12.876 -1.069  -5.937  1.00 37.30 ? 262  LEU A CD2   1 
ATOM   1335 N N     . ALA A 1 172 ? -14.212 0.472   -0.858  1.00 37.33 ? 263  ALA A N     1 
ATOM   1336 C CA    . ALA A 1 172 ? -15.134 0.917   0.169   1.00 36.77 ? 263  ALA A CA    1 
ATOM   1337 C C     . ALA A 1 172 ? -15.094 2.425   0.348   1.00 39.40 ? 263  ALA A C     1 
ATOM   1338 O O     . ALA A 1 172 ? -16.139 3.075   0.408   1.00 38.67 ? 263  ALA A O     1 
ATOM   1339 C CB    . ALA A 1 172 ? -14.853 0.215   1.501   1.00 39.63 ? 263  ALA A CB    1 
ATOM   1340 N N     . MET A 1 173 ? -13.893 2.990   0.442   1.00 33.21 ? 264  MET A N     1 
ATOM   1341 C CA    . MET A 1 173 ? -13.780 4.430   0.586   1.00 33.85 ? 264  MET A CA    1 
ATOM   1342 C C     . MET A 1 173 ? -14.253 5.200   -0.662  1.00 36.19 ? 264  MET A C     1 
ATOM   1343 O O     . MET A 1 173 ? -14.874 6.261   -0.538  1.00 36.27 ? 264  MET A O     1 
ATOM   1344 C CB    . MET A 1 173 ? -12.359 4.831   1.022   1.00 31.83 ? 264  MET A CB    1 
ATOM   1345 C CG    . MET A 1 173 ? -11.976 4.230   2.390   1.00 29.89 ? 264  MET A CG    1 
ATOM   1346 S SD    . MET A 1 173 ? -10.327 4.693   2.961   1.00 33.93 ? 264  MET A SD    1 
ATOM   1347 C CE    . MET A 1 173 ? -10.514 6.478   2.933   1.00 30.02 ? 264  MET A CE    1 
ATOM   1348 N N     . ALA A 1 174 ? -13.975 4.676   -1.855  1.00 33.92 ? 265  ALA A N     1 
ATOM   1349 C CA    . ALA A 1 174 ? -14.418 5.353   -3.082  1.00 40.43 ? 265  ALA A CA    1 
ATOM   1350 C C     . ALA A 1 174 ? -15.939 5.340   -3.143  1.00 36.88 ? 265  ALA A C     1 
ATOM   1351 O O     . ALA A 1 174 ? -16.569 6.342   -3.475  1.00 39.07 ? 265  ALA A O     1 
ATOM   1352 C CB    . ALA A 1 174 ? -13.825 4.707   -4.326  1.00 38.74 ? 265  ALA A CB    1 
ATOM   1353 N N     . PHE A 1 175 ? -16.515 4.204   -2.779  1.00 38.28 ? 266  PHE A N     1 
ATOM   1354 C CA    . PHE A 1 175 ? -17.959 4.063   -2.688  1.00 42.86 ? 266  PHE A CA    1 
ATOM   1355 C C     . PHE A 1 175 ? -18.550 5.079   -1.719  1.00 45.40 ? 266  PHE A C     1 
ATOM   1356 O O     . PHE A 1 175 ? -19.520 5.762   -2.032  1.00 48.89 ? 266  PHE A O     1 
ATOM   1357 C CB    . PHE A 1 175 ? -18.324 2.652   -2.241  1.00 43.85 ? 266  PHE A CB    1 
ATOM   1358 C CG    . PHE A 1 175 ? -19.798 2.443   -2.037  1.00 49.73 ? 266  PHE A CG    1 
ATOM   1359 C CD1   . PHE A 1 175 ? -20.635 2.207   -3.120  1.00 53.30 ? 266  PHE A CD1   1 
ATOM   1360 C CD2   . PHE A 1 175 ? -20.342 2.459   -0.766  1.00 48.76 ? 266  PHE A CD2   1 
ATOM   1361 C CE1   . PHE A 1 175 ? -21.997 2.004   -2.932  1.00 56.10 ? 266  PHE A CE1   1 
ATOM   1362 C CE2   . PHE A 1 175 ? -21.706 2.252   -0.572  1.00 52.24 ? 266  PHE A CE2   1 
ATOM   1363 C CZ    . PHE A 1 175 ? -22.530 2.028   -1.658  1.00 53.20 ? 266  PHE A CZ    1 
ATOM   1364 N N     . VAL A 1 176 ? -17.959 5.184   -0.539  1.00 42.86 ? 267  VAL A N     1 
ATOM   1365 C CA    . VAL A 1 176 ? -18.422 6.167   0.415   1.00 36.71 ? 267  VAL A CA    1 
ATOM   1366 C C     . VAL A 1 176 ? -18.293 7.573   -0.158  1.00 43.95 ? 267  VAL A C     1 
ATOM   1367 O O     . VAL A 1 176 ? -19.241 8.359   -0.108  1.00 45.95 ? 267  VAL A O     1 
ATOM   1368 C CB    . VAL A 1 176 ? -17.677 6.054   1.755   1.00 39.17 ? 267  VAL A CB    1 
ATOM   1369 C CG1   . VAL A 1 176 ? -17.812 7.345   2.553   1.00 37.57 ? 267  VAL A CG1   1 
ATOM   1370 C CG2   . VAL A 1 176 ? -18.198 4.847   2.545   1.00 41.36 ? 267  VAL A CG2   1 
ATOM   1371 N N     . ASP A 1 177 ? -17.133 7.886   -0.725  1.00 39.49 ? 268  ASP A N     1 
ATOM   1372 C CA    . ASP A 1 177 ? -16.884 9.241   -1.221  1.00 42.06 ? 268  ASP A CA    1 
ATOM   1373 C C     . ASP A 1 177 ? -17.785 9.614   -2.406  1.00 49.29 ? 268  ASP A C     1 
ATOM   1374 O O     . ASP A 1 177 ? -18.064 10.794  -2.631  1.00 50.67 ? 268  ASP A O     1 
ATOM   1375 C CB    . ASP A 1 177 ? -15.420 9.413   -1.629  1.00 39.75 ? 268  ASP A CB    1 
ATOM   1376 C CG    . ASP A 1 177 ? -14.489 9.451   -0.449  1.00 42.15 ? 268  ASP A CG    1 
ATOM   1377 O OD1   . ASP A 1 177 ? -15.005 9.417   0.688   1.00 40.67 ? 268  ASP A OD1   1 
ATOM   1378 O OD2   . ASP A 1 177 ? -13.247 9.556   -0.652  1.00 33.72 ? 268  ASP A OD2   1 
ATOM   1379 N N     . SER A 1 178 ? -18.233 8.617   -3.163  1.00 43.24 ? 269  SER A N     1 
ATOM   1380 C CA    . SER A 1 178 ? -19.021 8.889   -4.359  1.00 52.00 ? 269  SER A CA    1 
ATOM   1381 C C     . SER A 1 178 ? -20.525 8.830   -4.106  1.00 58.84 ? 269  SER A C     1 
ATOM   1382 O O     . SER A 1 178 ? -21.303 8.685   -5.049  1.00 63.37 ? 269  SER A O     1 
ATOM   1383 C CB    . SER A 1 178 ? -18.664 7.916   -5.478  1.00 52.90 ? 269  SER A CB    1 
ATOM   1384 O OG    . SER A 1 178 ? -19.459 6.749   -5.365  1.00 59.54 ? 269  SER A OG    1 
ATOM   1385 N N     . LEU A 1 179 ? -20.933 8.918   -2.842  1.00 56.00 ? 270  LEU A N     1 
ATOM   1386 C CA    . LEU A 1 179 ? -22.339 9.152   -2.524  1.00 61.60 ? 270  LEU A CA    1 
ATOM   1387 C C     . LEU A 1 179 ? -22.526 10.641  -2.247  1.00 68.45 ? 270  LEU A C     1 
ATOM   1388 O O     . LEU A 1 179 ? -21.798 11.203  -1.421  1.00 70.19 ? 270  LEU A O     1 
ATOM   1389 C CB    . LEU A 1 179 ? -22.772 8.364   -1.290  1.00 60.02 ? 270  LEU A CB    1 
ATOM   1390 C CG    . LEU A 1 179 ? -22.664 6.846   -1.249  1.00 57.01 ? 270  LEU A CG    1 
ATOM   1391 C CD1   . LEU A 1 179 ? -22.822 6.408   0.192   1.00 51.89 ? 270  LEU A CD1   1 
ATOM   1392 C CD2   . LEU A 1 179 ? -23.724 6.189   -2.125  1.00 60.59 ? 270  LEU A CD2   1 
ATOM   1393 O OXT   . LEU A 1 179 ? -23.389 11.313  -2.823  1.00 75.00 ? 270  LEU A OXT   1 
HETATM 1394 O O1    . L6C B 2 .   ? 2.158   -6.610  -4.406  1.00 60.65 ? 401  L6C A O1    1 
HETATM 1395 C C2    . L6C B 2 .   ? 3.142   -6.156  -3.852  1.00 55.53 ? 401  L6C A C2    1 
HETATM 1396 C C3    . L6C B 2 .   ? 4.481   -6.389  -4.439  1.00 52.15 ? 401  L6C A C3    1 
HETATM 1397 C C4    . L6C B 2 .   ? 4.242   -6.195  -5.876  1.00 55.43 ? 401  L6C A C4    1 
HETATM 1398 C C12   . L6C B 2 .   ? 5.421   -6.477  -6.740  1.00 59.77 ? 401  L6C A C12   1 
HETATM 1399 C C17   . L6C B 2 .   ? 5.511   -7.665  -7.474  1.00 68.03 ? 401  L6C A C17   1 
HETATM 1400 C C16   . L6C B 2 .   ? 6.605   -7.938  -8.300  1.00 68.27 ? 401  L6C A C16   1 
HETATM 1401 C C15   . L6C B 2 .   ? 7.637   -7.018  -8.417  1.00 63.82 ? 401  L6C A C15   1 
HETATM 1402 C C14   . L6C B 2 .   ? 7.559   -5.831  -7.714  1.00 61.32 ? 401  L6C A C14   1 
HETATM 1403 C C13   . L6C B 2 .   ? 6.462   -5.563  -6.892  1.00 55.32 ? 401  L6C A C13   1 
HETATM 1404 N N1    . L6C B 2 .   ? 3.903   -4.808  -6.034  1.00 54.36 ? 401  L6C A N1    1 
HETATM 1405 C C5    . L6C B 2 .   ? 2.783   -4.698  -6.926  1.00 50.73 ? 401  L6C A C5    1 
HETATM 1406 O O2    . L6C B 2 .   ? 2.141   -5.710  -7.229  1.00 56.41 ? 401  L6C A O2    1 
HETATM 1407 O O3    . L6C B 2 .   ? 2.191   -3.462  -7.026  1.00 50.43 ? 401  L6C A O3    1 
HETATM 1408 C C6    . L6C B 2 .   ? 0.917   -3.391  -7.529  1.00 53.61 ? 401  L6C A C6    1 
HETATM 1409 C C7    . L6C B 2 .   ? -0.178  -3.830  -6.775  1.00 45.54 ? 401  L6C A C7    1 
HETATM 1410 C C8    . L6C B 2 .   ? -1.458  -3.752  -7.298  1.00 46.33 ? 401  L6C A C8    1 
HETATM 1411 C C9    . L6C B 2 .   ? -1.680  -3.240  -8.570  1.00 58.13 ? 401  L6C A C9    1 
HETATM 1412 C C10   . L6C B 2 .   ? -0.601  -2.787  -9.312  1.00 56.47 ? 401  L6C A C10   1 
HETATM 1413 C C11   . L6C B 2 .   ? 0.686   -2.863  -8.808  1.00 51.73 ? 401  L6C A C11   1 
HETATM 1414 C "C1'" . BNG C 3 .   ? -9.530  -13.622 1.984   1.00 43.18 ? 402  BNG A "C1'" 1 
HETATM 1415 C "C2'" . BNG C 3 .   ? -10.636 -12.583 1.866   1.00 39.66 ? 402  BNG A "C2'" 1 
HETATM 1416 C "C3'" . BNG C 3 .   ? -10.358 -11.385 2.767   1.00 36.59 ? 402  BNG A "C3'" 1 
HETATM 1417 C "C4'" . BNG C 3 .   ? -11.564 -10.450 2.773   1.00 46.38 ? 402  BNG A "C4'" 1 
HETATM 1418 C "C5'" . BNG C 3 .   ? -11.274 -9.151  3.520   1.00 42.29 ? 402  BNG A "C5'" 1 
HETATM 1419 C "C6'" . BNG C 3 .   ? -12.476 -8.234  3.454   1.00 48.97 ? 402  BNG A "C6'" 1 
HETATM 1420 C "C1'" . BNG D 3 .   ? 4.297   5.028   11.538  1.00 55.82 ? 403  BNG A "C1'" 1 
HETATM 1421 C "C2'" . BNG D 3 .   ? 4.439   4.283   10.216  1.00 53.04 ? 403  BNG A "C2'" 1 
HETATM 1422 C "C3'" . BNG D 3 .   ? 3.149   4.315   9.409   1.00 51.29 ? 403  BNG A "C3'" 1 
HETATM 1423 C "C4'" . BNG D 3 .   ? 3.351   3.633   8.056   1.00 47.84 ? 403  BNG A "C4'" 1 
HETATM 1424 C "C5'" . BNG D 3 .   ? 2.079   3.802   7.237   1.00 39.56 ? 403  BNG A "C5'" 1 
HETATM 1425 C "C6'" . BNG D 3 .   ? 1.601   2.474   6.682   1.00 38.96 ? 403  BNG A "C6'" 1 
HETATM 1426 C "C1'" . BNG E 3 .   ? 7.774   7.471   -14.802 1.00 65.44 ? 404  BNG A "C1'" 1 
HETATM 1427 C "C2'" . BNG E 3 .   ? 8.525   6.263   -15.350 1.00 64.02 ? 404  BNG A "C2'" 1 
HETATM 1428 C "C3'" . BNG E 3 .   ? 9.450   5.671   -14.294 1.00 63.79 ? 404  BNG A "C3'" 1 
HETATM 1429 C "C4'" . BNG E 3 .   ? 10.398  4.639   -14.897 1.00 65.41 ? 404  BNG A "C4'" 1 
HETATM 1430 C "C5'" . BNG E 3 .   ? 9.827   3.227   -14.904 1.00 54.98 ? 404  BNG A "C5'" 1 
HETATM 1431 C "C6'" . BNG E 3 .   ? 10.902  2.234   -15.334 1.00 60.89 ? 404  BNG A "C6'" 1 
HETATM 1432 C "C1'" . BNG F 3 .   ? 8.815   8.579   10.617  1.00 59.72 ? 405  BNG A "C1'" 1 
HETATM 1433 C "C2'" . BNG F 3 .   ? 7.817   7.582   10.031  1.00 63.35 ? 405  BNG A "C2'" 1 
HETATM 1434 C "C3'" . BNG F 3 .   ? 7.211   8.098   8.729   1.00 59.24 ? 405  BNG A "C3'" 1 
HETATM 1435 C "C4'" . BNG F 3 .   ? 6.116   7.163   8.216   1.00 57.15 ? 405  BNG A "C4'" 1 
HETATM 1436 C "C5'" . BNG F 3 .   ? 5.908   7.322   6.724   1.00 49.79 ? 405  BNG A "C5'" 1 
HETATM 1437 C "C1'" . BNG G 3 .   ? 11.599  4.743   9.383   1.00 57.65 ? 406  BNG A "C1'" 1 
HETATM 1438 C "C2'" . BNG G 3 .   ? 11.255  5.940   8.501   1.00 61.37 ? 406  BNG A "C2'" 1 
HETATM 1439 C "C3'" . BNG G 3 .   ? 12.422  6.917   8.381   1.00 56.25 ? 406  BNG A "C3'" 1 
HETATM 1440 C "C4'" . BNG G 3 .   ? 11.982  8.342   8.705   1.00 59.06 ? 406  BNG A "C4'" 1 
HETATM 1441 C "C5'" . BNG G 3 .   ? 12.184  9.253   7.497   1.00 60.80 ? 406  BNG A "C5'" 1 
HETATM 1442 C "C6'" . BNG G 3 .   ? 11.355  10.513  7.613   1.00 60.03 ? 406  BNG A "C6'" 1 
HETATM 1443 C "C1'" . BNG H 3 .   ? 11.491  -16.142 20.635  0.50 70.37 ? 407  BNG A "C1'" 1 
HETATM 1444 C "C2'" . BNG H 3 .   ? 10.961  -14.727 20.857  0.50 70.78 ? 407  BNG A "C2'" 1 
HETATM 1445 C "C3'" . BNG H 3 .   ? 12.086  -13.706 20.709  0.50 70.08 ? 407  BNG A "C3'" 1 
HETATM 1446 C "C4'" . BNG H 3 .   ? 11.560  -12.274 20.658  0.50 69.18 ? 407  BNG A "C4'" 1 
HETATM 1447 C "C5'" . BNG H 3 .   ? 12.716  -11.280 20.598  0.50 69.04 ? 407  BNG A "C5'" 1 
HETATM 1448 C "C6'" . BNG H 3 .   ? 12.207  -9.853  20.411  0.50 70.09 ? 407  BNG A "C6'" 1 
HETATM 1449 C "C7'" . BNG H 3 .   ? 13.356  -8.847  20.391  0.50 70.83 ? 407  BNG A "C7'" 1 
HETATM 1450 C "C8'" . BNG H 3 .   ? 12.874  -7.490  19.887  0.50 70.63 ? 407  BNG A "C8'" 1 
HETATM 1451 C "C9'" . BNG H 3 .   ? 13.977  -6.454  19.935  0.50 68.92 ? 407  BNG A "C9'" 1 
HETATM 1452 O O1    . BNG H 3 .   ? 10.541  -17.110 21.082  0.50 68.78 ? 407  BNG A O1    1 
HETATM 1453 O O     . HOH I 4 .   ? 7.211   14.691  -7.962  1.00 42.76 ? 2001 HOH A O     1 
HETATM 1454 O O     . HOH I 4 .   ? 11.598  -0.149  2.061   1.00 37.99 ? 2002 HOH A O     1 
HETATM 1455 O O     . HOH I 4 .   ? 15.723  -5.868  1.293   1.00 47.91 ? 2003 HOH A O     1 
HETATM 1456 O O     . HOH I 4 .   ? 19.170  -9.793  3.822   1.00 59.15 ? 2004 HOH A O     1 
HETATM 1457 O O     . HOH I 4 .   ? 15.927  -9.141  0.176   1.00 54.53 ? 2005 HOH A O     1 
HETATM 1458 O O     . HOH I 4 .   ? 14.849  -11.493 3.512   1.00 58.73 ? 2006 HOH A O     1 
HETATM 1459 O O     . HOH I 4 .   ? 19.820  -15.476 5.791   1.00 57.58 ? 2007 HOH A O     1 
HETATM 1460 O O     . HOH I 4 .   ? 5.437   -7.901  9.248   1.00 36.19 ? 2008 HOH A O     1 
HETATM 1461 O O     . HOH I 4 .   ? 6.805   -16.508 17.940  1.00 61.06 ? 2009 HOH A O     1 
HETATM 1462 O O     . HOH I 4 .   ? 4.533   -5.553  23.864  1.00 47.83 ? 2010 HOH A O     1 
HETATM 1463 O O     . HOH I 4 .   ? -0.811  -9.337  28.346  1.00 63.64 ? 2011 HOH A O     1 
HETATM 1464 O O     . HOH I 4 .   ? -3.048  -11.855 24.745  1.00 48.66 ? 2012 HOH A O     1 
HETATM 1465 O O     . HOH I 4 .   ? -0.580  -8.405  18.123  1.00 39.77 ? 2013 HOH A O     1 
HETATM 1466 O O     . HOH I 4 .   ? 2.694   -4.982  4.444   1.00 29.45 ? 2014 HOH A O     1 
HETATM 1467 O O     . HOH I 4 .   ? 0.453   -10.831 19.752  1.00 56.06 ? 2015 HOH A O     1 
HETATM 1468 O O     . HOH I 4 .   ? 4.309   -5.613  -0.574  1.00 36.61 ? 2016 HOH A O     1 
HETATM 1469 O O     . HOH I 4 .   ? -4.718  7.655   -14.552 1.00 57.07 ? 2017 HOH A O     1 
HETATM 1470 O O     . HOH I 4 .   ? -8.310  15.289  2.207   1.00 38.59 ? 2018 HOH A O     1 
HETATM 1471 O O     . HOH I 4 .   ? -6.262  17.362  4.077   1.00 43.73 ? 2019 HOH A O     1 
HETATM 1472 O O     . HOH I 4 .   ? -13.894 13.407  -1.610  1.00 34.20 ? 2020 HOH A O     1 
HETATM 1473 O O     . HOH I 4 .   ? -0.383  -4.020  4.510   1.00 37.91 ? 2021 HOH A O     1 
HETATM 1474 O O     . HOH I 4 .   ? 3.373   -13.645 5.968   1.00 37.76 ? 2022 HOH A O     1 
HETATM 1475 O O     . HOH I 4 .   ? 5.125   -15.353 8.508   1.00 45.91 ? 2023 HOH A O     1 
HETATM 1476 O O     . HOH I 4 .   ? 0.870   -2.691  2.045   1.00 30.14 ? 2024 HOH A O     1 
HETATM 1477 O O     . HOH I 4 .   ? 3.444   -8.210  -1.425  1.00 54.48 ? 2025 HOH A O     1 
HETATM 1478 O O     . HOH I 4 .   ? 0.090   -8.037  -7.289  1.00 55.95 ? 2026 HOH A O     1 
HETATM 1479 O O     . HOH I 4 .   ? -2.349  -10.656 -5.496  1.00 52.91 ? 2027 HOH A O     1 
HETATM 1480 O O     . HOH I 4 .   ? -11.590 5.347   -12.939 1.00 46.89 ? 2028 HOH A O     1 
HETATM 1481 O O     . HOH I 4 .   ? -17.314 14.935  -7.293  1.00 64.68 ? 2029 HOH A O     1 
HETATM 1482 O O     . HOH I 4 .   ? -1.373  -16.076 -2.314  1.00 46.95 ? 2030 HOH A O     1 
# 
